data_6N97
#
_entry.id   6N97
#
_cell.length_a   86.961
_cell.length_b   114.614
_cell.length_c   192.338
_cell.angle_alpha   90.000
_cell.angle_beta   90.000
_cell.angle_gamma   90.000
#
_symmetry.space_group_name_H-M   'P 21 21 21'
#
loop_
_entity.id
_entity.type
_entity.pdbx_description
1 polymer 'Methylmalonyl-CoA decarboxylase'
2 non-polymer (2S)-sulfonatepropionyl-amino(dethia)-CoA
3 non-polymer (2R)-sulfonatepropionyl-amino(dethia)-CoA
4 non-polymer 'NICKEL (II) ION'
5 non-polymer IMIDAZOLE
6 water water
#
_entity_poly.entity_id   1
_entity_poly.type   'polypeptide(L)'
_entity_poly.pdbx_seq_one_letter_code
;MAYQYVNVVTINKVAVIEFNYGRKLNALSKVFIDDLMQALSDLNRPEIRCIILRAPSGSKVFSAGHDIHELPSGGRDPLS
YDDPLRQITRMIQKFPKPIISMVEGSVWGGAFEMIMSSDLIIAASTSTFSMTPVNLGVPYNLVGIHNLTRDAGFHIVKEL
IFTASPITAQRALAVGILNHVVEVEELEDFTLQMAHHISEKAPLAIAVIKEELRVLGEAHTMNSDEFERIQGMRRAVYDS
EDYQEGMNAFLEKRKPNFVGH
;
_entity_poly.pdbx_strand_id   A,B,C,D,E,F
#
# COMPACT_ATOMS: atom_id res chain seq x y z
N ALA A 2 4.63 29.60 -33.97
CA ALA A 2 4.79 28.16 -34.13
C ALA A 2 3.61 27.41 -33.49
N TYR A 3 2.76 28.05 -32.68
CA TYR A 3 1.54 27.41 -32.12
C TYR A 3 0.36 28.33 -32.33
N GLN A 4 -0.80 27.74 -32.60
CA GLN A 4 -2.05 28.52 -32.73
C GLN A 4 -2.49 29.10 -31.38
N TYR A 5 -2.34 28.36 -30.27
CA TYR A 5 -3.06 28.70 -29.01
C TYR A 5 -2.13 29.07 -27.85
N VAL A 6 -0.81 29.03 -28.03
CA VAL A 6 0.17 29.55 -27.05
C VAL A 6 1.24 30.33 -27.79
N ASN A 7 1.91 31.20 -27.04
CA ASN A 7 3.07 32.00 -27.51
C ASN A 7 4.21 31.70 -26.55
N VAL A 8 5.37 31.33 -27.07
CA VAL A 8 6.55 30.94 -26.25
C VAL A 8 7.62 32.00 -26.41
N VAL A 9 8.16 32.49 -25.31
CA VAL A 9 9.35 33.40 -25.36
C VAL A 9 10.41 32.73 -24.51
N THR A 10 11.64 32.84 -24.94
CA THR A 10 12.79 32.27 -24.22
C THR A 10 13.60 33.45 -23.70
N ILE A 11 13.88 33.48 -22.41
CA ILE A 11 14.72 34.55 -21.78
C ILE A 11 15.87 33.82 -21.09
N ASN A 12 17.04 33.75 -21.71
CA ASN A 12 18.23 33.00 -21.22
C ASN A 12 17.83 31.52 -21.16
N LYS A 13 17.73 30.92 -19.95
CA LYS A 13 17.40 29.47 -19.83
C LYS A 13 15.96 29.29 -19.36
N VAL A 14 15.17 30.37 -19.34
CA VAL A 14 13.74 30.30 -18.91
C VAL A 14 12.82 30.40 -20.12
N ALA A 15 11.84 29.53 -20.21
CA ALA A 15 10.83 29.60 -21.26
C ALA A 15 9.51 30.01 -20.62
N VAL A 16 8.83 31.00 -21.19
CA VAL A 16 7.52 31.49 -20.72
C VAL A 16 6.49 31.07 -21.75
N ILE A 17 5.57 30.19 -21.34
CA ILE A 17 4.48 29.77 -22.24
C ILE A 17 3.27 30.64 -21.88
N GLU A 18 2.83 31.47 -22.82
CA GLU A 18 1.73 32.40 -22.57
C GLU A 18 0.50 31.90 -23.31
N PHE A 19 -0.64 31.85 -22.64
CA PHE A 19 -1.89 31.35 -23.25
C PHE A 19 -2.28 32.32 -24.37
N ASN A 20 -2.79 31.81 -25.48
CA ASN A 20 -3.34 32.64 -26.59
C ASN A 20 -4.69 32.07 -27.04
N TYR A 21 -5.62 31.93 -26.11
CA TYR A 21 -6.97 31.39 -26.38
C TYR A 21 -7.96 32.32 -25.68
N GLY A 22 -7.68 33.62 -25.69
CA GLY A 22 -8.41 34.70 -25.00
C GLY A 22 -9.89 34.74 -25.38
N ARG A 23 -10.23 34.22 -26.55
CA ARG A 23 -11.61 34.27 -27.10
C ARG A 23 -12.47 33.26 -26.34
N LYS A 24 -11.91 32.16 -25.80
CA LYS A 24 -12.62 31.25 -24.85
C LYS A 24 -12.01 31.35 -23.44
N LEU A 25 -11.44 32.50 -23.07
CA LEU A 25 -10.89 32.84 -21.73
C LEU A 25 -9.93 31.73 -21.30
N ASN A 26 -9.16 31.22 -22.24
CA ASN A 26 -8.09 30.19 -22.01
C ASN A 26 -8.70 28.94 -21.36
N ALA A 27 -9.94 28.61 -21.69
CA ALA A 27 -10.57 27.34 -21.32
C ALA A 27 -9.65 26.24 -21.84
N LEU A 28 -9.55 25.14 -21.11
CA LEU A 28 -8.63 24.02 -21.40
C LEU A 28 -9.29 23.05 -22.39
N SER A 29 -9.63 23.58 -23.56
CA SER A 29 -10.18 22.79 -24.69
CA SER A 29 -10.19 22.78 -24.69
C SER A 29 -9.11 21.83 -25.19
N LYS A 30 -9.52 20.74 -25.81
CA LYS A 30 -8.57 19.74 -26.30
C LYS A 30 -7.51 20.42 -27.17
N VAL A 31 -7.88 21.35 -28.04
CA VAL A 31 -6.87 21.88 -29.00
C VAL A 31 -5.90 22.83 -28.32
N PHE A 32 -6.35 23.56 -27.32
CA PHE A 32 -5.48 24.43 -26.49
C PHE A 32 -4.45 23.57 -25.77
N ILE A 33 -4.92 22.54 -25.05
CA ILE A 33 -4.04 21.61 -24.27
C ILE A 33 -3.10 20.89 -25.21
N ASP A 34 -3.52 20.49 -26.42
CA ASP A 34 -2.59 19.85 -27.40
C ASP A 34 -1.40 20.79 -27.70
N ASP A 35 -1.64 22.10 -27.84
CA ASP A 35 -0.58 23.10 -28.14
C ASP A 35 0.31 23.30 -26.92
N LEU A 36 -0.29 23.35 -25.73
N LEU A 36 -0.29 23.40 -25.72
CA LEU A 36 0.49 23.56 -24.50
CA LEU A 36 0.46 23.52 -24.45
C LEU A 36 1.42 22.35 -24.27
C LEU A 36 1.43 22.35 -24.33
N MET A 37 0.92 21.13 -24.54
CA MET A 37 1.71 19.91 -24.35
C MET A 37 2.81 19.88 -25.42
N GLN A 38 2.49 20.27 -26.67
CA GLN A 38 3.48 20.33 -27.78
C GLN A 38 4.59 21.31 -27.41
N ALA A 39 4.22 22.48 -26.92
CA ALA A 39 5.19 23.53 -26.51
C ALA A 39 6.12 23.03 -25.38
N LEU A 40 5.56 22.40 -24.33
CA LEU A 40 6.36 21.77 -23.25
CA LEU A 40 6.31 21.74 -23.25
C LEU A 40 7.32 20.74 -23.86
N SER A 41 6.83 19.87 -24.73
CA SER A 41 7.66 18.81 -25.32
C SER A 41 8.82 19.45 -26.10
N ASP A 42 8.53 20.51 -26.86
CA ASP A 42 9.55 21.23 -27.68
C ASP A 42 10.59 21.84 -26.75
N LEU A 43 10.23 22.17 -25.51
CA LEU A 43 11.14 22.85 -24.55
C LEU A 43 11.88 21.84 -23.66
N ASN A 44 11.65 20.55 -23.87
CA ASN A 44 12.33 19.51 -23.07
C ASN A 44 13.73 19.28 -23.65
N ARG A 45 14.64 20.22 -23.43
CA ARG A 45 15.98 20.34 -24.06
C ARG A 45 16.93 20.85 -23.00
N PRO A 46 18.23 20.45 -22.98
CA PRO A 46 19.12 20.85 -21.89
C PRO A 46 19.30 22.37 -21.74
N GLU A 47 19.11 23.15 -22.80
CA GLU A 47 19.33 24.62 -22.72
C GLU A 47 18.15 25.31 -22.03
N ILE A 48 17.02 24.62 -21.80
CA ILE A 48 15.89 25.19 -21.02
C ILE A 48 15.92 24.63 -19.59
N ARG A 49 15.84 25.48 -18.58
CA ARG A 49 16.00 25.01 -17.18
C ARG A 49 14.77 25.27 -16.31
N CYS A 50 13.85 26.11 -16.76
CA CYS A 50 12.67 26.50 -15.97
C CYS A 50 11.59 27.00 -16.91
N ILE A 51 10.34 26.59 -16.65
CA ILE A 51 9.15 26.99 -17.44
C ILE A 51 8.31 27.90 -16.55
N ILE A 52 7.73 28.89 -17.17
CA ILE A 52 6.65 29.73 -16.57
C ILE A 52 5.44 29.57 -17.45
N LEU A 53 4.30 29.22 -16.84
CA LEU A 53 2.97 29.27 -17.45
C LEU A 53 2.30 30.59 -17.06
N ARG A 54 1.71 31.30 -18.01
CA ARG A 54 1.02 32.58 -17.73
C ARG A 54 -0.08 32.86 -18.74
N ALA A 55 -1.02 33.70 -18.32
CA ALA A 55 -2.00 34.33 -19.21
C ALA A 55 -1.40 35.65 -19.69
N PRO A 56 -1.89 36.22 -20.81
CA PRO A 56 -1.38 37.51 -21.24
C PRO A 56 -1.49 38.57 -20.14
N SER A 57 -0.51 39.47 -20.09
CA SER A 57 -0.54 40.71 -19.29
C SER A 57 -1.92 41.36 -19.34
N GLY A 58 -2.46 41.67 -18.17
CA GLY A 58 -3.73 42.40 -17.96
C GLY A 58 -4.93 41.49 -17.99
N SER A 59 -4.78 40.17 -18.04
CA SER A 59 -5.94 39.26 -18.23
C SER A 59 -6.85 39.37 -17.01
N LYS A 60 -8.16 39.53 -17.23
CA LYS A 60 -9.18 39.41 -16.16
C LYS A 60 -9.33 37.94 -15.74
N VAL A 61 -9.32 37.03 -16.70
CA VAL A 61 -9.45 35.56 -16.50
C VAL A 61 -8.14 34.88 -16.87
N PHE A 62 -7.48 34.25 -15.90
CA PHE A 62 -6.25 33.44 -16.15
C PHE A 62 -6.66 32.25 -17.03
N SER A 63 -7.62 31.45 -16.55
CA SER A 63 -8.23 30.37 -17.34
C SER A 63 -9.60 30.07 -16.75
N ALA A 64 -10.58 29.88 -17.62
CA ALA A 64 -11.96 29.56 -17.22
C ALA A 64 -12.10 28.07 -16.96
N GLY A 65 -11.02 27.29 -16.99
CA GLY A 65 -10.98 25.88 -16.59
C GLY A 65 -11.35 24.94 -17.70
N HIS A 66 -11.78 23.73 -17.38
CA HIS A 66 -12.19 22.74 -18.40
C HIS A 66 -13.20 23.39 -19.32
N ASP A 67 -13.13 23.07 -20.60
CA ASP A 67 -14.11 23.57 -21.57
C ASP A 67 -15.39 22.83 -21.26
N ILE A 68 -16.37 23.49 -20.69
CA ILE A 68 -17.63 22.82 -20.24
C ILE A 68 -18.33 22.18 -21.43
N HIS A 69 -18.21 22.79 -22.60
CA HIS A 69 -18.86 22.25 -23.83
C HIS A 69 -18.27 20.90 -24.26
N GLU A 70 -17.02 20.61 -23.89
CA GLU A 70 -16.35 19.33 -24.19
C GLU A 70 -16.67 18.23 -23.16
N LEU A 71 -17.31 18.54 -22.03
CA LEU A 71 -17.80 17.49 -21.10
C LEU A 71 -18.89 16.68 -21.79
N PRO A 72 -18.97 15.37 -21.51
CA PRO A 72 -20.04 14.54 -22.06
C PRO A 72 -21.44 14.93 -21.54
N SER A 73 -22.50 14.60 -22.28
CA SER A 73 -23.90 15.00 -21.98
C SER A 73 -24.47 14.17 -20.82
N GLY A 74 -23.83 13.05 -20.48
CA GLY A 74 -24.41 12.16 -19.44
C GLY A 74 -24.13 10.70 -19.75
N GLY A 75 -24.02 9.88 -18.71
CA GLY A 75 -23.76 8.44 -18.88
C GLY A 75 -22.32 8.13 -19.28
N ARG A 76 -21.42 9.12 -19.30
CA ARG A 76 -19.99 8.88 -19.65
C ARG A 76 -19.11 9.54 -18.60
N ASP A 77 -17.97 8.94 -18.28
CA ASP A 77 -17.05 9.57 -17.32
C ASP A 77 -16.55 10.87 -17.92
N PRO A 78 -16.76 12.04 -17.26
CA PRO A 78 -16.26 13.32 -17.78
C PRO A 78 -14.77 13.55 -17.60
N LEU A 79 -14.11 12.71 -16.83
CA LEU A 79 -12.69 12.96 -16.47
C LEU A 79 -11.91 11.64 -16.54
N SER A 80 -12.01 10.99 -17.70
CA SER A 80 -11.28 9.74 -17.99
CA SER A 80 -11.28 9.74 -17.99
C SER A 80 -9.79 10.04 -18.19
N TYR A 81 -8.98 9.02 -18.16
CA TYR A 81 -7.52 9.17 -18.12
C TYR A 81 -7.00 10.01 -19.29
N ASP A 82 -7.60 9.94 -20.48
CA ASP A 82 -6.99 10.72 -21.60
CA ASP A 82 -7.18 10.61 -21.73
C ASP A 82 -7.82 12.00 -21.86
N ASP A 83 -8.63 12.42 -20.91
CA ASP A 83 -9.19 13.80 -20.95
C ASP A 83 -8.02 14.78 -20.98
N PRO A 84 -8.13 15.89 -21.73
CA PRO A 84 -7.04 16.87 -21.78
C PRO A 84 -6.56 17.42 -20.42
N LEU A 85 -7.47 17.72 -19.48
CA LEU A 85 -7.05 18.15 -18.12
C LEU A 85 -6.21 17.02 -17.48
N ARG A 86 -6.62 15.75 -17.61
CA ARG A 86 -5.87 14.61 -17.00
C ARG A 86 -4.47 14.52 -17.63
N GLN A 87 -4.40 14.70 -18.95
N GLN A 87 -4.38 14.69 -18.95
CA GLN A 87 -3.13 14.66 -19.71
CA GLN A 87 -3.11 14.63 -19.70
C GLN A 87 -2.18 15.76 -19.23
C GLN A 87 -2.18 15.76 -19.24
N ILE A 88 -2.66 17.00 -19.16
CA ILE A 88 -1.75 18.15 -18.89
C ILE A 88 -1.22 18.08 -17.45
N THR A 89 -2.02 17.69 -16.44
CA THR A 89 -1.53 17.57 -15.04
C THR A 89 -0.45 16.48 -14.99
N ARG A 90 -0.64 15.33 -15.63
CA ARG A 90 0.43 14.30 -15.64
C ARG A 90 1.69 14.86 -16.29
N MET A 91 1.54 15.55 -17.41
CA MET A 91 2.73 16.01 -18.15
C MET A 91 3.47 17.06 -17.32
N ILE A 92 2.76 18.00 -16.71
CA ILE A 92 3.40 18.99 -15.80
C ILE A 92 4.16 18.26 -14.69
N GLN A 93 3.53 17.26 -14.07
CA GLN A 93 4.10 16.59 -12.88
C GLN A 93 5.33 15.75 -13.27
N LYS A 94 5.35 15.21 -14.49
CA LYS A 94 6.45 14.29 -14.92
C LYS A 94 7.54 15.10 -15.64
N PHE A 95 7.30 16.37 -15.91
CA PHE A 95 8.24 17.21 -16.71
C PHE A 95 9.51 17.45 -15.92
N PRO A 96 10.72 17.20 -16.48
CA PRO A 96 11.94 17.19 -15.68
C PRO A 96 12.52 18.56 -15.32
N LYS A 97 11.78 19.61 -15.57
CA LYS A 97 12.18 20.99 -15.22
C LYS A 97 11.06 21.55 -14.36
N PRO A 98 11.37 22.48 -13.46
CA PRO A 98 10.33 23.15 -12.68
C PRO A 98 9.42 23.92 -13.64
N ILE A 99 8.15 23.93 -13.28
CA ILE A 99 7.06 24.69 -13.94
C ILE A 99 6.40 25.56 -12.88
N ILE A 100 6.56 26.87 -13.07
CA ILE A 100 5.99 27.92 -12.23
C ILE A 100 4.73 28.46 -12.90
N SER A 101 3.61 28.43 -12.18
CA SER A 101 2.38 29.12 -12.60
C SER A 101 2.47 30.57 -12.12
N MET A 102 2.40 31.51 -13.06
CA MET A 102 2.46 32.97 -12.78
C MET A 102 1.07 33.50 -13.09
N VAL A 103 0.28 33.79 -12.05
CA VAL A 103 -1.19 33.97 -12.15
C VAL A 103 -1.58 35.43 -12.02
N GLU A 104 -2.20 35.93 -13.07
CA GLU A 104 -2.94 37.21 -13.09
C GLU A 104 -4.33 36.86 -13.55
N GLY A 105 -5.35 37.32 -12.83
CA GLY A 105 -6.75 37.06 -13.18
C GLY A 105 -7.34 35.93 -12.34
N SER A 106 -8.56 35.55 -12.68
CA SER A 106 -9.35 34.56 -11.93
C SER A 106 -9.04 33.17 -12.52
N VAL A 107 -9.01 32.17 -11.64
CA VAL A 107 -8.65 30.77 -11.97
C VAL A 107 -9.82 29.90 -11.56
N TRP A 108 -10.28 29.03 -12.45
CA TRP A 108 -11.51 28.25 -12.26
C TRP A 108 -11.27 26.76 -12.49
N GLY A 109 -11.73 25.94 -11.55
CA GLY A 109 -11.97 24.51 -11.74
C GLY A 109 -10.74 23.75 -12.14
N GLY A 110 -10.81 23.09 -13.31
CA GLY A 110 -9.64 22.38 -13.85
C GLY A 110 -8.40 23.24 -13.94
N ALA A 111 -8.53 24.56 -14.16
CA ALA A 111 -7.35 25.44 -14.26
C ALA A 111 -6.74 25.58 -12.88
N PHE A 112 -7.57 25.50 -11.84
CA PHE A 112 -7.07 25.55 -10.44
C PHE A 112 -6.29 24.25 -10.16
N GLU A 113 -6.82 23.12 -10.61
CA GLU A 113 -6.08 21.84 -10.48
C GLU A 113 -4.77 21.91 -11.27
N MET A 114 -4.80 22.48 -12.49
CA MET A 114 -3.60 22.58 -13.33
C MET A 114 -2.53 23.36 -12.60
N ILE A 115 -2.85 24.53 -12.08
CA ILE A 115 -1.78 25.31 -11.37
C ILE A 115 -1.37 24.57 -10.08
N MET A 116 -2.31 23.91 -9.39
CA MET A 116 -1.95 23.14 -8.17
C MET A 116 -0.96 22.01 -8.56
N SER A 117 -1.06 21.45 -9.76
CA SER A 117 -0.17 20.36 -10.24
C SER A 117 1.22 20.89 -10.57
N SER A 118 1.36 22.19 -10.78
CA SER A 118 2.67 22.79 -11.11
C SER A 118 3.50 22.90 -9.84
N ASP A 119 4.75 23.32 -9.99
CA ASP A 119 5.74 23.22 -8.88
C ASP A 119 5.65 24.40 -7.90
N LEU A 120 5.50 25.63 -8.42
CA LEU A 120 5.34 26.87 -7.65
C LEU A 120 4.18 27.67 -8.23
N ILE A 121 3.53 28.48 -7.40
CA ILE A 121 2.50 29.43 -7.84
C ILE A 121 2.86 30.79 -7.26
N ILE A 122 3.06 31.75 -8.15
CA ILE A 122 3.33 33.16 -7.80
C ILE A 122 2.15 33.94 -8.40
N ALA A 123 1.42 34.75 -7.61
CA ALA A 123 0.17 35.33 -8.08
C ALA A 123 0.11 36.83 -7.80
N ALA A 124 -0.62 37.53 -8.66
CA ALA A 124 -1.04 38.94 -8.47
C ALA A 124 -1.91 39.05 -7.20
N SER A 125 -1.77 40.17 -6.48
CA SER A 125 -2.63 40.52 -5.32
C SER A 125 -4.12 40.56 -5.67
N THR A 126 -4.50 40.66 -6.95
CA THR A 126 -5.90 40.76 -7.40
C THR A 126 -6.41 39.44 -7.97
N SER A 127 -5.56 38.43 -8.02
CA SER A 127 -5.96 37.08 -8.53
CA SER A 127 -5.98 37.10 -8.56
C SER A 127 -6.97 36.45 -7.60
N THR A 128 -7.83 35.60 -8.13
CA THR A 128 -8.81 34.85 -7.34
C THR A 128 -8.86 33.41 -7.86
N PHE A 129 -9.37 32.52 -7.02
CA PHE A 129 -9.25 31.04 -7.19
C PHE A 129 -10.54 30.40 -6.72
N SER A 130 -11.09 29.54 -7.58
CA SER A 130 -12.34 28.80 -7.31
CA SER A 130 -12.36 28.82 -7.35
C SER A 130 -12.22 27.37 -7.81
N MET A 131 -12.78 26.44 -7.05
CA MET A 131 -12.86 25.03 -7.45
C MET A 131 -14.34 24.73 -7.64
N THR A 132 -14.74 24.32 -8.83
CA THR A 132 -16.15 24.46 -9.28
C THR A 132 -16.94 23.17 -9.58
N PRO A 133 -16.53 21.90 -9.35
CA PRO A 133 -17.39 20.79 -9.76
C PRO A 133 -18.79 20.77 -9.14
N VAL A 134 -18.97 21.32 -7.94
CA VAL A 134 -20.29 21.24 -7.27
C VAL A 134 -21.22 22.28 -7.90
N ASN A 135 -20.69 23.20 -8.72
CA ASN A 135 -21.58 24.12 -9.49
C ASN A 135 -22.26 23.39 -10.64
N LEU A 136 -21.65 22.33 -11.17
CA LEU A 136 -22.07 21.66 -12.42
C LEU A 136 -22.58 20.26 -12.09
N GLY A 137 -22.31 19.72 -10.90
CA GLY A 137 -22.70 18.34 -10.59
C GLY A 137 -21.70 17.33 -11.12
N VAL A 138 -20.46 17.77 -11.37
CA VAL A 138 -19.38 16.88 -11.91
C VAL A 138 -18.78 16.00 -10.81
N PRO A 139 -18.69 14.66 -11.02
CA PRO A 139 -17.96 13.78 -10.10
C PRO A 139 -16.47 13.82 -10.39
N TYR A 140 -15.78 14.70 -9.70
CA TYR A 140 -14.33 14.86 -9.93
C TYR A 140 -13.69 13.50 -9.67
N ASN A 141 -12.53 13.26 -10.25
CA ASN A 141 -11.86 11.94 -10.16
C ASN A 141 -10.86 11.93 -9.00
N LEU A 142 -10.49 10.73 -8.59
CA LEU A 142 -9.55 10.54 -7.45
C LEU A 142 -8.22 11.23 -7.72
N VAL A 143 -7.61 11.05 -8.88
CA VAL A 143 -6.28 11.67 -9.14
C VAL A 143 -6.39 13.20 -9.04
N GLY A 144 -7.44 13.77 -9.63
CA GLY A 144 -7.71 15.21 -9.69
C GLY A 144 -7.92 15.76 -8.29
N ILE A 145 -8.74 15.10 -7.46
CA ILE A 145 -8.91 15.51 -6.04
C ILE A 145 -7.57 15.41 -5.32
N HIS A 146 -6.81 14.34 -5.52
CA HIS A 146 -5.53 14.12 -4.81
C HIS A 146 -4.60 15.30 -5.10
N ASN A 147 -4.61 15.81 -6.33
CA ASN A 147 -3.74 16.94 -6.75
C ASN A 147 -4.09 18.22 -6.01
N LEU A 148 -5.25 18.30 -5.36
CA LEU A 148 -5.68 19.49 -4.58
C LEU A 148 -5.32 19.37 -3.10
N THR A 149 -4.67 18.29 -2.64
CA THR A 149 -4.58 17.99 -1.21
C THR A 149 -3.15 18.14 -0.67
N ARG A 150 -2.20 18.64 -1.45
CA ARG A 150 -0.76 18.54 -1.06
C ARG A 150 -0.25 19.88 -0.56
N ASP A 151 -1.13 20.87 -0.45
CA ASP A 151 -0.70 22.23 -0.04
C ASP A 151 -1.49 22.72 1.17
N ALA A 152 -2.79 22.97 1.04
CA ALA A 152 -3.68 23.33 2.17
C ALA A 152 -4.22 22.07 2.85
N GLY A 153 -4.69 22.18 4.09
CA GLY A 153 -5.22 21.06 4.86
C GLY A 153 -6.60 20.65 4.36
N PHE A 154 -7.08 19.50 4.81
CA PHE A 154 -8.37 18.92 4.36
C PHE A 154 -9.55 19.89 4.62
N HIS A 155 -9.63 20.52 5.79
CA HIS A 155 -10.76 21.44 6.07
C HIS A 155 -10.80 22.55 5.01
N ILE A 156 -9.65 23.16 4.74
CA ILE A 156 -9.55 24.24 3.71
CA ILE A 156 -9.63 24.27 3.73
C ILE A 156 -9.98 23.71 2.34
N VAL A 157 -9.49 22.54 1.97
CA VAL A 157 -9.81 21.96 0.65
C VAL A 157 -11.33 21.71 0.55
N LYS A 158 -11.94 21.18 1.61
CA LYS A 158 -13.39 20.87 1.61
C LYS A 158 -14.21 22.17 1.57
N GLU A 159 -13.78 23.22 2.24
CA GLU A 159 -14.47 24.52 2.13
C GLU A 159 -14.43 24.99 0.66
N LEU A 160 -13.26 24.97 0.03
CA LEU A 160 -13.06 25.40 -1.37
CA LEU A 160 -13.11 25.44 -1.37
C LEU A 160 -14.02 24.61 -2.29
N ILE A 161 -14.02 23.30 -2.13
CA ILE A 161 -14.81 22.48 -3.09
C ILE A 161 -16.29 22.57 -2.75
N PHE A 162 -16.67 22.48 -1.48
CA PHE A 162 -18.13 22.38 -1.15
C PHE A 162 -18.83 23.71 -1.41
N THR A 163 -18.14 24.84 -1.28
CA THR A 163 -18.78 26.17 -1.44
C THR A 163 -18.61 26.61 -2.89
N ALA A 164 -17.57 26.13 -3.59
CA ALA A 164 -17.15 26.66 -4.90
C ALA A 164 -17.01 28.18 -4.84
N SER A 165 -16.67 28.76 -3.68
CA SER A 165 -16.56 30.23 -3.53
C SER A 165 -15.15 30.66 -3.86
N PRO A 166 -14.95 31.78 -4.55
CA PRO A 166 -13.62 32.24 -4.89
C PRO A 166 -12.90 32.61 -3.61
N ILE A 167 -11.59 32.38 -3.57
CA ILE A 167 -10.77 32.93 -2.49
C ILE A 167 -9.77 33.91 -3.09
N THR A 168 -9.37 34.87 -2.26
CA THR A 168 -8.41 35.89 -2.66
C THR A 168 -7.02 35.27 -2.70
N ALA A 169 -6.09 35.98 -3.32
CA ALA A 169 -4.67 35.61 -3.33
C ALA A 169 -4.18 35.64 -1.89
N GLN A 170 -4.64 36.62 -1.12
CA GLN A 170 -4.11 36.76 0.28
C GLN A 170 -4.51 35.51 1.09
N ARG A 171 -5.75 35.05 0.92
CA ARG A 171 -6.18 33.85 1.67
C ARG A 171 -5.44 32.61 1.13
N ALA A 172 -5.29 32.51 -0.19
CA ALA A 172 -4.55 31.38 -0.84
C ALA A 172 -3.11 31.34 -0.32
N LEU A 173 -2.49 32.49 -0.05
CA LEU A 173 -1.12 32.51 0.51
C LEU A 173 -1.18 31.98 1.94
N ALA A 174 -2.16 32.44 2.71
CA ALA A 174 -2.22 32.13 4.16
C ALA A 174 -2.42 30.62 4.35
N VAL A 175 -3.19 29.96 3.50
CA VAL A 175 -3.56 28.53 3.74
C VAL A 175 -2.55 27.61 3.06
N GLY A 176 -1.56 28.11 2.34
CA GLY A 176 -0.42 27.36 1.78
C GLY A 176 -0.54 26.99 0.31
N ILE A 177 -1.53 27.50 -0.43
CA ILE A 177 -1.72 27.22 -1.88
C ILE A 177 -0.66 27.95 -2.73
N LEU A 178 -0.32 29.19 -2.38
CA LEU A 178 0.56 30.08 -3.18
C LEU A 178 1.91 30.16 -2.49
N ASN A 179 2.94 30.32 -3.28
CA ASN A 179 4.30 30.61 -2.76
C ASN A 179 4.44 32.08 -2.41
N HIS A 180 3.99 32.95 -3.30
CA HIS A 180 4.15 34.41 -3.14
C HIS A 180 2.97 35.14 -3.76
N VAL A 181 2.68 36.30 -3.20
CA VAL A 181 1.67 37.24 -3.76
C VAL A 181 2.42 38.56 -3.93
N VAL A 182 2.30 39.11 -5.10
CA VAL A 182 3.04 40.35 -5.52
CA VAL A 182 3.01 40.37 -5.46
C VAL A 182 2.04 41.30 -6.21
N GLU A 183 2.28 42.60 -6.12
CA GLU A 183 1.51 43.58 -6.93
C GLU A 183 1.66 43.24 -8.42
N VAL A 184 0.57 43.34 -9.20
CA VAL A 184 0.54 42.93 -10.63
C VAL A 184 1.68 43.60 -11.39
N GLU A 185 2.10 44.81 -11.04
CA GLU A 185 3.18 45.48 -11.84
C GLU A 185 4.52 44.80 -11.57
N GLU A 186 4.68 44.09 -10.46
CA GLU A 186 5.96 43.43 -10.06
C GLU A 186 5.95 41.93 -10.41
N LEU A 187 4.80 41.37 -10.80
CA LEU A 187 4.61 39.89 -10.92
C LEU A 187 5.63 39.31 -11.88
N GLU A 188 5.70 39.82 -13.11
CA GLU A 188 6.52 39.27 -14.21
C GLU A 188 8.00 39.27 -13.78
N ASP A 189 8.51 40.39 -13.31
CA ASP A 189 9.95 40.41 -12.93
C ASP A 189 10.26 39.64 -11.63
N PHE A 190 9.41 39.65 -10.62
CA PHE A 190 9.61 38.78 -9.44
C PHE A 190 9.72 37.31 -9.85
N THR A 191 8.82 36.85 -10.72
CA THR A 191 8.75 35.45 -11.15
C THR A 191 9.98 35.11 -12.01
N LEU A 192 10.35 35.99 -12.94
CA LEU A 192 11.53 35.76 -13.78
C LEU A 192 12.78 35.74 -12.92
N GLN A 193 12.90 36.60 -11.92
CA GLN A 193 14.09 36.61 -11.05
C GLN A 193 14.22 35.21 -10.38
N MET A 194 13.12 34.66 -9.87
CA MET A 194 13.19 33.33 -9.22
C MET A 194 13.49 32.26 -10.28
N ALA A 195 12.87 32.28 -11.47
CA ALA A 195 13.13 31.31 -12.54
C ALA A 195 14.61 31.35 -12.96
N HIS A 196 15.19 32.55 -13.12
CA HIS A 196 16.62 32.66 -13.51
CA HIS A 196 16.63 32.68 -13.48
C HIS A 196 17.52 32.06 -12.41
N HIS A 197 17.20 32.30 -11.13
CA HIS A 197 17.96 31.74 -9.99
C HIS A 197 17.91 30.21 -10.02
N ILE A 198 16.71 29.65 -10.18
CA ILE A 198 16.59 28.18 -10.29
C ILE A 198 17.44 27.67 -11.45
N SER A 199 17.51 28.45 -12.55
CA SER A 199 18.18 28.02 -13.81
C SER A 199 19.69 27.88 -13.63
N GLU A 200 20.26 28.43 -12.54
CA GLU A 200 21.72 28.31 -12.31
CA GLU A 200 21.70 28.39 -12.18
C GLU A 200 22.01 27.05 -11.47
N LYS A 201 20.98 26.36 -10.97
CA LYS A 201 21.19 25.21 -10.06
C LYS A 201 21.33 23.90 -10.86
N ALA A 202 21.60 22.79 -10.21
CA ALA A 202 21.92 21.53 -10.90
C ALA A 202 20.65 20.89 -11.44
N PRO A 203 20.49 20.83 -12.79
CA PRO A 203 19.22 20.41 -13.35
C PRO A 203 18.92 18.92 -13.15
N LEU A 204 19.91 18.05 -13.09
CA LEU A 204 19.67 16.60 -12.90
C LEU A 204 19.21 16.35 -11.46
N ALA A 205 19.71 17.11 -10.49
CA ALA A 205 19.30 17.01 -9.06
C ALA A 205 17.86 17.52 -8.98
N ILE A 206 17.56 18.65 -9.62
CA ILE A 206 16.16 19.17 -9.62
C ILE A 206 15.23 18.11 -10.20
N ALA A 207 15.57 17.51 -11.34
CA ALA A 207 14.65 16.57 -12.01
C ALA A 207 14.38 15.34 -11.11
N VAL A 208 15.42 14.78 -10.50
CA VAL A 208 15.19 13.53 -9.71
C VAL A 208 14.49 13.88 -8.40
N ILE A 209 14.76 15.05 -7.79
CA ILE A 209 14.03 15.46 -6.57
C ILE A 209 12.57 15.74 -6.92
N LYS A 210 12.32 16.37 -8.06
CA LYS A 210 10.94 16.60 -8.51
C LYS A 210 10.22 15.24 -8.67
N GLU A 211 10.86 14.26 -9.30
CA GLU A 211 10.26 12.92 -9.56
C GLU A 211 10.02 12.22 -8.22
N GLU A 212 10.97 12.29 -7.28
CA GLU A 212 10.80 11.69 -5.95
C GLU A 212 9.58 12.31 -5.25
N LEU A 213 9.43 13.64 -5.28
CA LEU A 213 8.23 14.28 -4.69
C LEU A 213 6.96 13.80 -5.40
N ARG A 214 7.00 13.66 -6.73
CA ARG A 214 5.81 13.18 -7.47
C ARG A 214 5.38 11.81 -6.91
N VAL A 215 6.31 10.87 -6.89
CA VAL A 215 6.07 9.47 -6.51
C VAL A 215 5.61 9.41 -5.04
N LEU A 216 6.23 10.15 -4.13
CA LEU A 216 5.79 10.21 -2.72
C LEU A 216 4.36 10.81 -2.64
N GLY A 217 4.05 11.84 -3.42
CA GLY A 217 2.73 12.48 -3.43
C GLY A 217 1.65 11.55 -3.95
N GLU A 218 2.01 10.65 -4.83
CA GLU A 218 1.04 9.67 -5.39
C GLU A 218 0.85 8.45 -4.52
N ALA A 219 1.74 8.21 -3.57
CA ALA A 219 1.91 6.91 -2.87
C ALA A 219 0.89 6.81 -1.74
N HIS A 220 -0.40 7.11 -2.02
CA HIS A 220 -1.53 6.78 -1.14
C HIS A 220 -2.27 5.63 -1.82
N THR A 221 -2.10 4.43 -1.34
CA THR A 221 -2.52 3.24 -2.09
C THR A 221 -3.80 2.70 -1.48
N MET A 222 -4.58 2.05 -2.33
CA MET A 222 -5.85 1.41 -1.94
CA MET A 222 -5.86 1.42 -1.97
C MET A 222 -6.00 0.11 -2.72
N ASN A 223 -6.88 -0.76 -2.25
CA ASN A 223 -7.15 -2.03 -2.95
C ASN A 223 -8.13 -1.80 -4.11
N SER A 224 -8.25 -2.80 -4.99
CA SER A 224 -9.06 -2.71 -6.19
C SER A 224 -10.51 -2.46 -5.84
N ASP A 225 -11.00 -3.10 -4.78
CA ASP A 225 -12.43 -3.00 -4.42
C ASP A 225 -12.74 -1.54 -4.07
N GLU A 226 -11.87 -0.90 -3.31
N GLU A 226 -11.87 -0.89 -3.30
CA GLU A 226 -12.11 0.52 -2.93
CA GLU A 226 -12.05 0.53 -2.90
C GLU A 226 -12.17 1.38 -4.20
C GLU A 226 -12.13 1.40 -4.17
N PHE A 227 -11.23 1.21 -5.12
CA PHE A 227 -11.24 2.02 -6.36
CA PHE A 227 -11.23 1.96 -6.39
C PHE A 227 -12.53 1.74 -7.14
N GLU A 228 -12.92 0.49 -7.31
CA GLU A 228 -14.13 0.19 -8.11
C GLU A 228 -15.41 0.69 -7.42
N ARG A 229 -15.43 0.73 -6.08
CA ARG A 229 -16.54 1.26 -5.29
C ARG A 229 -16.64 2.74 -5.59
N ILE A 230 -15.51 3.46 -5.51
CA ILE A 230 -15.49 4.92 -5.84
C ILE A 230 -15.96 5.10 -7.30
N GLN A 231 -15.48 4.27 -8.22
CA GLN A 231 -15.88 4.45 -9.64
C GLN A 231 -17.37 4.26 -9.78
N GLY A 232 -17.95 3.28 -9.10
CA GLY A 232 -19.42 3.08 -9.15
C GLY A 232 -20.18 4.30 -8.61
N MET A 233 -19.68 4.92 -7.53
CA MET A 233 -20.28 6.17 -6.97
CA MET A 233 -20.29 6.15 -6.98
C MET A 233 -20.18 7.27 -8.03
N ARG A 234 -19.03 7.42 -8.66
CA ARG A 234 -18.82 8.44 -9.71
C ARG A 234 -19.81 8.21 -10.87
N ARG A 235 -19.98 6.96 -11.27
CA ARG A 235 -20.91 6.64 -12.38
C ARG A 235 -22.32 7.03 -11.99
N ALA A 236 -22.73 6.79 -10.75
CA ALA A 236 -24.09 7.18 -10.30
C ALA A 236 -24.22 8.69 -10.45
N VAL A 237 -23.14 9.43 -10.23
CA VAL A 237 -23.23 10.90 -10.36
C VAL A 237 -23.31 11.28 -11.84
N TYR A 238 -22.51 10.69 -12.72
CA TYR A 238 -22.50 11.15 -14.13
C TYR A 238 -23.70 10.55 -14.86
N ASP A 239 -24.45 9.68 -14.20
CA ASP A 239 -25.74 9.10 -14.70
C ASP A 239 -26.91 9.95 -14.14
N SER A 240 -26.67 10.91 -13.25
CA SER A 240 -27.80 11.50 -12.47
C SER A 240 -28.53 12.55 -13.29
N GLU A 241 -29.75 12.87 -12.85
CA GLU A 241 -30.50 14.03 -13.39
C GLU A 241 -29.76 15.31 -13.04
N ASP A 242 -29.21 15.38 -11.86
CA ASP A 242 -28.45 16.57 -11.41
C ASP A 242 -27.31 16.90 -12.39
N TYR A 243 -26.53 15.91 -12.85
CA TYR A 243 -25.41 16.16 -13.78
C TYR A 243 -25.98 16.82 -15.04
N GLN A 244 -27.08 16.32 -15.56
CA GLN A 244 -27.67 16.89 -16.78
C GLN A 244 -28.19 18.31 -16.48
N GLU A 245 -28.76 18.52 -15.29
CA GLU A 245 -29.28 19.87 -14.90
C GLU A 245 -28.06 20.80 -14.85
N GLY A 246 -26.94 20.33 -14.32
CA GLY A 246 -25.74 21.18 -14.19
C GLY A 246 -25.25 21.61 -15.58
N MET A 247 -25.22 20.67 -16.53
CA MET A 247 -24.77 20.96 -17.90
C MET A 247 -25.78 21.96 -18.53
N ASN A 248 -27.08 21.69 -18.37
CA ASN A 248 -28.15 22.49 -19.06
C ASN A 248 -28.16 23.91 -18.48
N ALA A 249 -27.99 24.06 -17.17
CA ALA A 249 -28.01 25.39 -16.53
C ALA A 249 -26.86 26.22 -17.06
N PHE A 250 -25.71 25.62 -17.26
CA PHE A 250 -24.55 26.37 -17.82
C PHE A 250 -24.86 26.79 -19.26
N LEU A 251 -25.45 25.90 -20.04
CA LEU A 251 -25.78 26.17 -21.47
C LEU A 251 -26.83 27.31 -21.52
N GLU A 252 -27.86 27.25 -20.69
CA GLU A 252 -28.98 28.24 -20.66
C GLU A 252 -28.65 29.45 -19.78
N LYS A 253 -27.44 29.55 -19.24
CA LYS A 253 -26.95 30.70 -18.44
C LYS A 253 -27.92 31.01 -17.29
N ARG A 254 -28.27 29.98 -16.51
CA ARG A 254 -29.23 30.08 -15.38
C ARG A 254 -28.65 29.34 -14.17
N LYS A 255 -29.25 29.55 -13.01
CA LYS A 255 -28.81 28.87 -11.77
C LYS A 255 -29.39 27.46 -11.74
N PRO A 256 -28.55 26.43 -11.58
CA PRO A 256 -29.06 25.08 -11.56
C PRO A 256 -29.93 24.87 -10.33
N ASN A 257 -30.94 24.03 -10.49
N ASN A 257 -30.91 23.99 -10.42
CA ASN A 257 -31.83 23.48 -9.42
CA ASN A 257 -31.75 23.60 -9.26
C ASN A 257 -31.45 22.03 -9.17
C ASN A 257 -31.54 22.09 -9.05
N PHE A 258 -30.61 21.74 -8.17
CA PHE A 258 -30.21 20.33 -7.90
C PHE A 258 -31.17 19.73 -6.87
N VAL A 259 -31.52 18.46 -7.04
CA VAL A 259 -32.52 17.74 -6.22
C VAL A 259 -31.95 16.46 -5.58
N GLY A 260 -30.75 16.03 -5.93
CA GLY A 260 -30.15 14.87 -5.26
C GLY A 260 -30.54 13.58 -5.90
N HIS A 261 -30.88 13.58 -7.19
CA HIS A 261 -30.90 12.33 -7.99
C HIS A 261 -30.53 12.66 -9.43
N ALA B 2 32.56 13.70 28.78
CA ALA B 2 32.41 12.31 28.38
C ALA B 2 32.07 12.20 26.89
N TYR B 3 31.91 13.31 26.14
CA TYR B 3 31.90 13.27 24.65
C TYR B 3 32.84 14.33 24.12
N GLN B 4 33.51 14.05 23.01
CA GLN B 4 34.44 15.01 22.39
C GLN B 4 33.64 16.11 21.67
N TYR B 5 32.50 15.79 21.05
CA TYR B 5 31.87 16.70 20.06
C TYR B 5 30.49 17.20 20.49
N VAL B 6 30.05 16.83 21.69
CA VAL B 6 28.80 17.37 22.29
C VAL B 6 29.02 17.55 23.80
N ASN B 7 28.24 18.44 24.39
CA ASN B 7 28.13 18.64 25.86
C ASN B 7 26.70 18.33 26.27
N VAL B 8 26.51 17.52 27.30
CA VAL B 8 25.15 17.16 27.80
C VAL B 8 24.93 17.74 29.18
N VAL B 9 23.83 18.46 29.35
CA VAL B 9 23.37 18.96 30.66
C VAL B 9 21.98 18.36 30.90
N THR B 10 21.75 17.93 32.12
CA THR B 10 20.46 17.34 32.55
CA THR B 10 20.46 17.35 32.54
C THR B 10 19.85 18.34 33.55
N ILE B 11 18.61 18.77 33.34
CA ILE B 11 17.84 19.63 34.30
CA ILE B 11 17.84 19.63 34.30
C ILE B 11 16.60 18.84 34.69
N ASN B 12 16.65 18.17 35.85
CA ASN B 12 15.59 17.22 36.29
C ASN B 12 15.34 16.24 35.12
N LYS B 13 14.18 16.26 34.46
CA LYS B 13 13.79 15.25 33.46
C LYS B 13 14.14 15.71 32.04
N VAL B 14 14.72 16.89 31.87
CA VAL B 14 15.07 17.45 30.53
C VAL B 14 16.57 17.30 30.30
N ALA B 15 16.97 16.81 29.14
CA ALA B 15 18.38 16.72 28.76
C ALA B 15 18.61 17.64 27.58
N VAL B 16 19.66 18.45 27.66
CA VAL B 16 20.08 19.37 26.59
C VAL B 16 21.37 18.86 26.00
N ILE B 17 21.34 18.51 24.71
CA ILE B 17 22.53 18.07 23.95
C ILE B 17 22.99 19.27 23.15
N GLU B 18 24.16 19.81 23.52
CA GLU B 18 24.71 21.02 22.88
C GLU B 18 25.88 20.62 21.98
N PHE B 19 25.86 21.07 20.73
CA PHE B 19 26.94 20.79 19.76
C PHE B 19 28.25 21.39 20.32
N ASN B 20 29.35 20.67 20.20
CA ASN B 20 30.70 21.21 20.53
C ASN B 20 31.65 20.97 19.34
N TYR B 21 31.29 21.47 18.14
CA TYR B 21 32.05 21.23 16.89
C TYR B 21 32.13 22.52 16.09
N GLY B 22 32.15 23.65 16.80
CA GLY B 22 32.07 25.00 16.22
C GLY B 22 33.24 25.25 15.28
N ARG B 23 34.39 24.62 15.55
CA ARG B 23 35.61 24.65 14.70
C ARG B 23 35.18 24.37 13.26
N LYS B 24 34.24 23.46 13.05
CA LYS B 24 33.78 23.02 11.72
C LYS B 24 32.29 23.37 11.52
N LEU B 25 31.82 24.43 12.17
CA LEU B 25 30.45 24.97 12.03
C LEU B 25 29.41 23.86 12.24
N ASN B 26 29.73 22.92 13.14
CA ASN B 26 28.86 21.78 13.55
C ASN B 26 28.43 21.03 12.29
N ALA B 27 29.37 20.89 11.33
CA ALA B 27 29.12 20.06 10.13
C ALA B 27 28.87 18.62 10.59
N LEU B 28 28.01 17.91 9.86
CA LEU B 28 27.55 16.56 10.22
C LEU B 28 28.56 15.53 9.72
N SER B 29 29.79 15.61 10.21
CA SER B 29 30.84 14.60 9.92
C SER B 29 30.52 13.31 10.68
N LYS B 30 31.15 12.21 10.29
CA LYS B 30 30.94 10.92 10.94
C LYS B 30 31.27 11.04 12.43
N VAL B 31 32.35 11.70 12.85
CA VAL B 31 32.73 11.66 14.30
C VAL B 31 31.72 12.46 15.14
N PHE B 32 31.15 13.55 14.60
CA PHE B 32 30.16 14.41 15.27
C PHE B 32 28.85 13.61 15.43
N ILE B 33 28.40 13.00 14.34
CA ILE B 33 27.13 12.23 14.39
C ILE B 33 27.30 11.07 15.36
N ASP B 34 28.41 10.35 15.32
CA ASP B 34 28.58 9.17 16.19
C ASP B 34 28.48 9.63 17.65
N ASP B 35 29.07 10.78 18.00
CA ASP B 35 28.96 11.31 19.39
C ASP B 35 27.50 11.69 19.72
N LEU B 36 26.81 12.35 18.79
CA LEU B 36 25.43 12.79 19.02
C LEU B 36 24.56 11.53 19.22
N MET B 37 24.80 10.49 18.41
CA MET B 37 24.02 9.25 18.57
C MET B 37 24.39 8.55 19.88
N GLN B 38 25.65 8.58 20.31
CA GLN B 38 25.99 7.92 21.59
C GLN B 38 25.28 8.68 22.72
N ALA B 39 25.35 10.00 22.72
CA ALA B 39 24.71 10.85 23.76
C ALA B 39 23.19 10.57 23.83
N LEU B 40 22.52 10.49 22.68
CA LEU B 40 21.06 10.17 22.66
C LEU B 40 20.82 8.81 23.28
N SER B 41 21.56 7.80 22.81
CA SER B 41 21.49 6.42 23.34
C SER B 41 21.69 6.42 24.86
N ASP B 42 22.67 7.14 25.36
CA ASP B 42 22.98 7.20 26.80
C ASP B 42 21.81 7.86 27.56
N LEU B 43 21.02 8.74 26.92
CA LEU B 43 19.87 9.44 27.56
C LEU B 43 18.57 8.63 27.44
N ASN B 44 18.62 7.43 26.87
CA ASN B 44 17.40 6.60 26.72
C ASN B 44 17.20 5.82 28.03
N ARG B 45 16.75 6.51 29.06
CA ARG B 45 16.58 6.06 30.47
C ARG B 45 15.27 6.61 30.98
N PRO B 46 14.56 5.92 31.90
CA PRO B 46 13.22 6.37 32.32
C PRO B 46 13.19 7.76 33.00
N GLU B 47 14.31 8.18 33.62
CA GLU B 47 14.39 9.45 34.39
C GLU B 47 14.51 10.65 33.43
N ILE B 48 14.75 10.42 32.12
CA ILE B 48 14.84 11.52 31.12
C ILE B 48 13.53 11.48 30.32
N ARG B 49 12.86 12.61 30.17
CA ARG B 49 11.50 12.64 29.55
CA ARG B 49 11.50 12.60 29.53
C ARG B 49 11.46 13.49 28.27
N CYS B 50 12.45 14.33 28.04
CA CYS B 50 12.45 15.25 26.87
C CYS B 50 13.89 15.66 26.57
N ILE B 51 14.21 15.73 25.31
CA ILE B 51 15.55 16.08 24.78
C ILE B 51 15.45 17.42 24.05
N ILE B 52 16.44 18.27 24.23
CA ILE B 52 16.63 19.50 23.43
C ILE B 52 17.97 19.37 22.71
N LEU B 53 17.97 19.57 21.39
CA LEU B 53 19.22 19.69 20.60
C LEU B 53 19.48 21.18 20.38
N ARG B 54 20.72 21.63 20.61
CA ARG B 54 21.02 23.05 20.39
C ARG B 54 22.48 23.20 19.95
N ALA B 55 22.76 24.32 19.28
CA ALA B 55 24.12 24.84 19.11
C ALA B 55 24.42 25.71 20.32
N PRO B 56 25.71 25.98 20.58
CA PRO B 56 26.09 26.86 21.69
C PRO B 56 25.40 28.21 21.54
N SER B 57 25.06 28.82 22.68
CA SER B 57 24.58 30.23 22.73
C SER B 57 25.47 31.14 21.90
N GLY B 58 24.84 31.99 21.08
CA GLY B 58 25.49 32.97 20.20
C GLY B 58 25.95 32.44 18.86
N SER B 59 25.75 31.15 18.55
CA SER B 59 26.23 30.55 17.28
C SER B 59 25.65 31.35 16.10
N LYS B 60 26.50 31.72 15.15
CA LYS B 60 26.07 32.31 13.85
C LYS B 60 25.51 31.18 12.98
N VAL B 61 26.15 30.03 13.05
CA VAL B 61 25.82 28.82 12.26
C VAL B 61 25.43 27.71 13.23
N PHE B 62 24.18 27.29 13.14
CA PHE B 62 23.65 26.13 13.90
C PHE B 62 24.36 24.85 13.43
N SER B 63 24.30 24.56 12.12
CA SER B 63 25.06 23.48 11.46
C SER B 63 25.19 23.78 9.98
N ALA B 64 26.38 23.54 9.45
CA ALA B 64 26.72 23.77 8.02
C ALA B 64 26.29 22.57 7.20
N GLY B 65 25.64 21.61 7.83
CA GLY B 65 25.07 20.46 7.10
C GLY B 65 26.11 19.40 6.90
N HIS B 66 25.89 18.50 5.93
CA HIS B 66 26.83 17.39 5.62
C HIS B 66 28.23 17.94 5.43
N ASP B 67 29.23 17.26 5.96
CA ASP B 67 30.64 17.61 5.70
C ASP B 67 30.93 17.26 4.22
N ILE B 68 31.13 18.27 3.38
CA ILE B 68 31.23 18.02 1.91
C ILE B 68 32.51 17.23 1.59
N HIS B 69 33.58 17.35 2.38
CA HIS B 69 34.79 16.46 2.25
C HIS B 69 34.39 14.99 2.37
N GLU B 70 33.40 14.63 3.19
CA GLU B 70 33.02 13.21 3.45
C GLU B 70 31.98 12.71 2.44
N LEU B 71 31.42 13.56 1.59
CA LEU B 71 30.46 13.09 0.54
C LEU B 71 31.22 12.15 -0.40
N PRO B 72 30.77 10.88 -0.56
CA PRO B 72 31.28 10.02 -1.62
C PRO B 72 31.24 10.75 -2.98
N SER B 73 32.38 10.73 -3.68
CA SER B 73 32.55 11.28 -5.05
C SER B 73 32.75 10.15 -6.07
N GLY B 74 32.95 8.90 -5.63
CA GLY B 74 33.48 7.81 -6.47
C GLY B 74 32.43 7.08 -7.31
N GLY B 75 31.36 7.74 -7.74
CA GLY B 75 30.20 7.08 -8.40
C GLY B 75 29.43 6.17 -7.43
N ARG B 76 29.49 6.52 -6.15
CA ARG B 76 28.93 5.78 -4.98
C ARG B 76 27.82 6.63 -4.33
N ASP B 77 26.71 6.01 -3.90
CA ASP B 77 25.54 6.73 -3.39
C ASP B 77 25.97 7.51 -2.16
N PRO B 78 25.87 8.86 -2.18
CA PRO B 78 26.21 9.68 -1.02
C PRO B 78 25.21 9.66 0.17
N LEU B 79 24.02 9.12 -0.03
CA LEU B 79 23.00 9.09 1.05
C LEU B 79 22.46 7.68 1.13
N SER B 80 23.36 6.71 1.33
CA SER B 80 22.98 5.30 1.51
C SER B 80 22.46 5.10 2.94
N TYR B 81 21.82 3.96 3.19
CA TYR B 81 21.09 3.69 4.44
C TYR B 81 21.98 3.91 5.66
N ASP B 82 23.25 3.56 5.64
CA ASP B 82 24.11 3.70 6.84
C ASP B 82 25.00 4.95 6.79
N ASP B 83 24.79 5.91 5.90
CA ASP B 83 25.39 7.27 5.98
C ASP B 83 24.98 7.86 7.34
N PRO B 84 25.90 8.52 8.05
CA PRO B 84 25.56 9.11 9.35
C PRO B 84 24.30 9.99 9.38
N LEU B 85 24.05 10.85 8.39
CA LEU B 85 22.82 11.67 8.35
C LEU B 85 21.61 10.73 8.36
N ARG B 86 21.69 9.61 7.62
CA ARG B 86 20.52 8.70 7.47
C ARG B 86 20.30 7.99 8.80
N GLN B 87 21.38 7.61 9.48
N GLN B 87 21.37 7.62 9.48
CA GLN B 87 21.33 6.96 10.81
CA GLN B 87 21.34 6.95 10.80
C GLN B 87 20.69 7.90 11.83
C GLN B 87 20.70 7.89 11.83
N ILE B 88 21.14 9.15 11.89
CA ILE B 88 20.68 10.06 12.99
CA ILE B 88 20.66 10.00 13.01
C ILE B 88 19.19 10.41 12.82
N THR B 89 18.73 10.62 11.58
CA THR B 89 17.29 10.94 11.40
C THR B 89 16.48 9.73 11.86
N ARG B 90 16.86 8.50 11.50
CA ARG B 90 16.09 7.29 11.94
C ARG B 90 16.10 7.23 13.46
N MET B 91 17.25 7.47 14.06
CA MET B 91 17.36 7.39 15.53
C MET B 91 16.47 8.44 16.18
N ILE B 92 16.53 9.69 15.71
CA ILE B 92 15.67 10.77 16.25
C ILE B 92 14.18 10.35 16.17
N GLN B 93 13.79 9.78 15.05
CA GLN B 93 12.37 9.49 14.80
C GLN B 93 11.90 8.30 15.65
N LYS B 94 12.76 7.33 15.91
CA LYS B 94 12.42 6.11 16.68
C LYS B 94 12.68 6.32 18.16
N PHE B 95 13.31 7.42 18.55
CA PHE B 95 13.59 7.72 19.97
C PHE B 95 12.30 7.89 20.77
N PRO B 96 12.14 7.19 21.91
CA PRO B 96 10.83 7.14 22.57
C PRO B 96 10.51 8.36 23.43
N LYS B 97 11.29 9.43 23.30
CA LYS B 97 11.02 10.69 24.01
C LYS B 97 10.93 11.77 22.97
N PRO B 98 10.22 12.88 23.24
CA PRO B 98 10.24 14.00 22.34
C PRO B 98 11.65 14.60 22.25
N ILE B 99 12.02 14.94 21.01
CA ILE B 99 13.30 15.68 20.74
C ILE B 99 12.93 17.04 20.16
N ILE B 100 13.34 18.12 20.81
CA ILE B 100 13.04 19.49 20.38
C ILE B 100 14.32 20.09 19.80
N SER B 101 14.29 20.55 18.57
CA SER B 101 15.44 21.31 17.99
C SER B 101 15.27 22.77 18.44
N MET B 102 16.26 23.33 19.15
CA MET B 102 16.27 24.72 19.57
C MET B 102 17.32 25.45 18.74
N VAL B 103 16.88 26.24 17.75
CA VAL B 103 17.76 26.78 16.67
C VAL B 103 18.10 28.26 16.88
N GLU B 104 19.39 28.47 17.00
CA GLU B 104 20.03 29.79 16.88
C GLU B 104 21.05 29.67 15.75
N GLY B 105 21.03 30.63 14.82
CA GLY B 105 21.98 30.71 13.69
C GLY B 105 21.39 30.09 12.43
N SER B 106 22.23 29.89 11.42
CA SER B 106 21.81 29.40 10.09
C SER B 106 21.85 27.88 10.05
N VAL B 107 20.88 27.31 9.34
CA VAL B 107 20.76 25.84 9.19
C VAL B 107 20.86 25.50 7.71
N TRP B 108 21.62 24.48 7.36
CA TRP B 108 21.95 24.14 5.95
C TRP B 108 21.78 22.66 5.64
N GLY B 109 21.10 22.36 4.55
CA GLY B 109 21.13 21.03 3.90
C GLY B 109 20.74 19.91 4.84
N GLY B 110 21.63 18.94 5.00
CA GLY B 110 21.40 17.80 5.90
C GLY B 110 20.97 18.23 7.29
N ALA B 111 21.44 19.38 7.78
CA ALA B 111 21.12 19.84 9.15
C ALA B 111 19.65 20.32 9.17
N PHE B 112 19.15 20.82 8.06
CA PHE B 112 17.71 21.17 7.91
C PHE B 112 16.91 19.87 7.97
N GLU B 113 17.35 18.83 7.25
CA GLU B 113 16.58 17.56 7.30
C GLU B 113 16.62 17.02 8.73
N MET B 114 17.75 17.12 9.40
CA MET B 114 17.87 16.66 10.79
C MET B 114 16.86 17.36 11.72
N ILE B 115 16.76 18.68 11.69
CA ILE B 115 15.78 19.37 12.57
C ILE B 115 14.34 19.05 12.11
N MET B 116 14.11 18.88 10.83
CA MET B 116 12.76 18.50 10.36
C MET B 116 12.38 17.11 10.87
N SER B 117 13.33 16.20 11.07
CA SER B 117 13.04 14.84 11.59
C SER B 117 12.74 14.89 13.09
N SER B 118 13.06 15.98 13.81
CA SER B 118 12.77 16.07 15.27
C SER B 118 11.31 16.45 15.45
N ASP B 119 10.84 16.47 16.68
CA ASP B 119 9.39 16.50 16.95
C ASP B 119 8.88 17.94 16.96
N LEU B 120 9.67 18.89 17.47
CA LEU B 120 9.28 20.32 17.53
C LEU B 120 10.50 21.14 17.17
N ILE B 121 10.27 22.28 16.58
CA ILE B 121 11.38 23.24 16.28
C ILE B 121 10.99 24.57 16.88
N ILE B 122 11.88 25.08 17.72
CA ILE B 122 11.72 26.44 18.33
CA ILE B 122 11.73 26.42 18.34
C ILE B 122 12.96 27.21 17.91
N ALA B 123 12.78 28.38 17.33
CA ALA B 123 13.90 29.11 16.69
C ALA B 123 13.98 30.58 17.10
N ALA B 124 15.21 31.08 17.11
CA ALA B 124 15.48 32.54 17.24
C ALA B 124 14.92 33.31 16.04
N SER B 125 14.48 34.54 16.29
CA SER B 125 13.93 35.40 15.22
C SER B 125 15.00 35.66 14.14
N THR B 126 16.28 35.49 14.44
CA THR B 126 17.38 35.74 13.49
C THR B 126 17.83 34.46 12.76
N SER B 127 17.24 33.30 13.07
CA SER B 127 17.72 32.03 12.46
C SER B 127 17.23 31.97 10.99
N THR B 128 17.92 31.23 10.16
CA THR B 128 17.61 31.11 8.72
C THR B 128 17.84 29.66 8.32
N PHE B 129 17.18 29.25 7.23
CA PHE B 129 17.03 27.82 6.89
C PHE B 129 17.21 27.67 5.38
N SER B 130 18.06 26.74 4.93
CA SER B 130 18.29 26.51 3.49
C SER B 130 18.39 25.01 3.27
N MET B 131 17.78 24.56 2.19
CA MET B 131 17.95 23.17 1.71
C MET B 131 18.74 23.23 0.40
N THR B 132 19.91 22.58 0.36
CA THR B 132 20.96 22.93 -0.61
C THR B 132 21.36 21.85 -1.63
N PRO B 133 20.72 20.65 -1.78
CA PRO B 133 21.26 19.67 -2.73
C PRO B 133 21.39 20.16 -4.18
N VAL B 134 20.54 21.08 -4.64
CA VAL B 134 20.62 21.56 -6.06
C VAL B 134 21.84 22.47 -6.24
N ASN B 135 22.43 22.95 -5.16
CA ASN B 135 23.68 23.74 -5.27
C ASN B 135 24.84 22.82 -5.65
N LEU B 136 24.81 21.56 -5.22
CA LEU B 136 25.96 20.61 -5.38
C LEU B 136 25.70 19.59 -6.50
N GLY B 137 24.46 19.44 -6.95
CA GLY B 137 24.09 18.35 -7.87
C GLY B 137 23.80 17.02 -7.17
N VAL B 138 23.43 17.02 -5.90
CA VAL B 138 23.21 15.79 -5.08
CA VAL B 138 23.24 15.75 -5.14
C VAL B 138 21.81 15.24 -5.37
N PRO B 139 21.69 13.94 -5.67
CA PRO B 139 20.36 13.30 -5.78
C PRO B 139 19.87 12.86 -4.39
N TYR B 140 19.23 13.77 -3.67
CA TYR B 140 18.73 13.50 -2.31
C TYR B 140 17.83 12.27 -2.38
N ASN B 141 17.87 11.44 -1.35
CA ASN B 141 17.23 10.10 -1.35
C ASN B 141 15.77 10.23 -0.96
N LEU B 142 14.95 9.24 -1.31
CA LEU B 142 13.50 9.21 -1.02
C LEU B 142 13.20 9.47 0.45
N VAL B 143 13.78 8.67 1.36
CA VAL B 143 13.49 8.85 2.79
C VAL B 143 13.80 10.31 3.17
N GLY B 144 14.94 10.83 2.73
CA GLY B 144 15.38 12.19 3.11
C GLY B 144 14.37 13.25 2.65
N ILE B 145 13.94 13.16 1.40
CA ILE B 145 12.94 14.09 0.85
C ILE B 145 11.64 13.92 1.62
N HIS B 146 11.20 12.70 1.86
CA HIS B 146 9.93 12.41 2.60
CA HIS B 146 9.91 12.45 2.56
C HIS B 146 9.94 13.17 3.93
N ASN B 147 11.08 13.18 4.60
CA ASN B 147 11.26 13.85 5.91
C ASN B 147 11.04 15.36 5.82
N LEU B 148 11.09 15.96 4.62
CA LEU B 148 10.88 17.42 4.39
C LEU B 148 9.44 17.75 4.04
N THR B 149 8.52 16.76 3.94
CA THR B 149 7.19 16.97 3.35
C THR B 149 6.07 16.89 4.39
N ARG B 150 6.34 16.81 5.67
CA ARG B 150 5.25 16.55 6.64
C ARG B 150 4.77 17.82 7.35
N ASP B 151 5.30 19.01 6.99
CA ASP B 151 5.08 20.27 7.74
C ASP B 151 4.52 21.32 6.78
N ALA B 152 5.31 21.84 5.86
CA ALA B 152 4.88 22.76 4.79
C ALA B 152 4.32 21.98 3.61
N GLY B 153 3.57 22.67 2.77
CA GLY B 153 3.01 22.06 1.54
C GLY B 153 4.04 21.81 0.45
N PHE B 154 3.64 21.09 -0.59
CA PHE B 154 4.49 20.71 -1.73
C PHE B 154 5.05 21.94 -2.45
N HIS B 155 4.23 22.95 -2.73
CA HIS B 155 4.72 24.16 -3.47
C HIS B 155 5.81 24.81 -2.63
N ILE B 156 5.62 24.87 -1.33
CA ILE B 156 6.64 25.52 -0.47
C ILE B 156 7.91 24.67 -0.46
N VAL B 157 7.79 23.35 -0.30
CA VAL B 157 8.98 22.47 -0.28
C VAL B 157 9.76 22.62 -1.59
N LYS B 158 9.06 22.61 -2.73
CA LYS B 158 9.71 22.72 -4.05
C LYS B 158 10.44 24.06 -4.18
N GLU B 159 9.82 25.16 -3.72
CA GLU B 159 10.51 26.46 -3.72
C GLU B 159 11.79 26.33 -2.91
N LEU B 160 11.73 25.78 -1.71
CA LEU B 160 12.94 25.72 -0.84
CA LEU B 160 12.94 25.73 -0.85
C LEU B 160 14.03 24.92 -1.55
N ILE B 161 13.67 23.79 -2.14
CA ILE B 161 14.67 22.87 -2.73
C ILE B 161 15.14 23.43 -4.08
N PHE B 162 14.23 23.90 -4.93
CA PHE B 162 14.62 24.23 -6.31
C PHE B 162 15.42 25.54 -6.29
N THR B 163 15.15 26.44 -5.35
CA THR B 163 15.91 27.72 -5.26
C THR B 163 17.16 27.57 -4.42
N ALA B 164 17.16 26.67 -3.45
CA ALA B 164 18.17 26.59 -2.37
C ALA B 164 18.36 27.94 -1.68
N SER B 165 17.36 28.81 -1.70
CA SER B 165 17.42 30.15 -1.05
C SER B 165 17.07 30.01 0.42
N PRO B 166 17.76 30.75 1.30
CA PRO B 166 17.43 30.72 2.72
C PRO B 166 16.07 31.36 2.96
N ILE B 167 15.33 30.82 3.93
CA ILE B 167 14.11 31.53 4.40
C ILE B 167 14.35 31.94 5.86
N THR B 168 13.66 33.01 6.25
CA THR B 168 13.69 33.56 7.62
C THR B 168 12.90 32.62 8.52
N ALA B 169 13.09 32.81 9.82
CA ALA B 169 12.31 32.16 10.88
C ALA B 169 10.85 32.57 10.74
N GLN B 170 10.58 33.82 10.37
CA GLN B 170 9.21 34.35 10.27
C GLN B 170 8.50 33.61 9.13
N ARG B 171 9.15 33.45 8.01
CA ARG B 171 8.52 32.69 6.89
C ARG B 171 8.41 31.20 7.25
N ALA B 172 9.42 30.60 7.87
CA ALA B 172 9.41 29.19 8.34
C ALA B 172 8.25 28.97 9.30
N LEU B 173 7.91 29.95 10.15
CA LEU B 173 6.73 29.83 11.05
C LEU B 173 5.45 29.90 10.21
N ALA B 174 5.37 30.84 9.28
CA ALA B 174 4.16 31.13 8.50
C ALA B 174 3.81 29.86 7.72
N VAL B 175 4.81 29.17 7.17
CA VAL B 175 4.52 28.01 6.25
C VAL B 175 4.38 26.69 7.03
N GLY B 176 4.57 26.66 8.35
CA GLY B 176 4.32 25.49 9.19
C GLY B 176 5.53 24.62 9.46
N ILE B 177 6.75 25.08 9.11
CA ILE B 177 8.02 24.41 9.47
C ILE B 177 8.30 24.49 10.98
N LEU B 178 8.18 25.67 11.58
CA LEU B 178 8.54 25.96 12.99
C LEU B 178 7.32 25.94 13.87
N ASN B 179 7.50 25.59 15.14
CA ASN B 179 6.45 25.67 16.17
C ASN B 179 6.38 27.11 16.69
N HIS B 180 7.54 27.69 17.04
CA HIS B 180 7.57 29.02 17.70
C HIS B 180 8.82 29.73 17.22
N VAL B 181 8.70 31.04 17.16
CA VAL B 181 9.85 31.94 16.93
C VAL B 181 9.92 32.87 18.13
N VAL B 182 11.08 32.99 18.72
CA VAL B 182 11.26 33.82 19.94
C VAL B 182 12.50 34.71 19.74
N GLU B 183 12.53 35.85 20.42
CA GLU B 183 13.75 36.70 20.49
C GLU B 183 14.88 35.86 21.06
N VAL B 184 16.11 36.03 20.57
CA VAL B 184 17.26 35.15 20.96
CA VAL B 184 17.21 35.09 20.95
C VAL B 184 17.40 35.11 22.47
N GLU B 185 17.21 36.24 23.15
N GLU B 185 17.25 36.25 23.13
CA GLU B 185 17.44 36.37 24.62
CA GLU B 185 17.46 36.35 24.59
C GLU B 185 16.36 35.61 25.41
C GLU B 185 16.50 35.40 25.32
N GLU B 186 15.30 35.14 24.76
CA GLU B 186 14.20 34.37 25.41
C GLU B 186 14.20 32.90 24.94
N LEU B 187 15.05 32.52 24.00
CA LEU B 187 14.99 31.20 23.30
C LEU B 187 15.18 30.06 24.31
N GLU B 188 16.26 30.13 25.09
N GLU B 188 16.28 30.07 25.06
CA GLU B 188 16.63 29.07 26.05
CA GLU B 188 16.56 29.04 26.09
C GLU B 188 15.50 28.85 27.06
C GLU B 188 15.37 28.93 27.04
N ASP B 189 14.94 29.89 27.71
N ASP B 189 14.96 30.04 27.65
CA ASP B 189 13.91 29.67 28.76
CA ASP B 189 13.91 30.04 28.71
C ASP B 189 12.56 29.32 28.12
C ASP B 189 12.64 29.39 28.12
N PHE B 190 12.23 29.85 26.94
CA PHE B 190 10.97 29.45 26.27
C PHE B 190 11.01 27.92 26.02
N THR B 191 12.13 27.43 25.51
CA THR B 191 12.31 26.01 25.10
C THR B 191 12.34 25.14 26.35
N LEU B 192 13.07 25.55 27.38
CA LEU B 192 13.12 24.78 28.63
C LEU B 192 11.74 24.70 29.27
N GLN B 193 10.95 25.77 29.32
CA GLN B 193 9.63 25.70 29.98
C GLN B 193 8.76 24.72 29.20
N MET B 194 8.86 24.70 27.88
CA MET B 194 8.04 23.73 27.13
C MET B 194 8.55 22.30 27.42
N ALA B 195 9.87 22.08 27.47
CA ALA B 195 10.43 20.73 27.69
C ALA B 195 10.06 20.28 29.10
N HIS B 196 10.14 21.16 30.12
CA HIS B 196 9.71 20.78 31.51
CA HIS B 196 9.74 20.73 31.50
C HIS B 196 8.24 20.38 31.52
N HIS B 197 7.43 21.13 30.81
CA HIS B 197 5.97 20.90 30.82
CA HIS B 197 5.96 20.91 30.77
C HIS B 197 5.69 19.52 30.21
N ILE B 198 6.28 19.25 29.05
CA ILE B 198 6.11 17.92 28.40
C ILE B 198 6.56 16.82 29.37
N SER B 199 7.58 17.05 30.17
CA SER B 199 8.20 16.03 31.04
CA SER B 199 8.20 16.02 31.03
C SER B 199 7.26 15.66 32.20
N GLU B 200 6.16 16.42 32.41
CA GLU B 200 5.20 16.08 33.50
C GLU B 200 4.15 15.11 32.95
N LYS B 201 4.12 14.94 31.63
CA LYS B 201 3.02 14.17 30.99
C LYS B 201 3.40 12.69 30.97
N ALA B 202 2.49 11.83 30.52
CA ALA B 202 2.67 10.37 30.60
C ALA B 202 3.65 9.88 29.53
N PRO B 203 4.83 9.39 29.92
CA PRO B 203 5.86 9.06 28.94
C PRO B 203 5.56 7.87 28.01
N LEU B 204 4.80 6.90 28.51
CA LEU B 204 4.47 5.70 27.69
C LEU B 204 3.45 6.12 26.62
N ALA B 205 2.54 7.02 26.96
CA ALA B 205 1.52 7.57 26.02
C ALA B 205 2.25 8.42 24.98
N ILE B 206 3.17 9.29 25.41
CA ILE B 206 3.98 10.04 24.44
C ILE B 206 4.69 9.07 23.49
N ALA B 207 5.33 8.03 23.99
CA ALA B 207 6.20 7.19 23.15
C ALA B 207 5.33 6.48 22.11
N VAL B 208 4.20 5.93 22.53
CA VAL B 208 3.39 5.14 21.57
C VAL B 208 2.77 6.08 20.54
N ILE B 209 2.36 7.29 20.93
CA ILE B 209 1.79 8.27 19.99
C ILE B 209 2.87 8.74 19.02
N LYS B 210 4.08 8.99 19.51
CA LYS B 210 5.18 9.41 18.61
C LYS B 210 5.42 8.29 17.59
N GLU B 211 5.41 7.02 18.03
CA GLU B 211 5.69 5.87 17.16
C GLU B 211 4.54 5.70 16.17
N GLU B 212 3.29 5.93 16.58
CA GLU B 212 2.13 5.85 15.68
C GLU B 212 2.25 6.93 14.59
N LEU B 213 2.67 8.14 14.95
CA LEU B 213 2.90 9.22 13.96
C LEU B 213 4.03 8.85 13.03
N ARG B 214 5.12 8.29 13.56
CA ARG B 214 6.25 7.88 12.72
C ARG B 214 5.77 6.89 11.66
N VAL B 215 5.06 5.85 12.06
CA VAL B 215 4.68 4.80 11.05
CA VAL B 215 4.57 4.77 11.13
C VAL B 215 3.60 5.37 10.10
N LEU B 216 2.66 6.19 10.57
CA LEU B 216 1.69 6.81 9.62
C LEU B 216 2.45 7.74 8.67
N GLY B 217 3.46 8.45 9.17
CA GLY B 217 4.24 9.36 8.31
C GLY B 217 5.02 8.61 7.24
N GLU B 218 5.42 7.38 7.53
CA GLU B 218 6.24 6.57 6.60
C GLU B 218 5.35 5.81 5.62
N ALA B 219 4.06 5.74 5.92
CA ALA B 219 3.16 4.74 5.26
C ALA B 219 2.70 5.34 3.92
N HIS B 220 3.63 5.92 3.15
CA HIS B 220 3.41 6.20 1.72
C HIS B 220 4.07 5.07 0.94
N THR B 221 3.32 4.14 0.36
CA THR B 221 3.91 2.88 -0.12
C THR B 221 3.93 2.85 -1.66
N MET B 222 4.91 2.16 -2.20
CA MET B 222 5.13 2.04 -3.66
CA MET B 222 5.10 2.03 -3.66
C MET B 222 5.61 0.61 -3.96
N ASN B 223 5.46 0.19 -5.19
CA ASN B 223 5.95 -1.16 -5.60
C ASN B 223 7.47 -1.12 -5.85
N SER B 224 8.08 -2.30 -5.99
CA SER B 224 9.52 -2.47 -6.15
C SER B 224 9.99 -1.76 -7.42
N ASP B 225 9.23 -1.90 -8.50
CA ASP B 225 9.63 -1.32 -9.79
C ASP B 225 9.80 0.20 -9.60
N GLU B 226 8.87 0.85 -8.94
CA GLU B 226 8.92 2.32 -8.80
C GLU B 226 10.19 2.65 -8.02
N PHE B 227 10.48 1.95 -6.93
CA PHE B 227 11.69 2.21 -6.13
CA PHE B 227 11.69 2.24 -6.14
C PHE B 227 12.96 2.03 -7.00
N GLU B 228 13.03 0.92 -7.74
CA GLU B 228 14.25 0.62 -8.54
C GLU B 228 14.40 1.67 -9.66
N ARG B 229 13.27 2.17 -10.17
CA ARG B 229 13.31 3.19 -11.26
C ARG B 229 13.92 4.47 -10.67
N ILE B 230 13.49 4.85 -9.46
CA ILE B 230 14.02 6.08 -8.78
C ILE B 230 15.50 5.86 -8.48
N GLN B 231 15.85 4.69 -7.99
CA GLN B 231 17.27 4.39 -7.66
C GLN B 231 18.10 4.55 -8.96
N GLY B 232 17.63 4.05 -10.09
CA GLY B 232 18.37 4.22 -11.36
C GLY B 232 18.56 5.68 -11.74
N MET B 233 17.52 6.50 -11.56
CA MET B 233 17.58 7.96 -11.83
CA MET B 233 17.60 7.95 -11.85
C MET B 233 18.61 8.58 -10.89
N ARG B 234 18.57 8.18 -9.60
CA ARG B 234 19.52 8.78 -8.62
C ARG B 234 20.96 8.43 -9.05
N ARG B 235 21.17 7.17 -9.47
N ARG B 235 21.17 7.17 -9.45
CA ARG B 235 22.55 6.71 -9.82
CA ARG B 235 22.53 6.69 -9.86
C ARG B 235 23.05 7.50 -11.03
C ARG B 235 23.04 7.53 -11.03
N ALA B 236 22.19 7.81 -12.02
CA ALA B 236 22.55 8.62 -13.21
C ALA B 236 22.97 9.99 -12.69
N VAL B 237 22.37 10.49 -11.63
CA VAL B 237 22.77 11.80 -11.06
C VAL B 237 24.12 11.66 -10.35
N TYR B 238 24.31 10.69 -9.45
CA TYR B 238 25.60 10.65 -8.68
C TYR B 238 26.75 10.15 -9.58
N ASP B 239 26.46 9.59 -10.74
CA ASP B 239 27.47 9.33 -11.81
C ASP B 239 27.72 10.53 -12.74
N SER B 240 27.03 11.66 -12.58
CA SER B 240 26.99 12.72 -13.62
C SER B 240 28.25 13.58 -13.52
N GLU B 241 28.63 14.24 -14.59
CA GLU B 241 29.70 15.29 -14.52
C GLU B 241 29.26 16.43 -13.60
N ASP B 242 27.99 16.84 -13.69
CA ASP B 242 27.38 17.91 -12.85
C ASP B 242 27.67 17.63 -11.37
N TYR B 243 27.51 16.37 -10.90
CA TYR B 243 27.74 16.03 -9.47
C TYR B 243 29.21 16.31 -9.09
N GLN B 244 30.14 15.90 -9.94
CA GLN B 244 31.59 16.18 -9.75
C GLN B 244 31.83 17.69 -9.68
N GLU B 245 31.30 18.42 -10.68
CA GLU B 245 31.40 19.90 -10.81
C GLU B 245 30.84 20.55 -9.54
N GLY B 246 29.67 20.09 -9.07
CA GLY B 246 29.10 20.62 -7.80
C GLY B 246 30.03 20.49 -6.61
N MET B 247 30.59 19.29 -6.42
N MET B 247 30.62 19.31 -6.40
CA MET B 247 31.51 18.96 -5.30
CA MET B 247 31.48 19.08 -5.20
C MET B 247 32.74 19.86 -5.40
C MET B 247 32.78 19.89 -5.38
N ASN B 248 33.35 19.89 -6.60
CA ASN B 248 34.66 20.57 -6.85
C ASN B 248 34.48 22.09 -6.67
N ALA B 249 33.43 22.66 -7.25
CA ALA B 249 33.13 24.11 -7.11
C ALA B 249 32.99 24.46 -5.62
N PHE B 250 32.29 23.64 -4.83
CA PHE B 250 32.10 23.98 -3.40
C PHE B 250 33.48 24.11 -2.72
N LEU B 251 34.31 23.10 -2.90
CA LEU B 251 35.63 22.98 -2.23
C LEU B 251 36.60 24.04 -2.78
N GLU B 252 36.64 24.26 -4.09
CA GLU B 252 37.48 25.31 -4.76
C GLU B 252 36.91 26.72 -4.56
N LYS B 253 35.74 26.85 -3.94
CA LYS B 253 35.05 28.13 -3.57
C LYS B 253 34.80 29.00 -4.82
N ARG B 254 34.23 28.39 -5.87
CA ARG B 254 33.84 29.08 -7.12
C ARG B 254 32.40 28.70 -7.49
N LYS B 255 31.79 29.42 -8.42
CA LYS B 255 30.40 29.18 -8.90
CA LYS B 255 30.40 29.14 -8.84
C LYS B 255 30.43 27.92 -9.77
N PRO B 256 29.60 26.87 -9.54
CA PRO B 256 29.61 25.72 -10.44
C PRO B 256 28.97 26.07 -11.78
N ASN B 257 29.37 25.37 -12.83
CA ASN B 257 28.79 25.52 -14.17
C ASN B 257 28.08 24.21 -14.48
N PHE B 258 26.76 24.12 -14.24
CA PHE B 258 25.99 22.86 -14.50
C PHE B 258 25.51 22.85 -15.95
N VAL B 259 25.58 21.69 -16.60
CA VAL B 259 25.26 21.56 -18.05
C VAL B 259 24.21 20.48 -18.29
N GLY B 260 23.78 19.71 -17.29
CA GLY B 260 22.78 18.64 -17.54
C GLY B 260 23.36 17.29 -17.99
N HIS B 261 24.64 17.02 -17.71
CA HIS B 261 25.35 15.74 -18.02
C HIS B 261 26.20 15.38 -16.81
N ALA C 2 -37.86 12.69 18.15
CA ALA C 2 -37.10 13.62 19.00
C ALA C 2 -36.16 12.83 19.92
N TYR C 3 -35.25 13.60 20.50
CA TYR C 3 -34.00 13.07 21.08
C TYR C 3 -33.86 13.67 22.45
N GLN C 4 -33.40 12.84 23.36
CA GLN C 4 -33.16 13.29 24.73
C GLN C 4 -31.96 14.20 24.75
N TYR C 5 -30.89 13.87 23.99
CA TYR C 5 -29.55 14.47 24.29
C TYR C 5 -29.10 15.41 23.16
N VAL C 6 -29.92 15.63 22.12
CA VAL C 6 -29.64 16.68 21.08
C VAL C 6 -30.97 17.38 20.73
N ASN C 7 -30.89 18.60 20.24
CA ASN C 7 -32.04 19.34 19.65
C ASN C 7 -31.75 19.62 18.18
N VAL C 8 -32.65 19.34 17.27
CA VAL C 8 -32.42 19.58 15.81
C VAL C 8 -33.36 20.70 15.36
N VAL C 9 -32.82 21.71 14.70
CA VAL C 9 -33.57 22.82 14.06
CA VAL C 9 -33.68 22.72 14.01
C VAL C 9 -33.26 22.76 12.55
N THR C 10 -34.28 22.64 11.69
CA THR C 10 -34.10 22.62 10.22
C THR C 10 -34.46 23.97 9.64
N ILE C 11 -33.50 24.61 8.97
CA ILE C 11 -33.69 25.92 8.30
C ILE C 11 -33.41 25.70 6.82
N ASN C 12 -34.49 25.66 6.02
CA ASN C 12 -34.46 25.36 4.57
C ASN C 12 -33.82 23.97 4.41
N LYS C 13 -32.60 23.88 3.87
CA LYS C 13 -31.91 22.58 3.63
C LYS C 13 -30.81 22.33 4.67
N VAL C 14 -30.66 23.22 5.64
CA VAL C 14 -29.61 23.08 6.68
C VAL C 14 -30.21 22.59 8.01
N ALA C 15 -29.61 21.57 8.61
CA ALA C 15 -30.04 21.02 9.91
C ALA C 15 -28.98 21.40 10.93
N VAL C 16 -29.39 22.04 12.01
CA VAL C 16 -28.50 22.44 13.12
C VAL C 16 -28.75 21.48 14.26
N ILE C 17 -27.72 20.72 14.62
CA ILE C 17 -27.80 19.75 15.74
C ILE C 17 -27.09 20.37 16.92
N GLU C 18 -27.88 20.66 17.97
CA GLU C 18 -27.39 21.33 19.19
C GLU C 18 -27.28 20.27 20.29
N PHE C 19 -26.10 20.17 20.89
CA PHE C 19 -25.86 19.22 22.02
C PHE C 19 -26.78 19.62 23.17
N ASN C 20 -27.39 18.62 23.80
CA ASN C 20 -28.27 18.84 24.97
C ASN C 20 -27.83 17.91 26.12
N TYR C 21 -26.55 17.97 26.49
CA TYR C 21 -25.99 17.12 27.57
C TYR C 21 -25.12 18.00 28.48
N GLY C 22 -25.59 19.17 28.84
CA GLY C 22 -24.82 20.19 29.59
C GLY C 22 -24.48 19.74 31.02
N ARG C 23 -25.23 18.78 31.55
CA ARG C 23 -24.99 18.08 32.83
C ARG C 23 -23.53 17.59 32.93
N LYS C 24 -23.03 16.99 31.85
CA LYS C 24 -21.66 16.45 31.75
C LYS C 24 -20.87 17.26 30.71
N LEU C 25 -21.25 18.50 30.48
CA LEU C 25 -20.53 19.45 29.59
C LEU C 25 -20.33 18.80 28.21
N ASN C 26 -21.33 18.06 27.71
CA ASN C 26 -21.38 17.40 26.39
C ASN C 26 -20.19 16.45 26.24
N ALA C 27 -19.77 15.83 27.34
CA ALA C 27 -18.81 14.69 27.32
C ALA C 27 -19.39 13.59 26.45
N LEU C 28 -18.55 12.78 25.78
CA LEU C 28 -19.00 11.82 24.75
C LEU C 28 -19.45 10.49 25.39
N SER C 29 -20.36 10.58 26.36
CA SER C 29 -21.00 9.37 26.94
CA SER C 29 -21.00 9.38 26.94
C SER C 29 -21.71 8.60 25.82
N LYS C 30 -21.81 7.31 25.96
CA LYS C 30 -22.54 6.46 25.00
C LYS C 30 -23.96 7.01 24.79
N VAL C 31 -24.73 7.35 25.82
CA VAL C 31 -26.17 7.76 25.62
C VAL C 31 -26.23 9.02 24.74
N PHE C 32 -25.33 9.95 24.90
CA PHE C 32 -25.24 11.18 24.09
C PHE C 32 -24.81 10.86 22.67
N ILE C 33 -23.74 10.09 22.46
CA ILE C 33 -23.27 9.75 21.08
C ILE C 33 -24.34 8.92 20.37
N ASP C 34 -25.00 8.00 21.07
CA ASP C 34 -26.03 7.18 20.41
C ASP C 34 -27.12 8.14 19.88
N ASP C 35 -27.51 9.15 20.65
CA ASP C 35 -28.54 10.13 20.20
C ASP C 35 -28.02 10.98 19.04
N LEU C 36 -26.78 11.42 19.11
CA LEU C 36 -26.19 12.23 18.01
C LEU C 36 -26.13 11.42 16.71
N MET C 37 -25.76 10.14 16.77
CA MET C 37 -25.67 9.30 15.58
C MET C 37 -27.08 9.03 15.06
N GLN C 38 -28.05 8.82 15.92
CA GLN C 38 -29.45 8.59 15.45
C GLN C 38 -29.97 9.86 14.78
N ALA C 39 -29.71 11.03 15.36
CA ALA C 39 -30.18 12.31 14.79
C ALA C 39 -29.50 12.52 13.43
N LEU C 40 -28.22 12.17 13.29
CA LEU C 40 -27.53 12.27 11.97
CA LEU C 40 -27.53 12.29 11.98
C LEU C 40 -28.16 11.31 10.99
N SER C 41 -28.36 10.05 11.39
CA SER C 41 -28.97 9.05 10.50
C SER C 41 -30.33 9.54 9.97
N ASP C 42 -31.13 10.10 10.86
CA ASP C 42 -32.50 10.57 10.54
C ASP C 42 -32.44 11.73 9.54
N LEU C 43 -31.31 12.45 9.47
CA LEU C 43 -31.11 13.61 8.57
C LEU C 43 -30.52 13.18 7.25
N ASN C 44 -30.23 11.89 7.04
CA ASN C 44 -29.71 11.42 5.74
C ASN C 44 -30.89 11.26 4.80
N ARG C 45 -31.39 12.36 4.32
CA ARG C 45 -32.52 12.37 3.35
CA ARG C 45 -32.60 12.48 3.44
C ARG C 45 -32.23 13.46 2.33
N PRO C 46 -32.77 13.29 1.11
CA PRO C 46 -32.43 14.19 0.02
C PRO C 46 -32.68 15.69 0.22
N GLU C 47 -33.62 16.05 1.08
CA GLU C 47 -34.04 17.46 1.31
C GLU C 47 -33.09 18.11 2.33
N ILE C 48 -32.20 17.34 2.96
CA ILE C 48 -31.17 17.93 3.87
C ILE C 48 -29.86 18.00 3.12
N ARG C 49 -29.17 19.13 3.12
CA ARG C 49 -27.98 19.30 2.26
CA ARG C 49 -27.97 19.30 2.26
C ARG C 49 -26.71 19.61 3.08
N CYS C 50 -26.86 20.01 4.33
CA CYS C 50 -25.67 20.42 5.13
C CYS C 50 -26.07 20.33 6.59
N ILE C 51 -25.12 19.97 7.44
CA ILE C 51 -25.33 19.79 8.89
C ILE C 51 -24.39 20.75 9.58
N ILE C 52 -24.89 21.33 10.66
CA ILE C 52 -24.04 22.09 11.61
C ILE C 52 -24.14 21.35 12.94
N LEU C 53 -23.00 21.13 13.59
CA LEU C 53 -22.94 20.60 14.96
C LEU C 53 -22.57 21.78 15.82
N ARG C 54 -23.27 21.95 16.94
CA ARG C 54 -22.95 23.07 17.84
C ARG C 54 -23.26 22.67 19.28
N ALA C 55 -22.60 23.36 20.21
CA ALA C 55 -23.01 23.47 21.61
C ALA C 55 -24.04 24.61 21.73
N PRO C 56 -24.83 24.63 22.83
CA PRO C 56 -25.79 25.71 23.03
C PRO C 56 -25.11 27.09 22.99
N SER C 57 -25.82 28.05 22.44
CA SER C 57 -25.40 29.47 22.41
C SER C 57 -24.93 29.89 23.79
N GLY C 58 -23.76 30.52 23.89
CA GLY C 58 -23.23 30.99 25.17
C GLY C 58 -22.40 29.95 25.93
N SER C 59 -22.25 28.70 25.44
CA SER C 59 -21.53 27.64 26.18
C SER C 59 -20.10 28.05 26.47
N LYS C 60 -19.67 27.89 27.72
CA LYS C 60 -18.26 27.99 28.09
C LYS C 60 -17.52 26.75 27.57
N VAL C 61 -18.14 25.56 27.59
CA VAL C 61 -17.48 24.30 27.19
C VAL C 61 -18.29 23.73 26.01
N PHE C 62 -17.64 23.62 24.86
CA PHE C 62 -18.25 22.98 23.67
C PHE C 62 -18.47 21.49 23.97
N SER C 63 -17.41 20.81 24.33
CA SER C 63 -17.44 19.39 24.80
C SER C 63 -16.23 19.10 25.65
N ALA C 64 -16.48 18.45 26.78
CA ALA C 64 -15.42 18.08 27.75
C ALA C 64 -14.72 16.79 27.32
N GLY C 65 -15.02 16.27 26.14
CA GLY C 65 -14.28 15.12 25.59
C GLY C 65 -14.88 13.78 25.97
N HIS C 66 -14.06 12.73 25.90
CA HIS C 66 -14.48 11.35 26.19
C HIS C 66 -14.98 11.31 27.63
N ASP C 67 -16.05 10.56 27.89
CA ASP C 67 -16.57 10.37 29.26
C ASP C 67 -15.56 9.51 30.04
N ILE C 68 -14.79 10.11 30.95
CA ILE C 68 -13.69 9.35 31.60
C ILE C 68 -14.27 8.29 32.54
N HIS C 69 -15.48 8.46 33.06
CA HIS C 69 -16.14 7.40 33.87
C HIS C 69 -16.39 6.17 33.01
N GLU C 70 -16.61 6.30 31.71
CA GLU C 70 -16.97 5.16 30.82
C GLU C 70 -15.70 4.56 30.20
N LEU C 71 -14.58 5.30 30.19
CA LEU C 71 -13.30 4.77 29.64
C LEU C 71 -12.98 3.49 30.38
N PRO C 72 -12.81 2.34 29.70
CA PRO C 72 -12.31 1.12 30.34
C PRO C 72 -10.94 1.37 31.00
N SER C 73 -10.87 1.05 32.31
CA SER C 73 -9.66 1.07 33.16
C SER C 73 -9.44 -0.31 33.82
N GLY C 74 -10.23 -1.31 33.43
CA GLY C 74 -10.02 -2.73 33.80
C GLY C 74 -8.99 -3.41 32.91
N GLY C 75 -8.10 -2.61 32.30
CA GLY C 75 -6.98 -3.09 31.47
C GLY C 75 -7.42 -3.61 30.11
N ARG C 76 -8.55 -3.16 29.58
CA ARG C 76 -8.93 -3.44 28.16
C ARG C 76 -8.69 -2.17 27.34
N ASP C 77 -8.73 -2.30 26.00
CA ASP C 77 -8.44 -1.17 25.07
C ASP C 77 -9.53 -0.12 25.24
N PRO C 78 -9.18 1.11 25.66
CA PRO C 78 -10.17 2.17 25.78
C PRO C 78 -10.71 2.74 24.45
N LEU C 79 -10.04 2.47 23.34
CA LEU C 79 -10.37 3.11 22.05
C LEU C 79 -10.46 2.01 20.99
N SER C 80 -11.21 0.98 21.34
CA SER C 80 -11.56 -0.14 20.43
C SER C 80 -12.59 0.32 19.37
N TYR C 81 -12.77 -0.52 18.37
CA TYR C 81 -13.45 -0.13 17.12
C TYR C 81 -14.89 0.33 17.38
N ASP C 82 -15.59 -0.24 18.38
CA ASP C 82 -17.00 -0.03 18.76
CA ASP C 82 -17.01 0.19 18.56
C ASP C 82 -17.15 1.08 19.83
N ASP C 83 -16.07 1.67 20.30
CA ASP C 83 -16.20 2.75 21.32
C ASP C 83 -17.01 3.90 20.71
N PRO C 84 -17.86 4.60 21.49
CA PRO C 84 -18.61 5.75 20.96
C PRO C 84 -17.79 6.78 20.17
N LEU C 85 -16.62 7.23 20.64
CA LEU C 85 -15.84 8.23 19.86
C LEU C 85 -15.45 7.66 18.48
N ARG C 86 -15.01 6.39 18.46
CA ARG C 86 -14.56 5.74 17.20
C ARG C 86 -15.79 5.63 16.28
N GLN C 87 -16.96 5.31 16.82
CA GLN C 87 -18.18 5.20 15.98
CA GLN C 87 -18.20 5.21 16.00
C GLN C 87 -18.57 6.57 15.38
N ILE C 88 -18.56 7.64 16.16
CA ILE C 88 -19.07 8.96 15.72
C ILE C 88 -18.14 9.54 14.64
N THR C 89 -16.82 9.38 14.79
CA THR C 89 -15.87 9.90 13.77
C THR C 89 -16.06 9.12 12.45
N ARG C 90 -16.26 7.82 12.50
CA ARG C 90 -16.54 7.05 11.26
C ARG C 90 -17.81 7.59 10.62
N MET C 91 -18.85 7.77 11.40
CA MET C 91 -20.17 8.20 10.87
C MET C 91 -20.06 9.60 10.28
N ILE C 92 -19.39 10.50 10.97
CA ILE C 92 -19.24 11.88 10.44
C ILE C 92 -18.50 11.85 9.10
N GLN C 93 -17.41 11.06 9.01
CA GLN C 93 -16.58 11.00 7.79
C GLN C 93 -17.32 10.33 6.63
N LYS C 94 -18.20 9.38 6.92
CA LYS C 94 -18.90 8.59 5.85
C LYS C 94 -20.22 9.25 5.47
N PHE C 95 -20.64 10.27 6.21
CA PHE C 95 -21.95 10.96 6.03
C PHE C 95 -21.90 11.68 4.69
N PRO C 96 -22.89 11.47 3.81
CA PRO C 96 -22.85 12.02 2.47
C PRO C 96 -23.14 13.51 2.32
N LYS C 97 -23.27 14.20 3.43
CA LYS C 97 -23.51 15.66 3.43
C LYS C 97 -22.35 16.28 4.16
N PRO C 98 -21.98 17.51 3.85
CA PRO C 98 -21.01 18.22 4.68
C PRO C 98 -21.51 18.40 6.13
N ILE C 99 -20.58 18.30 7.07
CA ILE C 99 -20.84 18.48 8.50
C ILE C 99 -19.88 19.57 8.93
N ILE C 100 -20.44 20.70 9.33
CA ILE C 100 -19.68 21.86 9.84
C ILE C 100 -19.74 21.81 11.36
N SER C 101 -18.59 21.90 12.02
CA SER C 101 -18.52 22.11 13.48
C SER C 101 -18.48 23.62 13.71
N MET C 102 -19.50 24.12 14.38
CA MET C 102 -19.64 25.54 14.73
C MET C 102 -19.34 25.66 16.22
N VAL C 103 -18.16 26.16 16.51
CA VAL C 103 -17.57 26.01 17.85
C VAL C 103 -17.61 27.32 18.65
N GLU C 104 -18.27 27.23 19.80
CA GLU C 104 -18.21 28.23 20.88
C GLU C 104 -17.79 27.47 22.14
N GLY C 105 -16.80 27.99 22.85
CA GLY C 105 -16.34 27.38 24.10
C GLY C 105 -15.11 26.52 23.92
N SER C 106 -14.79 25.79 24.95
CA SER C 106 -13.57 24.96 25.03
C SER C 106 -13.83 23.54 24.49
N VAL C 107 -12.87 23.03 23.73
CA VAL C 107 -12.92 21.71 23.05
C VAL C 107 -11.77 20.85 23.58
N TRP C 108 -12.06 19.66 24.11
CA TRP C 108 -11.09 18.80 24.81
C TRP C 108 -11.02 17.41 24.20
N GLY C 109 -9.80 16.94 23.96
CA GLY C 109 -9.51 15.50 23.72
C GLY C 109 -10.36 14.89 22.62
N GLY C 110 -11.14 13.86 22.96
CA GLY C 110 -11.98 13.18 21.96
C GLY C 110 -12.87 14.13 21.20
N ALA C 111 -13.36 15.20 21.84
CA ALA C 111 -14.19 16.20 21.14
C ALA C 111 -13.34 16.96 20.10
N PHE C 112 -12.06 17.14 20.37
CA PHE C 112 -11.13 17.78 19.40
C PHE C 112 -10.99 16.83 18.18
N GLU C 113 -10.78 15.54 18.43
CA GLU C 113 -10.74 14.57 17.33
C GLU C 113 -12.08 14.60 16.58
N MET C 114 -13.20 14.61 17.29
CA MET C 114 -14.54 14.65 16.63
C MET C 114 -14.66 15.88 15.70
N ILE C 115 -14.31 17.09 16.14
CA ILE C 115 -14.47 18.25 15.21
C ILE C 115 -13.44 18.15 14.09
N MET C 116 -12.26 17.57 14.35
CA MET C 116 -11.23 17.41 13.29
C MET C 116 -11.76 16.45 12.21
N SER C 117 -12.59 15.48 12.60
CA SER C 117 -13.13 14.50 11.64
C SER C 117 -14.23 15.13 10.76
N SER C 118 -14.83 16.23 11.20
CA SER C 118 -15.87 16.96 10.46
C SER C 118 -15.22 17.75 9.29
N ASP C 119 -16.03 18.24 8.36
CA ASP C 119 -15.60 18.80 7.04
C ASP C 119 -14.99 20.19 7.18
N LEU C 120 -15.61 21.05 7.98
CA LEU C 120 -15.22 22.46 8.14
C LEU C 120 -15.38 22.78 9.62
N ILE C 121 -14.58 23.68 10.14
CA ILE C 121 -14.72 24.14 11.53
C ILE C 121 -14.73 25.68 11.46
N ILE C 122 -15.79 26.28 11.99
CA ILE C 122 -15.95 27.74 12.16
CA ILE C 122 -15.88 27.75 12.16
C ILE C 122 -15.99 27.97 13.66
N ALA C 123 -15.14 28.84 14.19
CA ALA C 123 -15.08 28.99 15.65
C ALA C 123 -15.19 30.45 16.07
N ALA C 124 -15.72 30.63 17.28
CA ALA C 124 -15.72 31.94 17.98
C ALA C 124 -14.29 32.32 18.33
N SER C 125 -14.01 33.63 18.37
CA SER C 125 -12.67 34.15 18.70
C SER C 125 -12.25 33.74 20.12
N THR C 126 -13.17 33.40 21.01
CA THR C 126 -12.87 32.99 22.41
C THR C 126 -12.74 31.48 22.60
N SER C 127 -13.00 30.68 21.57
CA SER C 127 -12.93 29.21 21.65
CA SER C 127 -12.92 29.20 21.64
C SER C 127 -11.47 28.75 21.89
N THR C 128 -11.31 27.61 22.51
CA THR C 128 -9.97 27.04 22.78
C THR C 128 -9.97 25.53 22.55
N PHE C 129 -8.80 24.96 22.31
CA PHE C 129 -8.68 23.59 21.76
C PHE C 129 -7.51 22.91 22.42
N SER C 130 -7.73 21.68 22.92
CA SER C 130 -6.62 20.86 23.48
CA SER C 130 -6.68 20.84 23.58
C SER C 130 -6.83 19.39 23.15
N MET C 131 -5.72 18.69 23.00
CA MET C 131 -5.70 17.24 22.78
C MET C 131 -4.95 16.63 23.96
N THR C 132 -5.63 15.80 24.74
CA THR C 132 -5.30 15.52 26.15
C THR C 132 -4.82 14.10 26.46
N PRO C 133 -4.59 13.11 25.56
CA PRO C 133 -4.24 11.76 26.02
C PRO C 133 -3.01 11.66 26.95
N VAL C 134 -2.05 12.55 26.79
CA VAL C 134 -0.83 12.48 27.64
C VAL C 134 -1.11 12.98 29.06
N ASN C 135 -2.25 13.61 29.33
CA ASN C 135 -2.65 13.99 30.70
C ASN C 135 -3.10 12.72 31.45
N LEU C 136 -3.63 11.75 30.74
CA LEU C 136 -4.26 10.56 31.36
C LEU C 136 -3.41 9.29 31.20
N GLY C 137 -2.44 9.27 30.29
CA GLY C 137 -1.63 8.08 30.00
C GLY C 137 -2.31 7.16 29.01
N VAL C 138 -3.25 7.70 28.23
CA VAL C 138 -4.08 6.96 27.24
C VAL C 138 -3.22 6.68 26.01
N PRO C 139 -3.16 5.42 25.50
CA PRO C 139 -2.52 5.14 24.21
C PRO C 139 -3.51 5.34 23.06
N TYR C 140 -3.57 6.54 22.55
CA TYR C 140 -4.53 6.91 21.48
C TYR C 140 -4.30 5.94 20.31
N ASN C 141 -5.36 5.54 19.64
CA ASN C 141 -5.26 4.51 18.59
C ASN C 141 -4.85 5.14 17.25
N LEU C 142 -4.38 4.31 16.32
CA LEU C 142 -3.88 4.76 14.99
C LEU C 142 -4.91 5.61 14.24
N VAL C 143 -6.13 5.14 14.06
CA VAL C 143 -7.17 5.83 13.27
C VAL C 143 -7.37 7.21 13.90
N GLY C 144 -7.44 7.29 15.22
CA GLY C 144 -7.72 8.54 15.93
C GLY C 144 -6.57 9.52 15.75
N ILE C 145 -5.32 9.06 15.89
CA ILE C 145 -4.15 9.94 15.60
C ILE C 145 -4.17 10.40 14.14
N HIS C 146 -4.46 9.50 13.22
CA HIS C 146 -4.46 9.82 11.77
CA HIS C 146 -4.47 9.81 11.78
C HIS C 146 -5.46 10.95 11.52
N ASN C 147 -6.59 10.92 12.23
CA ASN C 147 -7.68 11.95 12.09
C ASN C 147 -7.15 13.33 12.48
N LEU C 148 -6.04 13.38 13.21
CA LEU C 148 -5.45 14.66 13.69
C LEU C 148 -4.36 15.22 12.77
N THR C 149 -4.02 14.54 11.68
CA THR C 149 -2.80 14.83 10.88
C THR C 149 -3.14 15.41 9.52
N ARG C 150 -4.40 15.69 9.19
CA ARG C 150 -4.70 16.13 7.80
C ARG C 150 -4.85 17.65 7.64
N ASP C 151 -4.59 18.44 8.70
CA ASP C 151 -4.84 19.91 8.70
C ASP C 151 -3.54 20.65 9.04
N ALA C 152 -3.04 20.54 10.25
CA ALA C 152 -1.74 21.13 10.63
C ALA C 152 -0.60 20.14 10.34
N GLY C 153 0.62 20.64 10.26
CA GLY C 153 1.80 19.79 10.08
C GLY C 153 2.18 18.94 11.29
N PHE C 154 3.11 18.01 11.08
CA PHE C 154 3.56 17.04 12.10
C PHE C 154 4.08 17.80 13.32
N HIS C 155 4.97 18.76 13.11
CA HIS C 155 5.56 19.49 14.28
C HIS C 155 4.44 20.09 15.13
N ILE C 156 3.45 20.68 14.52
CA ILE C 156 2.35 21.36 15.27
C ILE C 156 1.51 20.32 16.00
N VAL C 157 1.13 19.23 15.33
CA VAL C 157 0.38 18.11 15.94
C VAL C 157 1.14 17.54 17.14
N LYS C 158 2.46 17.40 17.03
CA LYS C 158 3.28 16.85 18.13
C LYS C 158 3.31 17.84 19.28
N GLU C 159 3.45 19.12 19.00
CA GLU C 159 3.33 20.14 20.08
C GLU C 159 1.96 20.02 20.78
N LEU C 160 0.87 19.95 20.02
CA LEU C 160 -0.49 19.86 20.63
CA LEU C 160 -0.48 19.87 20.62
C LEU C 160 -0.60 18.63 21.52
N ILE C 161 -0.17 17.48 21.02
CA ILE C 161 -0.32 16.20 21.75
C ILE C 161 0.67 16.10 22.90
N PHE C 162 1.94 16.43 22.70
CA PHE C 162 2.95 16.21 23.75
C PHE C 162 2.73 17.20 24.89
N THR C 163 2.22 18.38 24.63
CA THR C 163 2.02 19.43 25.70
C THR C 163 0.64 19.29 26.32
N ALA C 164 -0.35 18.80 25.55
CA ALA C 164 -1.76 18.83 25.94
C ALA C 164 -2.17 20.25 26.36
N SER C 165 -1.47 21.28 25.89
CA SER C 165 -1.80 22.69 26.20
C SER C 165 -2.90 23.17 25.26
N PRO C 166 -3.78 24.04 25.78
CA PRO C 166 -4.78 24.69 24.97
C PRO C 166 -4.16 25.67 23.97
N ILE C 167 -4.71 25.69 22.77
CA ILE C 167 -4.40 26.75 21.79
C ILE C 167 -5.63 27.63 21.57
N THR C 168 -5.37 28.89 21.24
CA THR C 168 -6.43 29.88 20.94
C THR C 168 -7.03 29.53 19.58
N ALA C 169 -8.18 30.08 19.29
CA ALA C 169 -8.79 30.03 17.94
C ALA C 169 -7.84 30.70 16.94
N GLN C 170 -7.20 31.80 17.32
CA GLN C 170 -6.32 32.52 16.39
C GLN C 170 -5.18 31.60 15.98
N ARG C 171 -4.59 30.90 16.92
CA ARG C 171 -3.46 29.98 16.59
C ARG C 171 -4.02 28.83 15.76
N ALA C 172 -5.15 28.26 16.16
CA ALA C 172 -5.73 27.12 15.43
C ALA C 172 -5.98 27.53 13.95
N LEU C 173 -6.41 28.75 13.70
CA LEU C 173 -6.60 29.27 12.33
C LEU C 173 -5.26 29.37 11.62
N ALA C 174 -4.25 29.90 12.30
CA ALA C 174 -2.94 30.17 11.70
C ALA C 174 -2.30 28.86 11.26
N VAL C 175 -2.48 27.76 11.99
CA VAL C 175 -1.76 26.48 11.74
C VAL C 175 -2.61 25.59 10.83
N GLY C 176 -3.80 26.05 10.46
CA GLY C 176 -4.65 25.37 9.46
C GLY C 176 -5.62 24.37 10.07
N ILE C 177 -5.88 24.39 11.37
CA ILE C 177 -6.94 23.54 11.99
C ILE C 177 -8.35 24.09 11.66
N LEU C 178 -8.56 25.40 11.70
CA LEU C 178 -9.88 26.04 11.56
C LEU C 178 -10.00 26.67 10.17
N ASN C 179 -11.22 26.72 9.65
CA ASN C 179 -11.51 27.43 8.39
C ASN C 179 -11.60 28.94 8.67
N HIS C 180 -12.38 29.33 9.67
CA HIS C 180 -12.68 30.76 9.97
C HIS C 180 -12.82 30.95 11.47
N VAL C 181 -12.41 32.14 11.94
CA VAL C 181 -12.62 32.59 13.31
C VAL C 181 -13.43 33.92 13.24
N VAL C 182 -14.52 33.99 13.94
CA VAL C 182 -15.40 35.19 13.91
CA VAL C 182 -15.48 35.11 13.90
C VAL C 182 -15.75 35.58 15.35
N GLU C 183 -16.17 36.84 15.58
CA GLU C 183 -16.70 37.28 16.90
C GLU C 183 -17.93 36.42 17.24
N VAL C 184 -18.15 36.09 18.50
CA VAL C 184 -19.26 35.16 18.90
C VAL C 184 -20.58 35.63 18.31
N GLU C 185 -20.84 36.92 18.37
CA GLU C 185 -22.12 37.53 17.90
C GLU C 185 -22.37 37.21 16.42
N GLU C 186 -21.33 36.91 15.63
CA GLU C 186 -21.43 36.68 14.17
C GLU C 186 -21.42 35.15 13.83
N LEU C 187 -21.27 34.28 14.81
CA LEU C 187 -20.94 32.85 14.59
C LEU C 187 -22.11 32.20 13.85
N GLU C 188 -23.35 32.43 14.31
CA GLU C 188 -24.52 31.79 13.67
C GLU C 188 -24.68 32.39 12.26
N ASP C 189 -24.59 33.71 12.11
CA ASP C 189 -24.79 34.38 10.80
C ASP C 189 -23.76 33.85 9.80
N PHE C 190 -22.47 33.84 10.17
CA PHE C 190 -21.38 33.43 9.24
C PHE C 190 -21.57 31.95 8.86
N THR C 191 -21.85 31.09 9.83
CA THR C 191 -21.89 29.62 9.62
C THR C 191 -23.11 29.29 8.77
N LEU C 192 -24.25 29.88 9.08
CA LEU C 192 -25.48 29.57 8.33
C LEU C 192 -25.37 30.08 6.90
N GLN C 193 -24.82 31.29 6.71
CA GLN C 193 -24.59 31.82 5.34
C GLN C 193 -23.80 30.78 4.50
N MET C 194 -22.70 30.26 5.05
CA MET C 194 -21.90 29.26 4.33
C MET C 194 -22.69 27.96 4.13
N ALA C 195 -23.43 27.49 5.14
CA ALA C 195 -24.20 26.23 5.03
C ALA C 195 -25.30 26.37 3.98
N HIS C 196 -26.03 27.48 3.98
CA HIS C 196 -27.09 27.74 2.97
CA HIS C 196 -27.10 27.72 2.97
C HIS C 196 -26.47 27.79 1.56
N HIS C 197 -25.30 28.38 1.42
CA HIS C 197 -24.59 28.50 0.13
C HIS C 197 -24.26 27.07 -0.36
N ILE C 198 -23.66 26.27 0.52
CA ILE C 198 -23.30 24.85 0.20
C ILE C 198 -24.57 24.12 -0.24
N SER C 199 -25.70 24.44 0.39
CA SER C 199 -26.99 23.75 0.15
C SER C 199 -27.59 24.06 -1.23
N GLU C 200 -27.07 25.06 -1.95
CA GLU C 200 -27.47 25.35 -3.35
C GLU C 200 -26.69 24.45 -4.35
N LYS C 201 -25.61 23.80 -3.91
CA LYS C 201 -24.64 23.12 -4.83
C LYS C 201 -25.11 21.69 -5.07
N ALA C 202 -24.38 20.95 -5.91
CA ALA C 202 -24.82 19.63 -6.33
C ALA C 202 -24.50 18.62 -5.25
N PRO C 203 -25.50 18.05 -4.57
CA PRO C 203 -25.25 17.18 -3.42
C PRO C 203 -24.55 15.87 -3.81
N LEU C 204 -24.85 15.30 -4.98
CA LEU C 204 -24.22 14.01 -5.38
C LEU C 204 -22.73 14.23 -5.66
N ALA C 205 -22.36 15.38 -6.25
CA ALA C 205 -20.95 15.74 -6.46
C ALA C 205 -20.26 15.97 -5.12
N ILE C 206 -20.92 16.67 -4.21
CA ILE C 206 -20.37 16.89 -2.83
C ILE C 206 -20.12 15.53 -2.19
N ALA C 207 -21.11 14.62 -2.23
CA ALA C 207 -21.00 13.34 -1.51
C ALA C 207 -19.82 12.55 -2.10
N VAL C 208 -19.65 12.46 -3.43
CA VAL C 208 -18.61 11.55 -3.98
CA VAL C 208 -18.58 11.54 -3.97
C VAL C 208 -17.24 12.19 -3.71
N ILE C 209 -17.17 13.51 -3.79
CA ILE C 209 -15.87 14.17 -3.55
C ILE C 209 -15.52 13.99 -2.07
N LYS C 210 -16.48 14.13 -1.16
CA LYS C 210 -16.19 13.90 0.29
C LYS C 210 -15.62 12.49 0.47
N GLU C 211 -16.24 11.48 -0.15
CA GLU C 211 -15.84 10.09 -0.01
C GLU C 211 -14.46 9.87 -0.62
N GLU C 212 -14.14 10.53 -1.73
CA GLU C 212 -12.83 10.43 -2.38
C GLU C 212 -11.81 10.97 -1.41
N LEU C 213 -12.09 12.08 -0.77
CA LEU C 213 -11.15 12.68 0.22
C LEU C 213 -11.01 11.75 1.41
N ARG C 214 -12.09 11.14 1.87
CA ARG C 214 -12.00 10.22 3.03
C ARG C 214 -11.06 9.08 2.66
N VAL C 215 -11.27 8.42 1.52
CA VAL C 215 -10.44 7.24 1.18
C VAL C 215 -8.98 7.67 0.91
N LEU C 216 -8.74 8.76 0.22
CA LEU C 216 -7.37 9.30 0.07
C LEU C 216 -6.75 9.56 1.46
N GLY C 217 -7.48 10.21 2.35
CA GLY C 217 -6.99 10.49 3.71
C GLY C 217 -6.58 9.24 4.46
N GLU C 218 -7.30 8.14 4.28
CA GLU C 218 -7.06 6.87 5.00
C GLU C 218 -5.93 6.08 4.33
N ALA C 219 -5.52 6.42 3.11
CA ALA C 219 -4.73 5.52 2.21
C ALA C 219 -3.25 5.61 2.58
N HIS C 220 -2.95 5.54 3.86
CA HIS C 220 -1.57 5.36 4.39
C HIS C 220 -1.50 3.92 4.87
N THR C 221 -0.88 3.04 4.12
CA THR C 221 -1.09 1.59 4.35
C THR C 221 0.19 1.02 4.96
N MET C 222 -0.01 -0.05 5.72
CA MET C 222 1.09 -0.76 6.39
CA MET C 222 1.10 -0.76 6.40
C MET C 222 0.79 -2.27 6.39
N ASN C 223 1.83 -3.06 6.65
CA ASN C 223 1.65 -4.52 6.69
C ASN C 223 1.12 -4.95 8.06
N SER C 224 0.55 -6.16 8.12
CA SER C 224 0.00 -6.76 9.35
C SER C 224 1.02 -6.72 10.51
N ASP C 225 2.28 -7.01 10.24
CA ASP C 225 3.27 -7.11 11.33
C ASP C 225 3.36 -5.74 11.99
N GLU C 226 3.41 -4.68 11.20
CA GLU C 226 3.57 -3.33 11.75
C GLU C 226 2.36 -2.98 12.61
N PHE C 227 1.17 -3.28 12.15
CA PHE C 227 -0.06 -3.05 12.95
CA PHE C 227 -0.05 -3.03 12.96
C PHE C 227 -0.01 -3.84 14.28
N GLU C 228 0.34 -5.14 14.24
CA GLU C 228 0.35 -5.99 15.46
C GLU C 228 1.40 -5.49 16.44
N ARG C 229 2.48 -4.94 15.90
CA ARG C 229 3.60 -4.42 16.73
C ARG C 229 3.07 -3.21 17.51
N ILE C 230 2.43 -2.31 16.79
CA ILE C 230 1.84 -1.07 17.38
C ILE C 230 0.79 -1.54 18.40
N GLN C 231 -0.07 -2.49 18.05
CA GLN C 231 -1.09 -2.94 19.01
C GLN C 231 -0.44 -3.46 20.31
N GLY C 232 0.66 -4.20 20.23
CA GLY C 232 1.42 -4.67 21.39
C GLY C 232 1.93 -3.50 22.21
N MET C 233 2.40 -2.48 21.56
CA MET C 233 2.87 -1.29 22.32
C MET C 233 1.70 -0.58 23.01
N ARG C 234 0.55 -0.47 22.36
CA ARG C 234 -0.66 0.15 22.95
C ARG C 234 -1.10 -0.64 24.18
N ARG C 235 -1.18 -1.97 24.07
CA ARG C 235 -1.51 -2.88 25.19
CA ARG C 235 -1.59 -2.79 25.23
C ARG C 235 -0.60 -2.61 26.39
N ALA C 236 0.70 -2.52 26.15
CA ALA C 236 1.70 -2.26 27.24
C ALA C 236 1.32 -0.95 27.93
N VAL C 237 0.87 0.05 27.18
CA VAL C 237 0.46 1.33 27.80
C VAL C 237 -0.87 1.13 28.54
N TYR C 238 -1.89 0.49 27.99
CA TYR C 238 -3.21 0.46 28.69
C TYR C 238 -3.13 -0.57 29.83
N ASP C 239 -2.05 -1.38 29.93
CA ASP C 239 -1.79 -2.25 31.12
C ASP C 239 -0.89 -1.55 32.12
N SER C 240 -0.44 -0.32 31.89
CA SER C 240 0.63 0.29 32.72
C SER C 240 0.03 0.78 34.05
N GLU C 241 0.88 0.99 35.02
CA GLU C 241 0.54 1.68 36.30
C GLU C 241 0.20 3.14 35.98
N ASP C 242 0.93 3.74 35.04
CA ASP C 242 0.73 5.16 34.63
C ASP C 242 -0.70 5.39 34.17
N TYR C 243 -1.30 4.45 33.42
CA TYR C 243 -2.66 4.63 32.89
C TYR C 243 -3.61 4.62 34.08
N GLN C 244 -3.45 3.69 35.03
CA GLN C 244 -4.32 3.68 36.26
C GLN C 244 -4.14 5.02 36.98
N GLU C 245 -2.90 5.46 37.15
CA GLU C 245 -2.60 6.75 37.83
C GLU C 245 -3.28 7.90 37.11
N GLY C 246 -3.25 7.92 35.77
CA GLY C 246 -3.90 8.99 35.02
C GLY C 246 -5.39 9.00 35.28
N MET C 247 -6.03 7.83 35.24
CA MET C 247 -7.49 7.70 35.47
C MET C 247 -7.83 8.15 36.89
N ASN C 248 -7.09 7.64 37.88
CA ASN C 248 -7.34 7.95 39.32
C ASN C 248 -7.18 9.44 39.56
N ALA C 249 -6.08 10.02 39.06
CA ALA C 249 -5.79 11.45 39.21
C ALA C 249 -6.95 12.28 38.63
N PHE C 250 -7.49 11.89 37.48
CA PHE C 250 -8.60 12.66 36.89
C PHE C 250 -9.81 12.60 37.84
N LEU C 251 -10.19 11.40 38.28
CA LEU C 251 -11.37 11.18 39.17
C LEU C 251 -11.16 11.85 40.53
N GLU C 252 -9.93 11.90 41.05
CA GLU C 252 -9.66 12.48 42.38
C GLU C 252 -9.38 13.98 42.24
N LYS C 253 -9.55 14.55 41.04
CA LYS C 253 -9.28 15.99 40.74
C LYS C 253 -7.92 16.41 41.31
N ARG C 254 -6.86 15.64 41.00
CA ARG C 254 -5.45 15.90 41.38
C ARG C 254 -4.49 15.68 40.20
N LYS C 255 -3.25 16.16 40.38
CA LYS C 255 -2.19 16.08 39.34
C LYS C 255 -1.60 14.68 39.32
N PRO C 256 -1.58 14.01 38.14
CA PRO C 256 -0.99 12.68 38.06
C PRO C 256 0.52 12.76 38.23
N ASN C 257 1.09 11.77 38.88
CA ASN C 257 2.56 11.58 38.97
C ASN C 257 2.92 10.34 38.16
N PHE C 258 3.44 10.51 36.94
CA PHE C 258 3.77 9.40 36.02
C PHE C 258 5.19 8.92 36.26
N VAL C 259 5.45 7.62 36.17
CA VAL C 259 6.79 7.02 36.46
C VAL C 259 7.30 6.15 35.33
N GLY C 260 6.59 5.99 34.21
CA GLY C 260 7.20 5.27 33.05
C GLY C 260 7.09 3.76 33.16
N HIS C 261 6.19 3.24 33.98
CA HIS C 261 5.68 1.84 33.89
C HIS C 261 4.21 1.82 34.26
N ALA D 2 24.03 -27.88 26.86
CA ALA D 2 23.90 -26.43 27.02
C ALA D 2 22.43 -25.98 26.96
N TYR D 3 21.46 -26.82 26.50
CA TYR D 3 20.02 -26.43 26.52
C TYR D 3 19.22 -27.54 27.17
N GLN D 4 18.19 -27.17 27.94
CA GLN D 4 17.32 -28.17 28.57
C GLN D 4 16.37 -28.81 27.56
N TYR D 5 15.88 -28.04 26.59
CA TYR D 5 14.69 -28.46 25.78
C TYR D 5 15.02 -28.72 24.32
N VAL D 6 16.28 -28.51 23.93
CA VAL D 6 16.81 -28.90 22.60
C VAL D 6 18.22 -29.46 22.70
N ASN D 7 18.59 -30.23 21.68
CA ASN D 7 19.96 -30.78 21.48
C ASN D 7 20.49 -30.25 20.15
N VAL D 8 21.67 -29.63 20.14
CA VAL D 8 22.26 -29.03 18.92
C VAL D 8 23.48 -29.85 18.51
N VAL D 9 23.55 -30.29 17.27
CA VAL D 9 24.76 -30.95 16.72
C VAL D 9 25.17 -30.16 15.49
N THR D 10 26.43 -29.76 15.39
CA THR D 10 26.98 -29.05 14.21
CA THR D 10 26.99 -29.04 14.23
C THR D 10 28.05 -29.94 13.60
N ILE D 11 27.99 -30.16 12.29
CA ILE D 11 29.11 -30.78 11.55
C ILE D 11 29.38 -29.89 10.34
N ASN D 12 30.62 -29.43 10.24
CA ASN D 12 31.04 -28.58 9.10
C ASN D 12 30.23 -27.28 9.27
N LYS D 13 29.36 -26.96 8.33
CA LYS D 13 28.62 -25.67 8.36
C LYS D 13 27.13 -25.90 8.60
N VAL D 14 26.71 -27.11 8.95
CA VAL D 14 25.28 -27.36 9.19
C VAL D 14 25.03 -27.61 10.69
N ALA D 15 23.96 -27.00 11.22
CA ALA D 15 23.50 -27.31 12.59
C ALA D 15 22.14 -27.97 12.53
N VAL D 16 21.98 -29.05 13.29
CA VAL D 16 20.68 -29.72 13.53
C VAL D 16 20.23 -29.40 14.95
N ILE D 17 19.08 -28.76 15.06
CA ILE D 17 18.44 -28.48 16.36
C ILE D 17 17.36 -29.52 16.52
N GLU D 18 17.55 -30.41 17.48
CA GLU D 18 16.65 -31.53 17.73
C GLU D 18 15.87 -31.20 19.00
N PHE D 19 14.56 -31.27 18.91
CA PHE D 19 13.66 -31.02 20.05
C PHE D 19 13.94 -32.06 21.13
N ASN D 20 13.96 -31.61 22.39
CA ASN D 20 14.10 -32.50 23.56
C ASN D 20 13.01 -32.23 24.58
N TYR D 21 11.76 -32.38 24.16
CA TYR D 21 10.59 -32.02 24.98
C TYR D 21 9.48 -32.98 24.67
N GLY D 22 9.85 -34.23 24.40
CA GLY D 22 8.89 -35.27 24.01
C GLY D 22 7.97 -35.66 25.14
N ARG D 23 8.34 -35.44 26.40
CA ARG D 23 7.40 -35.75 27.52
C ARG D 23 6.18 -34.83 27.43
N LYS D 24 6.28 -33.69 26.76
CA LYS D 24 5.07 -32.87 26.45
C LYS D 24 4.80 -32.81 24.93
N LEU D 25 5.26 -33.79 24.17
CA LEU D 25 5.00 -33.91 22.71
C LEU D 25 5.50 -32.66 21.98
N ASN D 26 6.57 -32.04 22.46
CA ASN D 26 7.23 -30.86 21.88
C ASN D 26 6.22 -29.73 21.71
N ALA D 27 5.28 -29.62 22.63
CA ALA D 27 4.32 -28.51 22.66
C ALA D 27 5.12 -27.22 22.78
N LEU D 28 4.60 -26.14 22.22
CA LEU D 28 5.33 -24.87 22.06
C LEU D 28 5.09 -24.03 23.32
N SER D 29 5.54 -24.56 24.45
CA SER D 29 5.51 -23.85 25.75
CA SER D 29 5.52 -23.87 25.76
C SER D 29 6.53 -22.72 25.71
N LYS D 30 6.36 -21.72 26.56
CA LYS D 30 7.31 -20.61 26.59
C LYS D 30 8.72 -21.18 26.83
N VAL D 31 8.89 -22.13 27.74
CA VAL D 31 10.26 -22.55 28.14
C VAL D 31 10.93 -23.28 26.96
N PHE D 32 10.16 -23.99 26.14
CA PHE D 32 10.70 -24.71 24.95
C PHE D 32 11.03 -23.70 23.87
N ILE D 33 10.11 -22.77 23.56
CA ILE D 33 10.39 -21.73 22.51
C ILE D 33 11.57 -20.88 22.94
N ASP D 34 11.67 -20.53 24.24
CA ASP D 34 12.79 -19.69 24.69
C ASP D 34 14.11 -20.43 24.41
N ASP D 35 14.19 -21.73 24.63
CA ASP D 35 15.43 -22.51 24.37
C ASP D 35 15.70 -22.59 22.87
N LEU D 36 14.68 -22.85 22.06
CA LEU D 36 14.83 -22.90 20.59
CA LEU D 36 14.79 -22.88 20.57
C LEU D 36 15.36 -21.56 20.06
N MET D 37 14.82 -20.44 20.53
CA MET D 37 15.30 -19.11 20.08
C MET D 37 16.73 -18.88 20.57
N GLN D 38 17.06 -19.26 21.79
CA GLN D 38 18.45 -19.08 22.27
C GLN D 38 19.41 -19.94 21.43
N ALA D 39 19.02 -21.18 21.11
CA ALA D 39 19.84 -22.09 20.26
C ALA D 39 20.06 -21.44 18.89
N LEU D 40 19.02 -20.86 18.28
CA LEU D 40 19.17 -20.23 16.94
C LEU D 40 20.06 -19.00 17.05
N SER D 41 19.83 -18.15 18.05
CA SER D 41 20.71 -16.97 18.29
C SER D 41 22.18 -17.42 18.40
N ASP D 42 22.48 -18.46 19.18
CA ASP D 42 23.85 -18.99 19.40
C ASP D 42 24.45 -19.47 18.07
N LEU D 43 23.63 -19.88 17.11
CA LEU D 43 24.08 -20.38 15.79
C LEU D 43 24.20 -19.27 14.74
N ASN D 44 23.92 -18.02 15.10
CA ASN D 44 24.04 -16.90 14.14
C ASN D 44 25.49 -16.45 14.09
N ARG D 45 26.31 -17.29 13.48
CA ARG D 45 27.78 -17.20 13.38
C ARG D 45 28.15 -17.46 11.92
N PRO D 46 29.21 -16.82 11.38
CA PRO D 46 29.52 -16.93 9.97
C PRO D 46 29.85 -18.34 9.46
N GLU D 47 30.32 -19.20 10.35
CA GLU D 47 30.69 -20.59 10.00
C GLU D 47 29.48 -21.52 10.00
N ILE D 48 28.30 -21.07 10.44
CA ILE D 48 27.07 -21.88 10.31
C ILE D 48 26.31 -21.35 9.09
N ARG D 49 25.89 -22.22 8.18
CA ARG D 49 25.29 -21.75 6.91
C ARG D 49 23.91 -22.35 6.65
N CYS D 50 23.46 -23.33 7.42
CA CYS D 50 22.13 -23.94 7.22
C CYS D 50 21.72 -24.63 8.53
N ILE D 51 20.47 -24.46 8.91
CA ILE D 51 19.90 -25.02 10.15
C ILE D 51 18.86 -26.04 9.72
N ILE D 52 18.80 -27.13 10.43
CA ILE D 52 17.67 -28.09 10.35
C ILE D 52 16.98 -28.09 11.70
N LEU D 53 15.65 -28.08 11.67
CA LEU D 53 14.76 -28.27 12.86
CA LEU D 53 14.81 -28.30 12.87
C LEU D 53 14.21 -29.69 12.76
N ARG D 54 14.32 -30.49 13.82
CA ARG D 54 13.75 -31.87 13.75
C ARG D 54 13.28 -32.31 15.15
N ALA D 55 12.37 -33.26 15.16
CA ALA D 55 12.00 -34.05 16.34
C ALA D 55 12.96 -35.25 16.38
N PRO D 56 13.12 -35.88 17.54
CA PRO D 56 13.92 -37.10 17.62
C PRO D 56 13.43 -38.20 16.68
N SER D 57 14.38 -39.00 16.21
CA SER D 57 14.14 -40.22 15.40
CA SER D 57 14.08 -40.18 15.36
C SER D 57 13.04 -41.07 16.02
N GLY D 58 12.02 -41.43 15.25
CA GLY D 58 10.91 -42.32 15.67
C GLY D 58 9.77 -41.60 16.36
N SER D 59 9.79 -40.28 16.47
CA SER D 59 8.70 -39.47 17.06
C SER D 59 7.38 -39.77 16.34
N LYS D 60 6.32 -39.96 17.09
CA LYS D 60 4.95 -40.06 16.55
C LYS D 60 4.43 -38.63 16.32
N VAL D 61 4.81 -37.71 17.21
CA VAL D 61 4.31 -36.31 17.22
C VAL D 61 5.54 -35.44 17.05
N PHE D 62 5.59 -34.75 15.92
CA PHE D 62 6.64 -33.76 15.69
C PHE D 62 6.48 -32.63 16.72
N SER D 63 5.28 -32.05 16.80
CA SER D 63 4.90 -31.03 17.79
C SER D 63 3.39 -30.95 17.92
N ALA D 64 2.92 -30.97 19.18
CA ALA D 64 1.50 -30.90 19.54
C ALA D 64 1.03 -29.45 19.48
N GLY D 65 1.88 -28.50 19.08
CA GLY D 65 1.46 -27.11 18.84
C GLY D 65 1.51 -26.27 20.10
N HIS D 66 0.81 -25.16 20.12
CA HIS D 66 0.73 -24.24 21.29
CA HIS D 66 0.79 -24.26 21.30
C HIS D 66 0.39 -25.09 22.53
N ASP D 67 1.05 -24.85 23.63
CA ASP D 67 0.65 -25.48 24.91
C ASP D 67 -0.68 -24.87 25.34
N ILE D 68 -1.75 -25.65 25.33
CA ILE D 68 -3.13 -25.13 25.54
CA ILE D 68 -3.12 -25.11 25.53
C ILE D 68 -3.26 -24.62 26.98
N HIS D 69 -2.50 -25.18 27.90
CA HIS D 69 -2.41 -24.67 29.31
C HIS D 69 -1.92 -23.21 29.34
N GLU D 70 -1.10 -22.75 28.40
CA GLU D 70 -0.52 -21.37 28.44
C GLU D 70 -1.34 -20.40 27.58
N LEU D 71 -2.41 -20.87 26.92
CA LEU D 71 -3.32 -19.95 26.16
C LEU D 71 -4.04 -19.09 27.19
N PRO D 72 -3.98 -17.74 27.05
CA PRO D 72 -4.72 -16.83 27.92
C PRO D 72 -6.22 -17.09 27.84
N SER D 73 -6.88 -17.17 29.00
CA SER D 73 -8.35 -16.97 29.18
C SER D 73 -8.58 -15.65 29.96
N GLY D 74 -9.84 -15.30 30.21
CA GLY D 74 -10.17 -14.02 30.86
C GLY D 74 -9.76 -12.80 30.04
N GLY D 75 -9.82 -12.90 28.71
CA GLY D 75 -9.97 -11.77 27.77
C GLY D 75 -8.65 -11.11 27.33
N ARG D 76 -7.52 -11.80 27.42
CA ARG D 76 -6.29 -11.35 26.72
C ARG D 76 -6.24 -12.01 25.33
N ASP D 77 -5.62 -11.35 24.38
CA ASP D 77 -5.34 -11.91 23.02
C ASP D 77 -4.40 -13.09 23.19
N PRO D 78 -4.82 -14.30 22.76
CA PRO D 78 -3.94 -15.46 22.80
C PRO D 78 -2.74 -15.44 21.86
N LEU D 79 -2.74 -14.55 20.88
CA LEU D 79 -1.69 -14.50 19.84
C LEU D 79 -1.27 -13.06 19.63
N SER D 80 -0.87 -12.43 20.74
CA SER D 80 -0.36 -11.05 20.70
C SER D 80 1.08 -11.07 20.17
N TYR D 81 1.63 -9.90 19.92
CA TYR D 81 2.93 -9.74 19.23
C TYR D 81 4.05 -10.45 19.99
N ASP D 82 4.03 -10.47 21.34
CA ASP D 82 5.15 -11.07 22.10
C ASP D 82 4.79 -12.47 22.59
N ASP D 83 3.74 -13.10 22.12
CA ASP D 83 3.48 -14.54 22.41
C ASP D 83 4.64 -15.34 21.82
N PRO D 84 5.07 -16.41 22.51
CA PRO D 84 6.21 -17.21 22.03
C PRO D 84 6.09 -17.70 20.57
N LEU D 85 4.94 -18.25 20.16
CA LEU D 85 4.73 -18.67 18.74
C LEU D 85 4.99 -17.48 17.77
N ARG D 86 4.50 -16.29 18.11
CA ARG D 86 4.67 -15.09 17.24
C ARG D 86 6.13 -14.71 17.20
N GLN D 87 6.83 -14.78 18.33
CA GLN D 87 8.28 -14.45 18.41
CA GLN D 87 8.28 -14.44 18.41
C GLN D 87 9.11 -15.43 17.55
N ILE D 88 8.82 -16.74 17.62
N ILE D 88 8.82 -16.72 17.60
CA ILE D 88 9.68 -17.77 16.96
CA ILE D 88 9.75 -17.67 16.93
C ILE D 88 9.49 -17.64 15.44
C ILE D 88 9.50 -17.63 15.42
N THR D 89 8.27 -17.42 14.95
CA THR D 89 8.00 -17.32 13.49
C THR D 89 8.71 -16.08 12.96
N ARG D 90 8.65 -14.93 13.68
CA ARG D 90 9.43 -13.75 13.26
C ARG D 90 10.90 -14.09 13.24
N MET D 91 11.44 -14.71 14.30
CA MET D 91 12.88 -15.02 14.36
C MET D 91 13.31 -15.96 13.22
N ILE D 92 12.52 -16.99 12.91
CA ILE D 92 12.89 -17.91 11.80
C ILE D 92 12.96 -17.11 10.50
N GLN D 93 11.98 -16.23 10.27
CA GLN D 93 11.79 -15.54 8.99
C GLN D 93 12.90 -14.51 8.79
N LYS D 94 13.38 -13.91 9.88
CA LYS D 94 14.42 -12.88 9.85
C LYS D 94 15.81 -13.50 9.93
N PHE D 95 15.92 -14.77 10.25
CA PHE D 95 17.24 -15.44 10.45
C PHE D 95 17.99 -15.48 9.12
N PRO D 96 19.27 -15.05 9.09
CA PRO D 96 19.98 -14.86 7.84
C PRO D 96 20.50 -16.15 7.22
N LYS D 97 20.09 -17.29 7.73
CA LYS D 97 20.54 -18.62 7.22
C LYS D 97 19.27 -19.34 6.83
N PRO D 98 19.30 -20.21 5.82
CA PRO D 98 18.17 -21.09 5.59
C PRO D 98 17.87 -21.98 6.80
N ILE D 99 16.58 -22.14 7.09
CA ILE D 99 16.06 -23.04 8.14
C ILE D 99 15.16 -24.07 7.45
N ILE D 100 15.59 -25.33 7.51
CA ILE D 100 14.85 -26.49 6.94
C ILE D 100 14.10 -27.15 8.08
N SER D 101 12.82 -27.36 7.91
CA SER D 101 12.02 -28.22 8.83
C SER D 101 12.02 -29.65 8.30
N MET D 102 12.60 -30.58 9.07
CA MET D 102 12.69 -32.00 8.72
C MET D 102 11.68 -32.76 9.57
N VAL D 103 10.59 -33.20 8.98
CA VAL D 103 9.38 -33.54 9.74
C VAL D 103 9.16 -35.05 9.74
N GLU D 104 9.11 -35.58 10.95
CA GLU D 104 8.64 -36.97 11.18
C GLU D 104 7.58 -36.84 12.25
N GLY D 105 6.47 -37.51 12.04
CA GLY D 105 5.35 -37.50 12.97
C GLY D 105 4.32 -36.44 12.60
N SER D 106 3.39 -36.23 13.51
CA SER D 106 2.20 -35.38 13.31
C SER D 106 2.51 -33.95 13.74
N VAL D 107 1.98 -32.99 12.99
CA VAL D 107 2.23 -31.54 13.16
C VAL D 107 0.87 -30.89 13.39
N TRP D 108 0.77 -30.09 14.45
CA TRP D 108 -0.52 -29.50 14.93
C TRP D 108 -0.41 -27.99 15.12
N GLY D 109 -1.41 -27.28 14.60
CA GLY D 109 -1.75 -25.89 14.94
C GLY D 109 -0.56 -24.96 14.85
N GLY D 110 -0.21 -24.33 15.96
CA GLY D 110 0.94 -23.43 15.94
C GLY D 110 2.22 -24.09 15.38
N ALA D 111 2.41 -25.40 15.56
CA ALA D 111 3.63 -26.05 15.02
C ALA D 111 3.55 -26.08 13.49
N PHE D 112 2.35 -26.17 12.93
CA PHE D 112 2.18 -26.16 11.45
C PHE D 112 2.57 -24.75 10.98
N GLU D 113 2.07 -23.71 11.66
CA GLU D 113 2.52 -22.34 11.29
C GLU D 113 4.03 -22.24 11.38
N MET D 114 4.63 -22.76 12.45
CA MET D 114 6.10 -22.68 12.65
C MET D 114 6.83 -23.30 11.46
N ILE D 115 6.43 -24.50 11.01
CA ILE D 115 7.20 -25.12 9.88
C ILE D 115 6.89 -24.33 8.60
N MET D 116 5.68 -23.77 8.45
CA MET D 116 5.34 -22.99 7.23
C MET D 116 6.21 -21.72 7.18
N SER D 117 6.58 -21.18 8.31
CA SER D 117 7.42 -19.97 8.40
C SER D 117 8.86 -20.28 8.04
N SER D 118 9.25 -21.54 8.09
CA SER D 118 10.63 -21.96 7.74
C SER D 118 10.79 -21.95 6.21
N ASP D 119 12.00 -22.15 5.74
CA ASP D 119 12.36 -21.90 4.33
C ASP D 119 11.98 -23.11 3.49
N LEU D 120 12.28 -24.32 3.97
CA LEU D 120 11.97 -25.58 3.23
C LEU D 120 11.40 -26.57 4.23
N ILE D 121 10.56 -27.46 3.76
CA ILE D 121 10.02 -28.55 4.59
C ILE D 121 10.26 -29.86 3.83
N ILE D 122 11.01 -30.75 4.45
CA ILE D 122 11.18 -32.13 3.95
C ILE D 122 10.51 -33.07 4.94
N ALA D 123 9.64 -33.97 4.51
CA ALA D 123 8.81 -34.73 5.43
C ALA D 123 8.82 -36.24 5.09
N ALA D 124 8.71 -37.04 6.12
CA ALA D 124 8.48 -38.49 6.01
C ALA D 124 7.16 -38.71 5.34
N SER D 125 7.05 -39.81 4.63
CA SER D 125 5.82 -40.23 3.93
C SER D 125 4.68 -40.50 4.93
N THR D 126 4.95 -40.75 6.20
CA THR D 126 3.92 -41.04 7.23
C THR D 126 3.57 -39.79 8.05
N SER D 127 4.22 -38.65 7.78
CA SER D 127 3.93 -37.38 8.49
CA SER D 127 3.92 -37.39 8.51
C SER D 127 2.50 -36.93 8.17
N THR D 128 1.89 -36.20 9.08
CA THR D 128 0.54 -35.62 8.89
C THR D 128 0.54 -34.20 9.42
N PHE D 129 -0.40 -33.39 8.93
CA PHE D 129 -0.45 -31.91 9.17
C PHE D 129 -1.90 -31.51 9.40
N SER D 130 -2.16 -30.78 10.49
CA SER D 130 -3.51 -30.25 10.85
C SER D 130 -3.33 -28.80 11.32
N MET D 131 -4.24 -27.94 10.88
CA MET D 131 -4.36 -26.54 11.40
C MET D 131 -5.64 -26.48 12.21
N THR D 132 -5.53 -26.18 13.53
CA THR D 132 -6.57 -26.51 14.54
C THR D 132 -7.32 -25.33 15.18
N PRO D 133 -7.24 -24.02 14.81
CA PRO D 133 -7.91 -22.99 15.63
C PRO D 133 -9.43 -23.17 15.77
N VAL D 134 -10.07 -23.77 14.78
CA VAL D 134 -11.54 -23.89 14.78
C VAL D 134 -11.96 -25.02 15.72
N ASN D 135 -11.00 -25.84 16.16
CA ASN D 135 -11.21 -26.87 17.18
C ASN D 135 -11.41 -26.22 18.56
N LEU D 136 -10.74 -25.11 18.78
CA LEU D 136 -10.61 -24.47 20.13
C LEU D 136 -11.37 -23.14 20.18
N GLY D 137 -11.79 -22.60 19.03
CA GLY D 137 -12.46 -21.29 18.99
C GLY D 137 -11.48 -20.12 19.00
N VAL D 138 -10.25 -20.35 18.57
CA VAL D 138 -9.15 -19.34 18.59
C VAL D 138 -9.28 -18.42 17.38
N PRO D 139 -9.27 -17.08 17.57
CA PRO D 139 -9.20 -16.12 16.45
C PRO D 139 -7.72 -15.97 16.07
N TYR D 140 -7.28 -16.81 15.16
CA TYR D 140 -5.89 -16.76 14.66
C TYR D 140 -5.63 -15.33 14.16
N ASN D 141 -4.43 -14.80 14.40
CA ASN D 141 -4.11 -13.39 14.11
C ASN D 141 -3.73 -13.23 12.63
N LEU D 142 -3.77 -12.01 12.10
CA LEU D 142 -3.47 -11.71 10.67
C LEU D 142 -2.08 -12.22 10.26
N VAL D 143 -1.03 -11.90 10.99
CA VAL D 143 0.33 -12.33 10.61
C VAL D 143 0.34 -13.86 10.53
N GLY D 144 -0.26 -14.53 11.52
CA GLY D 144 -0.22 -15.99 11.57
C GLY D 144 -0.93 -16.59 10.37
N ILE D 145 -2.09 -16.06 10.02
CA ILE D 145 -2.87 -16.57 8.87
C ILE D 145 -2.08 -16.31 7.59
N HIS D 146 -1.47 -15.13 7.48
CA HIS D 146 -0.67 -14.74 6.30
CA HIS D 146 -0.69 -14.76 6.28
C HIS D 146 0.45 -15.77 6.08
N ASN D 147 1.07 -16.22 7.16
CA ASN D 147 2.20 -17.18 7.11
C ASN D 147 1.73 -18.52 6.51
N LEU D 148 0.43 -18.79 6.47
CA LEU D 148 -0.15 -20.05 5.91
C LEU D 148 -0.58 -19.92 4.46
N THR D 149 -0.37 -18.77 3.79
CA THR D 149 -0.98 -18.44 2.48
C THR D 149 0.03 -18.39 1.36
N ARG D 150 1.31 -18.67 1.59
CA ARG D 150 2.36 -18.39 0.57
C ARG D 150 2.76 -19.66 -0.18
N ASP D 151 2.06 -20.78 0.03
CA ASP D 151 2.48 -22.08 -0.57
C ASP D 151 1.29 -22.70 -1.32
N ALA D 152 0.25 -23.12 -0.61
CA ALA D 152 -0.99 -23.65 -1.18
C ALA D 152 -1.95 -22.50 -1.48
N GLY D 153 -2.89 -22.72 -2.39
CA GLY D 153 -3.91 -21.72 -2.73
C GLY D 153 -4.95 -21.51 -1.65
N PHE D 154 -5.76 -20.47 -1.83
CA PHE D 154 -6.77 -20.07 -0.85
C PHE D 154 -7.77 -21.21 -0.59
N HIS D 155 -8.30 -21.83 -1.64
CA HIS D 155 -9.30 -22.91 -1.38
C HIS D 155 -8.70 -24.00 -0.50
N ILE D 156 -7.45 -24.38 -0.74
CA ILE D 156 -6.82 -25.49 0.02
C ILE D 156 -6.62 -25.01 1.48
N VAL D 157 -6.10 -23.81 1.66
CA VAL D 157 -5.89 -23.21 3.00
C VAL D 157 -7.22 -23.18 3.77
N LYS D 158 -8.30 -22.81 3.10
CA LYS D 158 -9.58 -22.71 3.78
C LYS D 158 -10.10 -24.10 4.14
N GLU D 159 -9.90 -25.08 3.28
CA GLU D 159 -10.22 -26.47 3.65
C GLU D 159 -9.47 -26.88 4.92
N LEU D 160 -8.15 -26.66 4.95
N LEU D 160 -8.15 -26.70 4.93
CA LEU D 160 -7.28 -27.08 6.09
CA LEU D 160 -7.28 -27.05 6.09
C LEU D 160 -7.80 -26.43 7.37
C LEU D 160 -7.87 -26.44 7.36
N ILE D 161 -8.12 -25.12 7.32
CA ILE D 161 -8.52 -24.37 8.52
C ILE D 161 -9.98 -24.69 8.88
N PHE D 162 -10.90 -24.69 7.94
CA PHE D 162 -12.33 -24.82 8.31
C PHE D 162 -12.62 -26.27 8.75
N THR D 163 -11.92 -27.27 8.22
CA THR D 163 -12.14 -28.67 8.59
C THR D 163 -11.30 -29.04 9.82
N ALA D 164 -10.14 -28.41 10.00
CA ALA D 164 -9.09 -28.84 10.93
C ALA D 164 -8.68 -30.32 10.70
N SER D 165 -8.97 -30.92 9.54
CA SER D 165 -8.71 -32.34 9.29
C SER D 165 -7.23 -32.51 8.95
N PRO D 166 -6.60 -33.63 9.38
CA PRO D 166 -5.21 -33.88 9.06
C PRO D 166 -5.09 -34.14 7.55
N ILE D 167 -4.01 -33.66 6.97
CA ILE D 167 -3.69 -34.08 5.58
C ILE D 167 -2.41 -34.92 5.61
N THR D 168 -2.32 -35.86 4.67
CA THR D 168 -1.10 -36.69 4.50
C THR D 168 0.05 -35.84 3.93
N ALA D 169 1.27 -36.35 4.05
CA ALA D 169 2.46 -35.81 3.39
C ALA D 169 2.25 -35.81 1.87
N GLN D 170 1.61 -36.86 1.33
CA GLN D 170 1.42 -36.94 -0.15
C GLN D 170 0.57 -35.74 -0.60
N ARG D 171 -0.52 -35.49 0.11
CA ARG D 171 -1.41 -34.36 -0.25
C ARG D 171 -0.71 -33.02 0.01
N ALA D 172 0.03 -32.91 1.11
CA ALA D 172 0.79 -31.69 1.43
C ALA D 172 1.80 -31.39 0.30
N LEU D 173 2.40 -32.42 -0.29
CA LEU D 173 3.35 -32.23 -1.41
C LEU D 173 2.60 -31.78 -2.65
N ALA D 174 1.47 -32.42 -2.96
CA ALA D 174 0.67 -32.16 -4.18
C ALA D 174 0.18 -30.70 -4.19
N VAL D 175 -0.17 -30.14 -3.03
CA VAL D 175 -0.84 -28.81 -2.95
C VAL D 175 0.23 -27.73 -2.77
N GLY D 176 1.49 -28.11 -2.63
CA GLY D 176 2.63 -27.18 -2.60
C GLY D 176 3.10 -26.74 -1.24
N ILE D 177 2.64 -27.36 -0.17
CA ILE D 177 3.10 -27.04 1.21
C ILE D 177 4.52 -27.62 1.41
N LEU D 178 4.81 -28.83 0.93
CA LEU D 178 6.11 -29.54 1.20
C LEU D 178 7.03 -29.44 -0.01
N ASN D 179 8.34 -29.44 0.25
CA ASN D 179 9.34 -29.48 -0.84
C ASN D 179 9.50 -30.92 -1.32
N HIS D 180 9.67 -31.84 -0.38
CA HIS D 180 9.99 -33.27 -0.65
C HIS D 180 9.31 -34.16 0.38
N VAL D 181 8.89 -35.32 -0.08
CA VAL D 181 8.44 -36.41 0.81
C VAL D 181 9.34 -37.60 0.50
N VAL D 182 9.84 -38.20 1.56
CA VAL D 182 10.70 -39.40 1.39
CA VAL D 182 10.88 -39.26 1.59
C VAL D 182 10.37 -40.40 2.48
N GLU D 183 10.76 -41.66 2.23
CA GLU D 183 10.54 -42.75 3.21
C GLU D 183 11.30 -42.38 4.48
N VAL D 184 10.75 -42.68 5.67
CA VAL D 184 11.40 -42.25 6.96
C VAL D 184 12.87 -42.61 6.97
N GLU D 185 13.21 -43.79 6.48
CA GLU D 185 14.60 -44.29 6.64
C GLU D 185 15.56 -43.45 5.79
N GLU D 186 15.05 -42.66 4.83
CA GLU D 186 15.87 -41.78 3.95
C GLU D 186 15.82 -40.32 4.40
N LEU D 187 15.03 -39.99 5.41
CA LEU D 187 14.68 -38.58 5.75
C LEU D 187 15.94 -37.83 6.17
N GLU D 188 16.69 -38.40 7.10
N GLU D 188 16.67 -38.36 7.16
CA GLU D 188 17.88 -37.70 7.64
CA GLU D 188 17.92 -37.72 7.63
C GLU D 188 18.98 -37.60 6.57
C GLU D 188 18.87 -37.56 6.45
N ASP D 189 19.22 -38.65 5.78
CA ASP D 189 20.24 -38.62 4.70
C ASP D 189 19.85 -37.61 3.61
N PHE D 190 18.58 -37.63 3.19
CA PHE D 190 18.09 -36.69 2.15
C PHE D 190 18.25 -35.24 2.63
N THR D 191 17.86 -34.97 3.87
CA THR D 191 17.85 -33.58 4.41
C THR D 191 19.29 -33.11 4.61
N LEU D 192 20.17 -33.98 5.15
CA LEU D 192 21.58 -33.60 5.37
C LEU D 192 22.27 -33.32 4.02
N GLN D 193 22.01 -34.12 2.99
CA GLN D 193 22.60 -33.89 1.68
C GLN D 193 22.23 -32.47 1.21
N MET D 194 20.95 -32.13 1.31
CA MET D 194 20.48 -30.81 0.84
C MET D 194 21.08 -29.68 1.68
N ALA D 195 21.11 -29.82 3.00
CA ALA D 195 21.62 -28.76 3.91
C ALA D 195 23.11 -28.52 3.64
N HIS D 196 23.87 -29.60 3.54
CA HIS D 196 25.33 -29.50 3.30
CA HIS D 196 25.33 -29.52 3.28
C HIS D 196 25.56 -28.90 1.90
N HIS D 197 24.74 -29.24 0.90
CA HIS D 197 24.85 -28.65 -0.45
C HIS D 197 24.58 -27.12 -0.34
N ILE D 198 23.53 -26.73 0.34
CA ILE D 198 23.19 -25.28 0.50
C ILE D 198 24.36 -24.57 1.19
N SER D 199 25.07 -25.23 2.10
CA SER D 199 26.10 -24.55 2.95
CA SER D 199 26.11 -24.56 2.95
C SER D 199 27.38 -24.26 2.14
N GLU D 200 27.51 -24.79 0.91
CA GLU D 200 28.67 -24.42 0.03
C GLU D 200 28.35 -23.20 -0.85
N LYS D 201 27.10 -22.72 -0.86
CA LYS D 201 26.70 -21.58 -1.70
C LYS D 201 26.99 -20.26 -0.98
N ALA D 202 26.80 -19.15 -1.67
CA ALA D 202 27.19 -17.81 -1.18
C ALA D 202 26.24 -17.34 -0.07
N PRO D 203 26.70 -17.26 1.18
CA PRO D 203 25.80 -17.01 2.31
C PRO D 203 25.22 -15.60 2.31
N LEU D 204 25.95 -14.60 1.82
CA LEU D 204 25.44 -13.19 1.84
C LEU D 204 24.34 -13.03 0.78
N ALA D 205 24.45 -13.74 -0.35
CA ALA D 205 23.43 -13.80 -1.41
C ALA D 205 22.21 -14.52 -0.85
N ILE D 206 22.38 -15.66 -0.20
CA ILE D 206 21.23 -16.38 0.42
C ILE D 206 20.54 -15.42 1.40
N ALA D 207 21.30 -14.74 2.25
CA ALA D 207 20.64 -13.95 3.31
C ALA D 207 19.85 -12.81 2.68
N VAL D 208 20.43 -12.09 1.71
CA VAL D 208 19.69 -10.91 1.17
C VAL D 208 18.49 -11.40 0.39
N ILE D 209 18.59 -12.54 -0.28
CA ILE D 209 17.44 -13.02 -1.09
C ILE D 209 16.33 -13.51 -0.13
N LYS D 210 16.68 -14.23 0.92
CA LYS D 210 15.67 -14.60 1.95
C LYS D 210 14.97 -13.34 2.48
N GLU D 211 15.73 -12.30 2.79
CA GLU D 211 15.12 -11.06 3.35
C GLU D 211 14.21 -10.36 2.32
N GLU D 212 14.60 -10.34 1.04
CA GLU D 212 13.76 -9.80 -0.04
C GLU D 212 12.46 -10.62 -0.13
N LEU D 213 12.55 -11.93 -0.09
CA LEU D 213 11.31 -12.74 -0.09
C LEU D 213 10.46 -12.46 1.13
N ARG D 214 11.08 -12.29 2.28
CA ARG D 214 10.33 -12.02 3.51
C ARG D 214 9.54 -10.72 3.34
N VAL D 215 10.19 -9.64 2.94
CA VAL D 215 9.49 -8.33 2.81
C VAL D 215 8.44 -8.40 1.68
N LEU D 216 8.72 -9.04 0.56
CA LEU D 216 7.67 -9.16 -0.50
C LEU D 216 6.50 -9.96 0.04
N GLY D 217 6.79 -11.02 0.77
CA GLY D 217 5.73 -11.86 1.36
C GLY D 217 4.86 -11.08 2.32
N GLU D 218 5.46 -10.15 3.07
N GLU D 218 5.45 -10.13 3.06
CA GLU D 218 4.74 -9.33 4.09
CA GLU D 218 4.72 -9.34 4.08
C GLU D 218 3.96 -8.18 3.44
C GLU D 218 3.99 -8.15 3.46
N ALA D 219 4.28 -7.80 2.19
CA ALA D 219 3.90 -6.51 1.57
C ALA D 219 2.45 -6.56 1.01
N HIS D 220 1.53 -7.15 1.76
CA HIS D 220 0.07 -6.99 1.54
C HIS D 220 -0.41 -5.97 2.57
N THR D 221 -0.66 -4.75 2.15
CA THR D 221 -0.83 -3.61 3.06
C THR D 221 -2.30 -3.18 3.11
N MET D 222 -2.67 -2.63 4.23
CA MET D 222 -4.07 -2.20 4.49
CA MET D 222 -4.07 -2.20 4.50
C MET D 222 -4.03 -0.92 5.32
N ASN D 223 -5.14 -0.23 5.38
CA ASN D 223 -5.22 1.02 6.17
C ASN D 223 -5.54 0.69 7.63
N SER D 224 -5.31 1.68 8.52
CA SER D 224 -5.51 1.54 9.97
C SER D 224 -6.94 1.11 10.29
N ASP D 225 -7.92 1.63 9.57
CA ASP D 225 -9.32 1.34 9.91
C ASP D 225 -9.51 -0.16 9.72
N GLU D 226 -9.04 -0.67 8.60
CA GLU D 226 -9.26 -2.12 8.32
C GLU D 226 -8.60 -2.97 9.42
N PHE D 227 -7.38 -2.63 9.84
CA PHE D 227 -6.70 -3.41 10.91
CA PHE D 227 -6.69 -3.39 10.92
C PHE D 227 -7.49 -3.32 12.21
N GLU D 228 -7.96 -2.10 12.59
CA GLU D 228 -8.71 -1.92 13.83
C GLU D 228 -10.05 -2.68 13.78
N ARG D 229 -10.66 -2.75 12.60
CA ARG D 229 -11.95 -3.44 12.39
C ARG D 229 -11.73 -4.94 12.62
N ILE D 230 -10.66 -5.49 12.04
CA ILE D 230 -10.26 -6.93 12.23
C ILE D 230 -9.97 -7.13 13.72
N GLN D 231 -9.24 -6.24 14.35
CA GLN D 231 -8.91 -6.42 15.77
C GLN D 231 -10.18 -6.49 16.62
N GLY D 232 -11.19 -5.66 16.32
CA GLY D 232 -12.45 -5.68 17.07
C GLY D 232 -13.14 -7.03 16.87
N MET D 233 -13.04 -7.57 15.68
CA MET D 233 -13.64 -8.88 15.36
CA MET D 233 -13.66 -8.87 15.37
C MET D 233 -12.95 -9.97 16.17
N ARG D 234 -11.61 -9.92 16.26
CA ARG D 234 -10.79 -10.94 16.97
C ARG D 234 -11.13 -10.86 18.46
N ARG D 235 -11.23 -9.64 19.00
CA ARG D 235 -11.56 -9.43 20.44
C ARG D 235 -12.89 -10.09 20.78
N ALA D 236 -13.92 -9.92 19.95
CA ALA D 236 -15.25 -10.50 20.16
C ALA D 236 -15.09 -12.02 20.21
N VAL D 237 -14.20 -12.58 19.41
CA VAL D 237 -13.99 -14.05 19.43
C VAL D 237 -13.25 -14.41 20.73
N TYR D 238 -12.16 -13.75 21.12
CA TYR D 238 -11.44 -14.23 22.31
C TYR D 238 -12.21 -13.82 23.59
N ASP D 239 -13.29 -13.05 23.47
CA ASP D 239 -14.21 -12.68 24.58
C ASP D 239 -15.41 -13.64 24.62
N SER D 240 -15.48 -14.58 23.68
CA SER D 240 -16.66 -15.41 23.43
C SER D 240 -16.73 -16.57 24.44
N GLU D 241 -17.98 -17.01 24.68
CA GLU D 241 -18.45 -18.26 25.35
CA GLU D 241 -18.21 -18.21 25.49
C GLU D 241 -17.69 -19.41 24.68
N ASP D 242 -17.74 -19.38 23.34
CA ASP D 242 -17.17 -20.48 22.53
C ASP D 242 -15.68 -20.65 22.80
N TYR D 243 -14.93 -19.56 22.95
CA TYR D 243 -13.47 -19.64 23.16
C TYR D 243 -13.25 -20.30 24.53
N GLN D 244 -13.99 -19.90 25.55
CA GLN D 244 -13.84 -20.51 26.91
C GLN D 244 -14.20 -22.01 26.82
N GLU D 245 -15.27 -22.35 26.12
CA GLU D 245 -15.75 -23.74 25.91
C GLU D 245 -14.71 -24.55 25.15
N GLY D 246 -14.07 -23.96 24.12
CA GLY D 246 -13.03 -24.69 23.38
C GLY D 246 -11.87 -25.07 24.29
N MET D 247 -11.40 -24.15 25.12
CA MET D 247 -10.27 -24.44 26.04
C MET D 247 -10.66 -25.47 27.10
N ASN D 248 -11.82 -25.27 27.70
CA ASN D 248 -12.37 -26.13 28.77
C ASN D 248 -12.49 -27.55 28.21
N ALA D 249 -13.02 -27.67 27.01
CA ALA D 249 -13.30 -29.00 26.41
C ALA D 249 -11.96 -29.68 26.22
N PHE D 250 -10.94 -28.92 25.81
CA PHE D 250 -9.63 -29.55 25.53
C PHE D 250 -9.06 -30.11 26.83
N LEU D 251 -9.12 -29.33 27.89
CA LEU D 251 -8.45 -29.68 29.16
C LEU D 251 -9.28 -30.74 29.91
N GLU D 252 -10.61 -30.76 29.75
CA GLU D 252 -11.52 -31.82 30.30
C GLU D 252 -11.55 -33.07 29.40
N LYS D 253 -10.85 -33.08 28.26
CA LYS D 253 -10.75 -34.21 27.29
C LYS D 253 -12.15 -34.59 26.79
N ARG D 254 -12.94 -33.63 26.39
CA ARG D 254 -14.28 -33.91 25.79
C ARG D 254 -14.44 -33.08 24.53
N LYS D 255 -15.52 -33.30 23.79
N LYS D 255 -15.47 -33.36 23.75
CA LYS D 255 -15.81 -32.52 22.56
CA LYS D 255 -15.81 -32.52 22.58
C LYS D 255 -16.58 -31.24 22.87
C LYS D 255 -16.42 -31.20 23.04
N PRO D 256 -16.07 -30.08 22.37
CA PRO D 256 -16.73 -28.81 22.62
C PRO D 256 -18.11 -28.78 22.00
N ASN D 257 -18.99 -28.01 22.61
CA ASN D 257 -20.29 -27.67 22.03
C ASN D 257 -20.27 -26.18 21.67
N PHE D 258 -20.04 -25.85 20.40
CA PHE D 258 -19.98 -24.43 19.97
C PHE D 258 -21.38 -24.00 19.57
N VAL D 259 -21.70 -22.78 19.93
CA VAL D 259 -23.06 -22.20 19.76
C VAL D 259 -23.04 -20.84 19.06
N GLY D 260 -21.86 -20.23 18.82
CA GLY D 260 -21.82 -18.97 18.04
C GLY D 260 -22.05 -17.74 18.91
N HIS D 261 -21.55 -17.76 20.15
CA HIS D 261 -21.57 -16.66 21.17
C HIS D 261 -20.36 -16.82 22.07
N ALA E 2 17.01 -9.20 -40.80
CA ALA E 2 16.89 -7.80 -40.37
C ALA E 2 17.46 -7.64 -38.96
N TYR E 3 17.90 -8.73 -38.29
CA TYR E 3 18.56 -8.66 -36.96
C TYR E 3 19.80 -9.53 -36.96
N GLN E 4 20.85 -9.12 -36.25
CA GLN E 4 22.10 -9.91 -36.17
C GLN E 4 21.91 -11.10 -35.22
N TYR E 5 21.10 -10.98 -34.16
CA TYR E 5 21.13 -11.97 -33.06
C TYR E 5 19.78 -12.66 -32.85
N VAL E 6 18.75 -12.34 -33.65
CA VAL E 6 17.51 -13.13 -33.67
C VAL E 6 17.03 -13.29 -35.11
N ASN E 7 16.20 -14.31 -35.32
CA ASN E 7 15.51 -14.56 -36.60
C ASN E 7 14.01 -14.54 -36.32
N VAL E 8 13.27 -13.74 -37.08
CA VAL E 8 11.80 -13.58 -36.87
C VAL E 8 11.09 -14.20 -38.04
N VAL E 9 10.09 -14.99 -37.74
CA VAL E 9 9.16 -15.60 -38.75
CA VAL E 9 9.17 -15.48 -38.80
C VAL E 9 7.74 -15.20 -38.34
N THR E 10 6.90 -14.81 -39.27
CA THR E 10 5.51 -14.44 -38.96
CA THR E 10 5.51 -14.49 -38.90
C THR E 10 4.61 -15.44 -39.67
N ILE E 11 3.68 -16.05 -38.96
CA ILE E 11 2.72 -17.00 -39.54
C ILE E 11 1.32 -16.48 -39.20
N ASN E 12 0.72 -15.73 -40.13
CA ASN E 12 -0.57 -15.05 -39.94
C ASN E 12 -0.40 -14.07 -38.77
N LYS E 13 -1.00 -14.40 -37.63
CA LYS E 13 -1.03 -13.47 -36.47
C LYS E 13 0.00 -13.88 -35.42
N VAL E 14 0.73 -14.97 -35.66
CA VAL E 14 1.76 -15.44 -34.69
C VAL E 14 3.15 -15.07 -35.18
N ALA E 15 3.98 -14.47 -34.31
CA ALA E 15 5.39 -14.22 -34.60
C ALA E 15 6.27 -15.11 -33.74
N VAL E 16 7.22 -15.79 -34.35
CA VAL E 16 8.25 -16.59 -33.65
C VAL E 16 9.55 -15.84 -33.68
N ILE E 17 10.09 -15.53 -32.52
CA ILE E 17 11.43 -14.91 -32.39
C ILE E 17 12.38 -16.03 -31.95
N GLU E 18 13.33 -16.40 -32.80
CA GLU E 18 14.27 -17.51 -32.54
C GLU E 18 15.62 -16.93 -32.22
N PHE E 19 16.22 -17.31 -31.10
CA PHE E 19 17.55 -16.77 -30.75
C PHE E 19 18.57 -17.16 -31.83
N ASN E 20 19.53 -16.29 -32.08
CA ASN E 20 20.64 -16.58 -33.04
C ASN E 20 21.95 -16.12 -32.41
N TYR E 21 22.27 -16.70 -31.25
CA TYR E 21 23.46 -16.33 -30.45
C TYR E 21 24.03 -17.58 -29.80
N GLY E 22 23.94 -18.69 -30.53
CA GLY E 22 24.40 -20.02 -30.13
C GLY E 22 25.88 -20.06 -29.80
N ARG E 23 26.72 -19.23 -30.41
N ARG E 23 26.67 -19.27 -30.52
CA ARG E 23 28.17 -19.25 -30.11
CA ARG E 23 28.10 -19.02 -30.22
C ARG E 23 28.43 -18.57 -28.75
C ARG E 23 28.26 -18.87 -28.71
N LYS E 24 27.41 -18.05 -28.08
CA LYS E 24 27.54 -17.67 -26.64
C LYS E 24 26.40 -18.33 -25.83
N LEU E 25 25.80 -19.39 -26.36
CA LEU E 25 24.76 -20.21 -25.68
C LEU E 25 23.60 -19.27 -25.33
N ASN E 26 23.34 -18.27 -26.17
CA ASN E 26 22.18 -17.36 -26.04
C ASN E 26 22.25 -16.63 -24.69
N ALA E 27 23.46 -16.35 -24.22
CA ALA E 27 23.66 -15.50 -23.04
C ALA E 27 22.99 -14.14 -23.27
N LEU E 28 22.49 -13.52 -22.21
CA LEU E 28 21.67 -12.30 -22.28
C LEU E 28 22.59 -11.08 -22.34
N SER E 29 23.54 -11.07 -23.29
CA SER E 29 24.44 -9.92 -23.49
CA SER E 29 24.46 -9.94 -23.55
C SER E 29 23.65 -8.71 -23.98
N LYS E 30 24.20 -7.53 -23.77
CA LYS E 30 23.53 -6.28 -24.20
C LYS E 30 23.19 -6.38 -25.70
N VAL E 31 24.10 -6.85 -26.54
CA VAL E 31 23.89 -6.81 -28.02
C VAL E 31 22.76 -7.77 -28.38
N PHE E 32 22.69 -8.92 -27.69
CA PHE E 32 21.61 -9.91 -27.95
C PHE E 32 20.26 -9.31 -27.50
N ILE E 33 20.20 -8.79 -26.28
CA ILE E 33 18.93 -8.27 -25.69
C ILE E 33 18.48 -7.05 -26.49
N ASP E 34 19.39 -6.18 -26.98
CA ASP E 34 18.95 -5.00 -27.78
C ASP E 34 18.25 -5.49 -29.05
N ASP E 35 18.75 -6.53 -29.72
CA ASP E 35 18.11 -7.11 -30.92
C ASP E 35 16.76 -7.76 -30.56
N LEU E 36 16.71 -8.47 -29.43
CA LEU E 36 15.44 -9.09 -29.00
C LEU E 36 14.40 -7.98 -28.79
N MET E 37 14.79 -6.95 -28.05
CA MET E 37 13.83 -5.86 -27.73
C MET E 37 13.42 -5.13 -29.02
N GLN E 38 14.35 -4.91 -29.95
CA GLN E 38 14.03 -4.26 -31.24
C GLN E 38 13.07 -5.15 -32.03
N ALA E 39 13.28 -6.44 -32.07
CA ALA E 39 12.36 -7.35 -32.77
C ALA E 39 10.97 -7.29 -32.13
N LEU E 40 10.87 -7.27 -30.80
CA LEU E 40 9.54 -7.24 -30.16
C LEU E 40 8.85 -5.93 -30.56
N SER E 41 9.59 -4.82 -30.43
CA SER E 41 9.04 -3.47 -30.70
C SER E 41 8.51 -3.43 -32.14
N ASP E 42 9.26 -4.01 -33.07
CA ASP E 42 8.90 -4.06 -34.51
C ASP E 42 7.59 -4.88 -34.67
N LEU E 43 7.31 -5.82 -33.76
CA LEU E 43 6.10 -6.70 -33.88
C LEU E 43 4.91 -6.12 -33.14
N ASN E 44 5.06 -4.96 -32.52
CA ASN E 44 3.93 -4.31 -31.80
C ASN E 44 3.04 -3.65 -32.85
N ARG E 45 2.26 -4.45 -33.57
CA ARG E 45 1.43 -4.04 -34.71
C ARG E 45 0.11 -4.74 -34.51
N PRO E 46 -1.02 -4.13 -34.91
CA PRO E 46 -2.36 -4.69 -34.77
C PRO E 46 -2.58 -6.10 -35.30
N GLU E 47 -1.92 -6.43 -36.41
CA GLU E 47 -2.12 -7.72 -37.11
C GLU E 47 -1.25 -8.83 -36.47
N ILE E 48 -0.37 -8.49 -35.52
CA ILE E 48 0.36 -9.53 -34.71
C ILE E 48 -0.41 -9.73 -33.40
N ARG E 49 -0.69 -10.97 -33.03
CA ARG E 49 -1.55 -11.26 -31.86
C ARG E 49 -0.87 -12.08 -30.78
N CYS E 50 0.22 -12.77 -31.08
CA CYS E 50 0.85 -13.71 -30.13
C CYS E 50 2.32 -13.89 -30.53
N ILE E 51 3.23 -13.81 -29.58
CA ILE E 51 4.69 -13.99 -29.81
C ILE E 51 5.09 -15.32 -29.18
N ILE E 52 5.97 -16.07 -29.86
CA ILE E 52 6.72 -17.21 -29.28
C ILE E 52 8.21 -16.84 -29.26
N LEU E 53 8.86 -17.03 -28.11
CA LEU E 53 10.32 -16.91 -27.93
C LEU E 53 10.88 -18.33 -27.88
N ARG E 54 11.92 -18.61 -28.68
CA ARG E 54 12.47 -19.99 -28.73
C ARG E 54 13.94 -19.89 -29.05
N ALA E 55 14.67 -20.92 -28.65
CA ALA E 55 16.02 -21.20 -29.13
C ALA E 55 15.87 -22.07 -30.37
N PRO E 56 16.93 -22.14 -31.22
CA PRO E 56 16.87 -23.00 -32.40
C PRO E 56 16.55 -24.44 -32.02
N SER E 57 15.89 -25.15 -32.92
CA SER E 57 15.61 -26.61 -32.85
C SER E 57 16.91 -27.35 -32.54
N GLY E 58 16.88 -28.28 -31.61
CA GLY E 58 18.02 -29.11 -31.19
C GLY E 58 18.91 -28.44 -30.20
N SER E 59 18.60 -27.23 -29.72
CA SER E 59 19.47 -26.53 -28.74
C SER E 59 19.64 -27.37 -27.46
N LYS E 60 20.88 -27.57 -27.05
CA LYS E 60 21.20 -28.11 -25.71
C LYS E 60 20.96 -27.06 -24.62
N VAL E 61 21.35 -25.82 -24.88
CA VAL E 61 21.20 -24.67 -23.94
C VAL E 61 20.21 -23.69 -24.53
N PHE E 62 19.10 -23.47 -23.83
CA PHE E 62 18.10 -22.48 -24.25
C PHE E 62 18.74 -21.13 -24.09
N SER E 63 19.28 -20.89 -22.90
CA SER E 63 20.08 -19.68 -22.61
C SER E 63 20.89 -19.92 -21.37
N ALA E 64 22.12 -19.46 -21.43
CA ALA E 64 23.09 -19.56 -20.32
C ALA E 64 22.90 -18.40 -19.34
N GLY E 65 21.89 -17.56 -19.52
CA GLY E 65 21.56 -16.45 -18.60
C GLY E 65 22.45 -15.23 -18.78
N HIS E 66 22.55 -14.40 -17.75
CA HIS E 66 23.32 -13.14 -17.82
C HIS E 66 24.71 -13.49 -18.34
N ASP E 67 25.25 -12.68 -19.24
CA ASP E 67 26.66 -12.76 -19.66
C ASP E 67 27.53 -12.41 -18.47
N ILE E 68 28.27 -13.37 -17.93
CA ILE E 68 29.00 -13.15 -16.65
C ILE E 68 30.14 -12.16 -16.91
N HIS E 69 30.65 -12.07 -18.14
CA HIS E 69 31.73 -11.10 -18.50
C HIS E 69 31.19 -9.66 -18.43
N GLU E 70 29.90 -9.42 -18.62
CA GLU E 70 29.27 -8.07 -18.55
C GLU E 70 28.74 -7.76 -17.13
N LEU E 71 28.77 -8.68 -16.17
CA LEU E 71 28.40 -8.35 -14.76
C LEU E 71 29.46 -7.38 -14.22
N PRO E 72 29.02 -6.23 -13.67
CA PRO E 72 29.91 -5.32 -12.93
C PRO E 72 30.83 -6.05 -11.94
N SER E 73 32.14 -5.80 -12.06
CA SER E 73 33.24 -6.53 -11.36
C SER E 73 33.15 -6.32 -9.86
N GLY E 74 33.16 -5.06 -9.39
CA GLY E 74 33.10 -4.75 -7.95
C GLY E 74 32.62 -3.33 -7.68
N GLY E 75 31.61 -3.19 -6.82
CA GLY E 75 31.13 -1.89 -6.32
C GLY E 75 29.86 -1.40 -6.99
N ARG E 76 29.60 -1.78 -8.25
CA ARG E 76 28.41 -1.31 -9.00
C ARG E 76 27.29 -2.36 -8.87
N ASP E 77 26.04 -1.90 -8.77
CA ASP E 77 24.86 -2.80 -8.75
C ASP E 77 24.85 -3.57 -10.07
N PRO E 78 25.02 -4.88 -10.01
CA PRO E 78 24.93 -5.67 -11.24
C PRO E 78 23.52 -5.83 -11.85
N LEU E 79 22.49 -5.43 -11.14
CA LEU E 79 21.09 -5.64 -11.63
C LEU E 79 20.30 -4.34 -11.47
N SER E 80 20.90 -3.25 -11.93
CA SER E 80 20.32 -1.89 -11.96
CA SER E 80 20.26 -1.91 -11.90
C SER E 80 19.16 -1.83 -12.96
N TYR E 81 18.33 -0.81 -12.88
CA TYR E 81 17.06 -0.70 -13.64
C TYR E 81 17.30 -0.84 -15.15
N ASP E 82 18.39 -0.29 -15.69
CA ASP E 82 18.63 -0.31 -17.16
C ASP E 82 19.60 -1.46 -17.55
N ASP E 83 19.90 -2.40 -16.66
CA ASP E 83 20.59 -3.67 -17.04
C ASP E 83 19.72 -4.39 -18.07
N PRO E 84 20.32 -5.02 -19.09
CA PRO E 84 19.54 -5.65 -20.15
C PRO E 84 18.50 -6.66 -19.65
N LEU E 85 18.83 -7.50 -18.67
CA LEU E 85 17.88 -8.50 -18.14
C LEU E 85 16.68 -7.74 -17.56
N ARG E 86 16.95 -6.65 -16.85
CA ARG E 86 15.89 -5.82 -16.20
C ARG E 86 15.01 -5.18 -17.28
N GLN E 87 15.61 -4.68 -18.37
N GLN E 87 15.63 -4.69 -18.36
CA GLN E 87 14.89 -4.07 -19.50
CA GLN E 87 14.90 -4.07 -19.49
C GLN E 87 13.98 -5.09 -20.19
C GLN E 87 13.98 -5.09 -20.18
N ILE E 88 14.48 -6.29 -20.47
CA ILE E 88 13.69 -7.28 -21.28
C ILE E 88 12.51 -7.82 -20.45
N THR E 89 12.67 -8.08 -19.13
CA THR E 89 11.54 -8.59 -18.32
C THR E 89 10.44 -7.52 -18.29
N ARG E 90 10.80 -6.27 -18.08
CA ARG E 90 9.79 -5.19 -18.11
C ARG E 90 9.10 -5.11 -19.47
N MET E 91 9.86 -5.18 -20.57
CA MET E 91 9.26 -5.11 -21.92
C MET E 91 8.33 -6.30 -22.17
N ILE E 92 8.74 -7.52 -21.85
CA ILE E 92 7.86 -8.71 -21.99
C ILE E 92 6.54 -8.51 -21.22
N GLN E 93 6.63 -8.03 -20.00
CA GLN E 93 5.48 -7.92 -19.08
C GLN E 93 4.54 -6.80 -19.53
N LYS E 94 5.07 -5.70 -20.10
CA LYS E 94 4.25 -4.55 -20.60
C LYS E 94 3.70 -4.79 -22.01
N PHE E 95 4.19 -5.80 -22.69
CA PHE E 95 3.91 -5.99 -24.14
C PHE E 95 2.45 -6.40 -24.25
N PRO E 96 1.64 -5.73 -25.12
CA PRO E 96 0.20 -5.91 -25.15
C PRO E 96 -0.33 -7.15 -25.85
N LYS E 97 0.54 -8.13 -26.04
CA LYS E 97 0.19 -9.41 -26.68
C LYS E 97 0.80 -10.50 -25.79
N PRO E 98 0.19 -11.69 -25.76
CA PRO E 98 0.79 -12.81 -25.05
C PRO E 98 2.17 -13.15 -25.64
N ILE E 99 3.10 -13.42 -24.74
CA ILE E 99 4.47 -13.91 -25.09
C ILE E 99 4.65 -15.32 -24.48
N ILE E 100 4.79 -16.32 -25.34
CA ILE E 100 4.94 -17.75 -24.97
C ILE E 100 6.41 -18.10 -25.05
N SER E 101 7.03 -18.50 -23.93
CA SER E 101 8.39 -19.11 -23.95
C SER E 101 8.25 -20.56 -24.33
N MET E 102 8.85 -20.95 -25.45
CA MET E 102 8.83 -22.34 -25.95
C MET E 102 10.25 -22.91 -25.77
N VAL E 103 10.41 -23.80 -24.79
CA VAL E 103 11.72 -24.08 -24.17
C VAL E 103 12.20 -25.45 -24.60
N GLU E 104 13.36 -25.45 -25.24
CA GLU E 104 14.14 -26.69 -25.52
C GLU E 104 15.52 -26.41 -24.94
N GLY E 105 16.05 -27.32 -24.16
CA GLY E 105 17.39 -27.14 -23.59
C GLY E 105 17.34 -26.67 -22.16
N SER E 106 18.52 -26.35 -21.67
CA SER E 106 18.74 -25.94 -20.27
C SER E 106 18.58 -24.42 -20.14
N VAL E 107 18.00 -23.99 -19.03
CA VAL E 107 17.70 -22.57 -18.75
C VAL E 107 18.39 -22.17 -17.46
N TRP E 108 19.16 -21.08 -17.49
CA TRP E 108 19.98 -20.67 -16.33
C TRP E 108 19.72 -19.23 -15.88
N GLY E 109 19.62 -19.04 -14.58
CA GLY E 109 19.71 -17.71 -13.94
C GLY E 109 18.75 -16.67 -14.51
N GLY E 110 19.30 -15.59 -15.05
CA GLY E 110 18.53 -14.50 -15.67
C GLY E 110 17.57 -15.02 -16.73
N ALA E 111 17.94 -16.06 -17.45
CA ALA E 111 17.09 -16.61 -18.52
C ALA E 111 15.94 -17.35 -17.90
N PHE E 112 16.10 -17.86 -16.70
CA PHE E 112 14.96 -18.48 -15.97
C PHE E 112 14.02 -17.33 -15.56
N GLU E 113 14.55 -16.26 -14.98
CA GLU E 113 13.65 -15.12 -14.68
C GLU E 113 12.98 -14.61 -15.96
N MET E 114 13.67 -14.58 -17.09
CA MET E 114 13.09 -14.06 -18.34
C MET E 114 11.91 -14.93 -18.76
N ILE E 115 12.02 -16.25 -18.76
CA ILE E 115 10.83 -17.07 -19.16
C ILE E 115 9.74 -16.97 -18.08
N MET E 116 10.10 -16.80 -16.80
CA MET E 116 9.09 -16.67 -15.75
C MET E 116 8.32 -15.36 -15.97
N SER E 117 8.95 -14.31 -16.51
CA SER E 117 8.28 -13.00 -16.78
C SER E 117 7.29 -13.12 -17.97
N SER E 118 7.44 -14.11 -18.82
CA SER E 118 6.55 -14.29 -19.98
C SER E 118 5.21 -14.86 -19.53
N ASP E 119 4.25 -14.94 -20.43
CA ASP E 119 2.84 -15.26 -20.05
C ASP E 119 2.59 -16.77 -19.90
N LEU E 120 3.19 -17.60 -20.77
CA LEU E 120 3.02 -19.07 -20.77
C LEU E 120 4.42 -19.67 -21.03
N ILE E 121 4.70 -20.82 -20.44
CA ILE E 121 5.91 -21.62 -20.73
C ILE E 121 5.49 -23.03 -21.17
N ILE E 122 5.87 -23.38 -22.38
CA ILE E 122 5.68 -24.74 -22.95
C ILE E 122 7.09 -25.27 -23.15
N ALA E 123 7.37 -26.45 -22.64
CA ALA E 123 8.74 -26.99 -22.57
C ALA E 123 8.83 -28.44 -23.04
N ALA E 124 9.99 -28.76 -23.62
CA ALA E 124 10.39 -30.14 -23.96
C ALA E 124 10.51 -30.94 -22.67
N SER E 125 10.19 -32.23 -22.75
CA SER E 125 10.33 -33.18 -21.63
C SER E 125 11.79 -33.28 -21.14
N THR E 126 12.78 -32.91 -21.95
CA THR E 126 14.22 -32.98 -21.61
C THR E 126 14.76 -31.63 -21.12
N SER E 127 13.94 -30.57 -21.10
CA SER E 127 14.40 -29.22 -20.67
CA SER E 127 14.41 -29.21 -20.66
C SER E 127 14.71 -29.25 -19.17
N THR E 128 15.61 -28.39 -18.71
CA THR E 128 15.96 -28.27 -17.28
C THR E 128 16.06 -26.79 -16.92
N PHE E 129 15.92 -26.50 -15.65
CA PHE E 129 15.78 -25.12 -15.11
C PHE E 129 16.61 -24.99 -13.83
N SER E 130 17.39 -23.94 -13.77
CA SER E 130 18.21 -23.61 -12.59
CA SER E 130 18.25 -23.60 -12.60
C SER E 130 18.18 -22.09 -12.33
N MET E 131 18.12 -21.71 -11.06
CA MET E 131 18.24 -20.29 -10.67
C MET E 131 19.54 -20.13 -9.89
N THR E 132 20.48 -19.31 -10.38
CA THR E 132 21.91 -19.49 -9.97
C THR E 132 22.54 -18.35 -9.16
N PRO E 133 21.89 -17.27 -8.64
CA PRO E 133 22.64 -16.21 -7.98
C PRO E 133 23.53 -16.69 -6.82
N VAL E 134 23.15 -17.74 -6.11
CA VAL E 134 23.90 -18.19 -4.92
C VAL E 134 25.20 -18.92 -5.35
N ASN E 135 25.33 -19.30 -6.61
CA ASN E 135 26.60 -19.91 -7.14
C ASN E 135 27.66 -18.83 -7.25
N LEU E 136 27.26 -17.57 -7.48
CA LEU E 136 28.17 -16.47 -7.88
C LEU E 136 28.26 -15.41 -6.77
N GLY E 137 27.34 -15.44 -5.78
CA GLY E 137 27.31 -14.41 -4.72
C GLY E 137 26.54 -13.18 -5.12
N VAL E 138 25.63 -13.30 -6.09
CA VAL E 138 24.90 -12.15 -6.67
C VAL E 138 23.75 -11.77 -5.74
N PRO E 139 23.60 -10.47 -5.35
CA PRO E 139 22.39 -10.03 -4.65
C PRO E 139 21.27 -9.72 -5.63
N TYR E 140 20.50 -10.75 -5.97
CA TYR E 140 19.40 -10.60 -6.94
C TYR E 140 18.48 -9.49 -6.44
N ASN E 141 17.95 -8.68 -7.34
CA ASN E 141 17.16 -7.47 -6.96
C ASN E 141 15.68 -7.81 -6.68
N LEU E 142 14.98 -6.88 -6.03
CA LEU E 142 13.59 -7.10 -5.55
C LEU E 142 12.69 -7.44 -6.73
N VAL E 143 12.72 -6.65 -7.78
CA VAL E 143 11.80 -6.86 -8.94
C VAL E 143 12.04 -8.27 -9.50
N GLY E 144 13.31 -8.64 -9.61
CA GLY E 144 13.71 -9.94 -10.21
C GLY E 144 13.26 -11.12 -9.37
N ILE E 145 13.42 -11.02 -8.05
CA ILE E 145 12.94 -12.08 -7.11
C ILE E 145 11.42 -12.15 -7.19
N HIS E 146 10.76 -10.99 -7.20
CA HIS E 146 9.28 -10.93 -7.25
CA HIS E 146 9.28 -10.92 -7.27
C HIS E 146 8.78 -11.68 -8.50
N ASN E 147 9.49 -11.51 -9.61
CA ASN E 147 9.13 -12.17 -10.90
C ASN E 147 9.18 -13.70 -10.79
N LEU E 148 9.87 -14.25 -9.77
CA LEU E 148 9.98 -15.72 -9.57
C LEU E 148 8.93 -16.26 -8.61
N THR E 149 8.05 -15.44 -8.06
CA THR E 149 7.15 -15.79 -6.93
C THR E 149 5.69 -15.96 -7.33
N ARG E 150 5.36 -15.92 -8.61
CA ARG E 150 3.93 -15.82 -9.01
C ARG E 150 3.37 -17.15 -9.51
N ASP E 151 4.13 -18.22 -9.45
CA ASP E 151 3.74 -19.53 -10.04
C ASP E 151 3.85 -20.63 -8.98
N ALA E 152 5.04 -20.96 -8.52
CA ALA E 152 5.25 -21.94 -7.42
C ALA E 152 5.31 -21.20 -6.08
N GLY E 153 5.05 -21.92 -5.01
CA GLY E 153 4.99 -21.37 -3.65
C GLY E 153 6.36 -20.95 -3.13
N PHE E 154 6.37 -20.30 -1.97
CA PHE E 154 7.60 -19.75 -1.36
C PHE E 154 8.62 -20.86 -1.09
N HIS E 155 8.20 -21.96 -0.47
CA HIS E 155 9.13 -23.05 -0.10
C HIS E 155 9.83 -23.57 -1.37
N ILE E 156 9.09 -23.75 -2.45
N ILE E 156 9.09 -23.81 -2.44
CA ILE E 156 9.65 -24.31 -3.70
CA ILE E 156 9.64 -24.27 -3.73
C ILE E 156 10.60 -23.27 -4.33
C ILE E 156 10.66 -23.25 -4.23
N VAL E 157 10.25 -21.99 -4.29
CA VAL E 157 11.13 -20.90 -4.79
C VAL E 157 12.41 -20.88 -3.95
N LYS E 158 12.31 -21.02 -2.63
CA LYS E 158 13.51 -20.94 -1.76
C LYS E 158 14.39 -22.18 -1.98
N GLU E 159 13.81 -23.34 -2.28
CA GLU E 159 14.62 -24.51 -2.66
C GLU E 159 15.38 -24.18 -3.95
N LEU E 160 14.70 -23.69 -4.98
CA LEU E 160 15.36 -23.41 -6.28
C LEU E 160 16.54 -22.45 -6.04
N ILE E 161 16.31 -21.37 -5.33
CA ILE E 161 17.37 -20.33 -5.22
C ILE E 161 18.45 -20.78 -4.26
N PHE E 162 18.11 -21.35 -3.11
CA PHE E 162 19.14 -21.67 -2.10
C PHE E 162 20.01 -22.83 -2.55
N THR E 163 19.47 -23.78 -3.33
CA THR E 163 20.25 -24.96 -3.80
C THR E 163 20.95 -24.63 -5.12
N ALA E 164 20.37 -23.77 -5.96
CA ALA E 164 20.79 -23.58 -7.36
C ALA E 164 20.85 -24.89 -8.14
N SER E 165 20.09 -25.88 -7.72
CA SER E 165 20.04 -27.20 -8.38
C SER E 165 19.00 -27.19 -9.50
N PRO E 166 19.31 -27.90 -10.59
CA PRO E 166 18.40 -27.98 -11.72
C PRO E 166 17.17 -28.78 -11.37
N ILE E 167 16.03 -28.37 -11.90
CA ILE E 167 14.82 -29.21 -11.82
C ILE E 167 14.45 -29.62 -13.23
N THR E 168 13.81 -30.76 -13.33
CA THR E 168 13.32 -31.31 -14.59
C THR E 168 12.08 -30.53 -15.02
N ALA E 169 11.68 -30.71 -16.27
CA ALA E 169 10.43 -30.17 -16.82
C ALA E 169 9.24 -30.79 -16.06
N GLN E 170 9.31 -32.08 -15.74
CA GLN E 170 8.23 -32.80 -15.01
C GLN E 170 8.02 -32.17 -13.62
N ARG E 171 9.10 -31.84 -12.94
CA ARG E 171 8.94 -31.19 -11.61
C ARG E 171 8.42 -29.78 -11.82
N ALA E 172 8.94 -29.08 -12.85
CA ALA E 172 8.60 -27.67 -13.12
C ALA E 172 7.10 -27.59 -13.43
N LEU E 173 6.54 -28.63 -14.06
CA LEU E 173 5.11 -28.69 -14.34
C LEU E 173 4.34 -28.92 -13.03
N ALA E 174 4.80 -29.86 -12.23
CA ALA E 174 4.15 -30.30 -10.97
C ALA E 174 4.06 -29.10 -10.01
N VAL E 175 5.09 -28.26 -9.94
CA VAL E 175 5.06 -27.16 -8.93
C VAL E 175 4.39 -25.89 -9.47
N GLY E 176 4.01 -25.84 -10.76
CA GLY E 176 3.21 -24.75 -11.33
C GLY E 176 4.02 -23.75 -12.12
N ILE E 177 5.32 -24.02 -12.39
CA ILE E 177 6.15 -23.14 -13.23
C ILE E 177 5.75 -23.25 -14.71
N LEU E 178 5.47 -24.45 -15.23
CA LEU E 178 5.25 -24.67 -16.67
C LEU E 178 3.76 -24.84 -16.91
N ASN E 179 3.33 -24.48 -18.11
CA ASN E 179 1.96 -24.78 -18.54
C ASN E 179 1.85 -26.21 -19.04
N HIS E 180 2.76 -26.57 -19.95
CA HIS E 180 2.72 -27.88 -20.62
C HIS E 180 4.14 -28.41 -20.83
N VAL E 181 4.25 -29.72 -20.76
CA VAL E 181 5.48 -30.48 -21.11
C VAL E 181 5.14 -31.40 -22.27
N VAL E 182 5.90 -31.33 -23.34
CA VAL E 182 5.62 -32.19 -24.52
CA VAL E 182 5.62 -32.12 -24.58
C VAL E 182 6.93 -32.77 -25.04
N GLU E 183 6.82 -33.89 -25.74
CA GLU E 183 7.99 -34.51 -26.38
C GLU E 183 8.61 -33.48 -27.34
N VAL E 184 9.91 -33.39 -27.41
CA VAL E 184 10.61 -32.35 -28.20
C VAL E 184 10.14 -32.35 -29.68
N GLU E 185 9.77 -33.50 -30.26
CA GLU E 185 9.39 -33.56 -31.69
C GLU E 185 8.02 -32.90 -31.88
N GLU E 186 7.20 -32.78 -30.81
CA GLU E 186 5.86 -32.16 -30.90
C GLU E 186 5.89 -30.72 -30.36
N LEU E 187 7.00 -30.25 -29.81
CA LEU E 187 7.04 -28.94 -29.09
C LEU E 187 6.56 -27.82 -30.01
N GLU E 188 7.18 -27.66 -31.18
CA GLU E 188 6.84 -26.56 -32.10
C GLU E 188 5.37 -26.65 -32.50
N ASP E 189 4.92 -27.82 -32.95
CA ASP E 189 3.53 -27.95 -33.45
C ASP E 189 2.54 -27.56 -32.34
N PHE E 190 2.79 -28.07 -31.14
CA PHE E 190 1.88 -27.91 -29.97
C PHE E 190 1.78 -26.42 -29.63
N THR E 191 2.92 -25.76 -29.61
CA THR E 191 2.99 -24.34 -29.22
C THR E 191 2.35 -23.45 -30.29
N LEU E 192 2.64 -23.71 -31.58
CA LEU E 192 2.01 -22.94 -32.66
C LEU E 192 0.51 -23.15 -32.66
N GLN E 193 0.00 -24.35 -32.40
CA GLN E 193 -1.46 -24.58 -32.38
C GLN E 193 -2.12 -23.70 -31.28
N MET E 194 -1.49 -23.65 -30.12
CA MET E 194 -2.04 -22.78 -29.04
C MET E 194 -1.94 -21.31 -29.44
N ALA E 195 -0.82 -20.84 -29.99
CA ALA E 195 -0.60 -19.44 -30.40
C ALA E 195 -1.65 -19.03 -31.44
N HIS E 196 -1.91 -19.88 -32.42
CA HIS E 196 -2.91 -19.61 -33.49
CA HIS E 196 -2.90 -19.57 -33.48
C HIS E 196 -4.28 -19.49 -32.84
N HIS E 197 -4.57 -20.37 -31.87
CA HIS E 197 -5.89 -20.38 -31.20
C HIS E 197 -6.09 -19.09 -30.39
N ILE E 198 -5.09 -18.67 -29.61
CA ILE E 198 -5.14 -17.39 -28.85
C ILE E 198 -5.36 -16.25 -29.83
N SER E 199 -4.71 -16.31 -31.00
CA SER E 199 -4.76 -15.24 -32.02
C SER E 199 -6.17 -15.06 -32.61
N GLU E 200 -7.11 -15.97 -32.37
N GLU E 200 -7.07 -16.04 -32.40
CA GLU E 200 -8.48 -15.77 -32.89
CA GLU E 200 -8.52 -16.02 -32.79
C GLU E 200 -9.32 -14.99 -31.88
C GLU E 200 -9.34 -15.14 -31.83
N LYS E 201 -8.78 -14.80 -30.68
CA LYS E 201 -9.53 -14.18 -29.56
C LYS E 201 -9.36 -12.66 -29.63
N ALA E 202 -10.05 -11.97 -28.76
CA ALA E 202 -10.14 -10.51 -28.77
C ALA E 202 -8.87 -9.91 -28.22
N PRO E 203 -8.07 -9.23 -29.07
CA PRO E 203 -6.77 -8.75 -28.64
C PRO E 203 -6.82 -7.60 -27.63
N LEU E 204 -7.85 -6.76 -27.66
CA LEU E 204 -7.91 -5.62 -26.73
C LEU E 204 -8.31 -6.18 -25.36
N ALA E 205 -9.12 -7.25 -25.31
CA ALA E 205 -9.49 -7.89 -24.02
C ALA E 205 -8.23 -8.59 -23.45
N ILE E 206 -7.51 -9.35 -24.29
CA ILE E 206 -6.23 -9.99 -23.87
C ILE E 206 -5.31 -8.90 -23.31
N ALA E 207 -5.12 -7.80 -24.03
CA ALA E 207 -4.13 -6.78 -23.62
C ALA E 207 -4.54 -6.19 -22.28
N VAL E 208 -5.81 -5.86 -22.07
CA VAL E 208 -6.17 -5.17 -20.80
C VAL E 208 -6.10 -6.18 -19.65
N ILE E 209 -6.46 -7.42 -19.88
CA ILE E 209 -6.40 -8.43 -18.81
C ILE E 209 -4.93 -8.73 -18.50
N LYS E 210 -4.07 -8.82 -19.50
CA LYS E 210 -2.62 -8.99 -19.25
C LYS E 210 -2.14 -7.85 -18.36
N GLU E 211 -2.56 -6.63 -18.66
CA GLU E 211 -2.03 -5.44 -17.91
C GLU E 211 -2.59 -5.43 -16.48
N GLU E 212 -3.84 -5.80 -16.29
CA GLU E 212 -4.46 -5.93 -14.95
C GLU E 212 -3.67 -6.96 -14.14
N LEU E 213 -3.36 -8.12 -14.72
CA LEU E 213 -2.51 -9.12 -14.02
C LEU E 213 -1.13 -8.55 -13.71
N ARG E 214 -0.54 -7.78 -14.63
CA ARG E 214 0.80 -7.19 -14.38
C ARG E 214 0.71 -6.32 -13.13
N VAL E 215 -0.26 -5.39 -13.11
CA VAL E 215 -0.30 -4.41 -11.99
CA VAL E 215 -0.42 -4.39 -12.01
C VAL E 215 -0.69 -5.11 -10.68
N LEU E 216 -1.57 -6.09 -10.69
CA LEU E 216 -1.91 -6.87 -9.47
C LEU E 216 -0.66 -7.62 -8.98
N GLY E 217 0.12 -8.15 -9.91
CA GLY E 217 1.34 -8.94 -9.59
C GLY E 217 2.40 -8.06 -8.95
N GLU E 218 2.45 -6.81 -9.36
CA GLU E 218 3.43 -5.83 -8.84
C GLU E 218 2.95 -5.20 -7.53
N ALA E 219 1.67 -5.30 -7.17
CA ALA E 219 1.02 -4.46 -6.12
C ALA E 219 1.32 -5.01 -4.71
N HIS E 220 2.57 -5.38 -4.45
CA HIS E 220 3.15 -5.68 -3.14
C HIS E 220 3.93 -4.42 -2.74
N THR E 221 3.38 -3.57 -1.90
CA THR E 221 3.97 -2.22 -1.71
C THR E 221 4.67 -2.18 -0.37
N MET E 222 5.63 -1.26 -0.26
CA MET E 222 6.45 -1.10 0.96
CA MET E 222 6.46 -1.09 0.96
C MET E 222 6.84 0.37 1.08
N ASN E 223 7.28 0.78 2.24
CA ASN E 223 7.64 2.20 2.37
C ASN E 223 9.09 2.39 1.92
N SER E 224 9.49 3.65 1.82
CA SER E 224 10.81 4.05 1.29
C SER E 224 11.92 3.49 2.19
N ASP E 225 11.73 3.53 3.50
CA ASP E 225 12.78 3.09 4.44
C ASP E 225 13.08 1.61 4.16
N GLU E 226 12.04 0.80 3.99
CA GLU E 226 12.23 -0.66 3.73
C GLU E 226 13.06 -0.81 2.44
N PHE E 227 12.68 -0.16 1.36
CA PHE E 227 13.45 -0.29 0.09
CA PHE E 227 13.44 -0.26 0.09
C PHE E 227 14.90 0.16 0.31
N GLU E 228 15.10 1.27 1.01
CA GLU E 228 16.50 1.77 1.18
C GLU E 228 17.31 0.79 2.05
N ARG E 229 16.66 0.14 3.02
CA ARG E 229 17.32 -0.84 3.92
C ARG E 229 17.75 -2.03 3.05
N ILE E 230 16.85 -2.50 2.19
CA ILE E 230 17.16 -3.66 1.30
C ILE E 230 18.29 -3.24 0.37
N GLN E 231 18.23 -2.03 -0.18
CA GLN E 231 19.31 -1.58 -1.12
C GLN E 231 20.65 -1.57 -0.36
N GLY E 232 20.67 -1.15 0.90
CA GLY E 232 21.92 -1.15 1.72
C GLY E 232 22.43 -2.59 1.91
N MET E 233 21.53 -3.54 2.17
CA MET E 233 21.92 -4.96 2.29
C MET E 233 22.48 -5.42 0.94
N ARG E 234 21.82 -5.09 -0.17
CA ARG E 234 22.30 -5.55 -1.51
C ARG E 234 23.70 -4.97 -1.76
N ARG E 235 23.91 -3.71 -1.48
CA ARG E 235 25.22 -3.07 -1.74
C ARG E 235 26.31 -3.79 -0.95
N ALA E 236 26.04 -4.15 0.31
CA ALA E 236 27.00 -4.88 1.15
C ALA E 236 27.41 -6.18 0.44
N VAL E 237 26.49 -6.85 -0.24
CA VAL E 237 26.76 -8.11 -0.98
C VAL E 237 27.57 -7.80 -2.24
N TYR E 238 27.20 -6.80 -3.04
CA TYR E 238 27.95 -6.55 -4.30
C TYR E 238 29.28 -5.84 -3.98
N ASP E 239 29.51 -5.39 -2.74
CA ASP E 239 30.83 -4.89 -2.23
C ASP E 239 31.64 -6.01 -1.55
N SER E 240 31.14 -7.25 -1.48
CA SER E 240 31.74 -8.29 -0.60
C SER E 240 32.90 -8.97 -1.33
N GLU E 241 33.83 -9.54 -0.58
CA GLU E 241 34.88 -10.46 -1.09
C GLU E 241 34.19 -11.64 -1.78
N ASP E 242 33.14 -12.16 -1.17
CA ASP E 242 32.41 -13.32 -1.72
C ASP E 242 31.94 -13.06 -3.14
N TYR E 243 31.46 -11.84 -3.45
CA TYR E 243 30.94 -11.53 -4.79
C TYR E 243 32.11 -11.61 -5.77
N GLN E 244 33.27 -11.04 -5.41
CA GLN E 244 34.48 -11.09 -6.28
C GLN E 244 34.90 -12.54 -6.52
N GLU E 245 34.92 -13.33 -5.44
CA GLU E 245 35.31 -14.76 -5.46
C GLU E 245 34.36 -15.52 -6.38
N GLY E 246 33.06 -15.24 -6.30
CA GLY E 246 32.10 -15.98 -7.14
C GLY E 246 32.36 -15.73 -8.61
N MET E 247 32.62 -14.48 -8.99
CA MET E 247 32.83 -14.06 -10.40
C MET E 247 34.17 -14.70 -10.85
N ASN E 248 35.21 -14.54 -10.04
CA ASN E 248 36.57 -15.07 -10.34
C ASN E 248 36.50 -16.58 -10.58
N ALA E 249 35.79 -17.34 -9.71
CA ALA E 249 35.69 -18.79 -9.69
C ALA E 249 35.00 -19.25 -10.97
N PHE E 250 33.91 -18.58 -11.34
CA PHE E 250 33.20 -18.95 -12.59
C PHE E 250 34.21 -18.87 -13.77
N LEU E 251 34.91 -17.73 -13.91
CA LEU E 251 35.79 -17.41 -15.07
C LEU E 251 37.05 -18.28 -15.07
N GLU E 252 37.59 -18.65 -13.90
CA GLU E 252 38.75 -19.59 -13.75
C GLU E 252 38.26 -21.04 -13.71
N LYS E 253 36.98 -21.29 -13.95
CA LYS E 253 36.37 -22.65 -13.88
C LYS E 253 36.87 -23.41 -12.65
N ARG E 254 36.66 -22.89 -11.44
CA ARG E 254 36.99 -23.60 -10.18
C ARG E 254 35.84 -23.42 -9.18
N LYS E 255 35.85 -24.19 -8.09
CA LYS E 255 34.80 -24.13 -7.04
C LYS E 255 35.07 -22.87 -6.22
N PRO E 256 34.07 -21.99 -6.02
CA PRO E 256 34.32 -20.79 -5.22
C PRO E 256 34.53 -21.14 -3.74
N ASN E 257 35.28 -20.33 -3.04
CA ASN E 257 35.48 -20.46 -1.58
C ASN E 257 34.79 -19.28 -0.90
N PHE E 258 33.53 -19.44 -0.48
CA PHE E 258 32.79 -18.32 0.16
C PHE E 258 33.07 -18.30 1.67
N VAL E 259 33.28 -17.13 2.25
CA VAL E 259 33.64 -16.95 3.68
C VAL E 259 32.67 -16.02 4.43
N GLY E 260 31.63 -15.46 3.79
CA GLY E 260 30.63 -14.65 4.52
C GLY E 260 31.08 -13.21 4.77
N HIS E 261 32.05 -12.69 4.01
CA HIS E 261 32.42 -11.24 3.95
C HIS E 261 32.73 -10.91 2.51
N ALA F 2 -40.10 -19.10 0.00
CA ALA F 2 -39.56 -19.81 -1.18
C ALA F 2 -39.04 -18.77 -2.17
N TYR F 3 -38.42 -19.28 -3.22
CA TYR F 3 -37.72 -18.46 -4.24
C TYR F 3 -38.15 -19.01 -5.59
N GLN F 4 -38.31 -18.15 -6.58
CA GLN F 4 -38.64 -18.60 -7.96
C GLN F 4 -37.45 -19.36 -8.58
N TYR F 5 -36.21 -18.90 -8.36
CA TYR F 5 -35.01 -19.34 -9.13
C TYR F 5 -33.99 -20.16 -8.34
N VAL F 6 -34.23 -20.46 -7.06
CA VAL F 6 -33.39 -21.41 -6.29
C VAL F 6 -34.33 -22.22 -5.39
N ASN F 7 -33.89 -23.40 -4.99
CA ASN F 7 -34.53 -24.27 -3.99
C ASN F 7 -33.53 -24.46 -2.84
N VAL F 8 -34.00 -24.29 -1.60
CA VAL F 8 -33.13 -24.37 -0.39
C VAL F 8 -33.61 -25.54 0.45
N VAL F 9 -32.69 -26.42 0.83
CA VAL F 9 -32.87 -27.53 1.80
CA VAL F 9 -32.97 -27.44 1.87
C VAL F 9 -31.94 -27.30 2.98
N THR F 10 -32.42 -27.49 4.21
CA THR F 10 -31.58 -27.50 5.44
C THR F 10 -31.51 -28.93 5.96
N ILE F 11 -30.30 -29.39 6.24
CA ILE F 11 -29.98 -30.71 6.83
C ILE F 11 -29.13 -30.44 8.06
N ASN F 12 -29.72 -30.56 9.25
CA ASN F 12 -29.10 -30.20 10.53
C ASN F 12 -28.64 -28.74 10.37
N LYS F 13 -27.34 -28.47 10.42
CA LYS F 13 -26.76 -27.09 10.37
C LYS F 13 -26.18 -26.77 8.97
N VAL F 14 -26.49 -27.56 7.96
CA VAL F 14 -26.03 -27.32 6.56
C VAL F 14 -27.22 -26.87 5.73
N ALA F 15 -27.04 -25.85 4.92
CA ALA F 15 -28.05 -25.41 3.95
C ALA F 15 -27.50 -25.61 2.56
N VAL F 16 -28.29 -26.21 1.69
CA VAL F 16 -27.95 -26.45 0.28
C VAL F 16 -28.82 -25.52 -0.52
N ILE F 17 -28.19 -24.67 -1.32
CA ILE F 17 -28.89 -23.78 -2.25
C ILE F 17 -28.69 -24.39 -3.63
N GLU F 18 -29.79 -24.90 -4.19
CA GLU F 18 -29.78 -25.53 -5.51
C GLU F 18 -30.37 -24.56 -6.54
N PHE F 19 -29.66 -24.38 -7.66
CA PHE F 19 -30.13 -23.50 -8.76
C PHE F 19 -31.44 -24.06 -9.34
N ASN F 20 -32.39 -23.19 -9.66
CA ASN F 20 -33.66 -23.59 -10.36
C ASN F 20 -33.90 -22.68 -11.56
N TYR F 21 -32.93 -22.64 -12.49
CA TYR F 21 -32.96 -21.74 -13.66
C TYR F 21 -32.45 -22.51 -14.87
N GLY F 22 -32.75 -23.80 -14.93
CA GLY F 22 -32.24 -24.75 -15.96
C GLY F 22 -32.67 -24.38 -17.37
N ARG F 23 -33.79 -23.67 -17.49
CA ARG F 23 -34.30 -23.21 -18.81
C ARG F 23 -33.33 -22.17 -19.39
N LYS F 24 -32.50 -21.48 -18.57
CA LYS F 24 -31.47 -20.56 -19.08
C LYS F 24 -30.08 -21.05 -18.66
N LEU F 25 -29.93 -22.35 -18.45
CA LEU F 25 -28.65 -23.03 -18.08
C LEU F 25 -28.02 -22.28 -16.89
N ASN F 26 -28.85 -21.87 -15.93
CA ASN F 26 -28.40 -21.19 -14.68
C ASN F 26 -27.53 -20.00 -15.04
N ALA F 27 -27.83 -19.32 -16.15
CA ALA F 27 -27.13 -18.05 -16.51
C ALA F 27 -27.34 -17.05 -15.37
N LEU F 28 -26.33 -16.21 -15.11
CA LEU F 28 -26.29 -15.28 -13.97
C LEU F 28 -27.06 -13.99 -14.33
N SER F 29 -28.33 -14.14 -14.69
CA SER F 29 -29.28 -13.01 -14.89
CA SER F 29 -29.28 -13.00 -14.90
C SER F 29 -29.51 -12.27 -13.57
N LYS F 30 -29.86 -11.01 -13.65
CA LYS F 30 -30.23 -10.20 -12.46
C LYS F 30 -31.30 -10.95 -11.64
N VAL F 31 -32.35 -11.48 -12.24
CA VAL F 31 -33.45 -12.13 -11.42
C VAL F 31 -32.91 -13.34 -10.66
N PHE F 32 -32.02 -14.12 -11.25
CA PHE F 32 -31.41 -15.32 -10.64
C PHE F 32 -30.51 -14.91 -9.48
N ILE F 33 -29.63 -13.96 -9.71
CA ILE F 33 -28.65 -13.47 -8.70
C ILE F 33 -29.41 -12.86 -7.53
N ASP F 34 -30.40 -12.03 -7.80
CA ASP F 34 -31.23 -11.39 -6.74
C ASP F 34 -31.80 -12.49 -5.85
N ASP F 35 -32.33 -13.58 -6.42
CA ASP F 35 -32.84 -14.71 -5.62
C ASP F 35 -31.74 -15.44 -4.84
N LEU F 36 -30.60 -15.76 -5.47
CA LEU F 36 -29.45 -16.41 -4.78
CA LEU F 36 -29.45 -16.39 -4.80
C LEU F 36 -29.03 -15.53 -3.60
N MET F 37 -28.92 -14.22 -3.81
CA MET F 37 -28.49 -13.30 -2.71
C MET F 37 -29.55 -13.25 -1.60
N GLN F 38 -30.83 -13.28 -1.94
CA GLN F 38 -31.88 -13.25 -0.90
C GLN F 38 -31.78 -14.55 -0.09
N ALA F 39 -31.64 -15.69 -0.77
CA ALA F 39 -31.54 -17.02 -0.12
C ALA F 39 -30.33 -17.04 0.83
N LEU F 40 -29.20 -16.49 0.37
CA LEU F 40 -27.95 -16.43 1.20
CA LEU F 40 -27.97 -16.47 1.21
C LEU F 40 -28.20 -15.58 2.43
N SER F 41 -28.75 -14.39 2.26
CA SER F 41 -29.11 -13.46 3.36
C SER F 41 -30.06 -14.12 4.36
N ASP F 42 -31.09 -14.81 3.88
CA ASP F 42 -32.06 -15.56 4.71
C ASP F 42 -31.37 -16.64 5.55
N LEU F 43 -30.27 -17.23 5.09
CA LEU F 43 -29.51 -18.31 5.78
C LEU F 43 -28.43 -17.77 6.71
N ASN F 44 -28.29 -16.46 6.85
CA ASN F 44 -27.30 -15.84 7.79
C ASN F 44 -27.90 -15.85 9.20
N ARG F 45 -27.97 -17.04 9.79
CA ARG F 45 -28.68 -17.41 11.06
C ARG F 45 -27.79 -18.30 11.92
N PRO F 46 -27.71 -18.09 13.24
N PRO F 46 -28.05 -18.30 13.24
CA PRO F 46 -26.87 -18.95 14.08
CA PRO F 46 -27.16 -18.94 14.21
C PRO F 46 -27.09 -20.48 13.96
C PRO F 46 -27.11 -20.45 13.96
N GLU F 47 -28.26 -20.98 13.55
CA GLU F 47 -28.47 -22.44 13.40
C GLU F 47 -27.92 -22.95 12.07
N ILE F 48 -27.41 -22.07 11.21
CA ILE F 48 -26.82 -22.49 9.90
C ILE F 48 -25.31 -22.31 10.04
N ARG F 49 -24.53 -23.35 9.74
CA ARG F 49 -23.06 -23.32 9.93
CA ARG F 49 -23.07 -23.28 9.92
C ARG F 49 -22.30 -23.42 8.60
N CYS F 50 -22.93 -23.93 7.54
CA CYS F 50 -22.18 -24.16 6.26
C CYS F 50 -23.20 -24.14 5.13
N ILE F 51 -22.79 -23.55 4.01
CA ILE F 51 -23.65 -23.44 2.81
C ILE F 51 -23.02 -24.29 1.72
N ILE F 52 -23.84 -24.99 0.95
CA ILE F 52 -23.44 -25.61 -0.32
C ILE F 52 -24.24 -24.96 -1.45
N LEU F 53 -23.56 -24.53 -2.51
CA LEU F 53 -24.13 -24.06 -3.79
C LEU F 53 -24.02 -25.21 -4.80
N ARG F 54 -25.11 -25.59 -5.42
CA ARG F 54 -25.11 -26.67 -6.42
C ARG F 54 -26.07 -26.35 -7.55
N ALA F 55 -25.83 -26.96 -8.70
CA ALA F 55 -26.86 -27.15 -9.75
C ALA F 55 -27.64 -28.44 -9.43
N PRO F 56 -28.85 -28.62 -10.02
CA PRO F 56 -29.57 -29.87 -9.87
C PRO F 56 -28.72 -31.08 -10.28
N SER F 57 -28.92 -32.19 -9.59
CA SER F 57 -28.37 -33.51 -9.97
C SER F 57 -28.58 -33.75 -11.48
N GLY F 58 -27.56 -34.25 -12.16
CA GLY F 58 -27.58 -34.57 -13.60
C GLY F 58 -27.37 -33.36 -14.51
N SER F 59 -27.11 -32.16 -14.00
CA SER F 59 -26.99 -30.96 -14.86
C SER F 59 -25.84 -31.16 -15.82
N LYS F 60 -26.07 -30.92 -17.11
CA LYS F 60 -24.96 -30.84 -18.10
C LYS F 60 -24.20 -29.54 -17.88
N VAL F 61 -24.94 -28.46 -17.64
CA VAL F 61 -24.36 -27.09 -17.47
C VAL F 61 -24.61 -26.69 -16.01
N PHE F 62 -23.55 -26.49 -15.25
CA PHE F 62 -23.63 -25.91 -13.88
C PHE F 62 -24.17 -24.49 -13.99
N SER F 63 -23.52 -23.65 -14.79
CA SER F 63 -23.94 -22.28 -15.12
C SER F 63 -23.25 -21.86 -16.42
N ALA F 64 -24.02 -21.23 -17.32
CA ALA F 64 -23.57 -20.67 -18.60
C ALA F 64 -22.95 -19.31 -18.36
N GLY F 65 -22.84 -18.87 -17.11
CA GLY F 65 -22.13 -17.60 -16.83
C GLY F 65 -23.03 -16.38 -16.99
N HIS F 66 -22.45 -15.22 -17.24
CA HIS F 66 -23.19 -13.95 -17.35
C HIS F 66 -24.24 -14.08 -18.46
N ASP F 67 -25.40 -13.50 -18.23
CA ASP F 67 -26.47 -13.45 -19.26
C ASP F 67 -26.01 -12.40 -20.28
N ILE F 68 -25.61 -12.88 -21.45
CA ILE F 68 -24.98 -12.05 -22.51
C ILE F 68 -26.02 -11.02 -22.99
N HIS F 69 -27.31 -11.35 -22.95
CA HIS F 69 -28.43 -10.40 -23.26
C HIS F 69 -28.37 -9.18 -22.33
N GLU F 70 -27.83 -9.31 -21.12
CA GLU F 70 -27.89 -8.26 -20.10
C GLU F 70 -26.62 -7.40 -20.11
N LEU F 71 -25.57 -7.76 -20.88
CA LEU F 71 -24.38 -6.89 -21.05
C LEU F 71 -24.80 -5.61 -21.77
N PRO F 72 -24.41 -4.40 -21.31
CA PRO F 72 -24.67 -3.19 -22.08
C PRO F 72 -23.94 -3.17 -23.43
N SER F 73 -24.57 -2.62 -24.46
CA SER F 73 -24.26 -2.80 -25.92
C SER F 73 -22.89 -2.20 -26.30
N GLY F 74 -22.44 -1.16 -25.58
CA GLY F 74 -21.20 -0.45 -25.92
C GLY F 74 -21.21 0.96 -25.37
N GLY F 75 -20.04 1.44 -24.97
CA GLY F 75 -19.89 2.78 -24.35
C GLY F 75 -20.19 2.76 -22.87
N ARG F 76 -20.64 1.61 -22.33
CA ARG F 76 -20.97 1.39 -20.90
C ARG F 76 -20.08 0.26 -20.33
N ASP F 77 -19.54 0.47 -19.13
CA ASP F 77 -18.77 -0.58 -18.40
C ASP F 77 -19.70 -1.76 -18.14
N PRO F 78 -19.38 -2.97 -18.61
CA PRO F 78 -20.24 -4.13 -18.34
C PRO F 78 -20.07 -4.78 -16.96
N LEU F 79 -19.05 -4.39 -16.20
CA LEU F 79 -18.72 -5.05 -14.91
C LEU F 79 -18.50 -3.97 -13.86
N SER F 80 -19.47 -3.09 -13.76
CA SER F 80 -19.53 -2.00 -12.76
C SER F 80 -19.81 -2.60 -11.38
N TYR F 81 -19.53 -1.83 -10.33
CA TYR F 81 -19.56 -2.30 -8.95
C TYR F 81 -20.88 -2.95 -8.59
N ASP F 82 -22.02 -2.43 -9.07
CA ASP F 82 -23.33 -2.95 -8.65
C ASP F 82 -23.88 -3.91 -9.72
N ASP F 83 -23.10 -4.39 -10.69
CA ASP F 83 -23.48 -5.49 -11.62
CA ASP F 83 -23.63 -5.43 -11.60
C ASP F 83 -23.80 -6.71 -10.77
N PRO F 84 -24.77 -7.56 -11.13
CA PRO F 84 -25.09 -8.74 -10.31
C PRO F 84 -23.94 -9.70 -10.00
N LEU F 85 -23.07 -9.97 -10.97
CA LEU F 85 -21.89 -10.84 -10.71
C LEU F 85 -20.98 -10.19 -9.66
N ARG F 86 -20.77 -8.89 -9.76
CA ARG F 86 -19.88 -8.15 -8.80
C ARG F 86 -20.51 -8.22 -7.42
N GLN F 87 -21.84 -8.11 -7.33
CA GLN F 87 -22.54 -8.14 -6.05
C GLN F 87 -22.37 -9.52 -5.41
N ILE F 88 -22.63 -10.59 -6.15
CA ILE F 88 -22.72 -11.96 -5.59
CA ILE F 88 -22.74 -11.92 -5.50
C ILE F 88 -21.33 -12.39 -5.08
N THR F 89 -20.30 -12.08 -5.84
CA THR F 89 -18.89 -12.42 -5.40
C THR F 89 -18.57 -11.68 -4.11
N ARG F 90 -18.90 -10.39 -3.96
CA ARG F 90 -18.66 -9.69 -2.69
C ARG F 90 -19.46 -10.40 -1.59
N MET F 91 -20.71 -10.75 -1.86
CA MET F 91 -21.56 -11.28 -0.79
C MET F 91 -21.05 -12.66 -0.35
N ILE F 92 -20.61 -13.49 -1.29
CA ILE F 92 -20.01 -14.83 -0.97
C ILE F 92 -18.78 -14.63 -0.08
N GLN F 93 -17.94 -13.65 -0.42
CA GLN F 93 -16.65 -13.47 0.24
C GLN F 93 -16.83 -12.91 1.65
N LYS F 94 -17.81 -12.04 1.84
CA LYS F 94 -18.09 -11.38 3.14
C LYS F 94 -19.00 -12.27 3.99
N PHE F 95 -19.55 -13.34 3.43
CA PHE F 95 -20.52 -14.19 4.19
C PHE F 95 -19.83 -14.89 5.34
N PRO F 96 -20.32 -14.78 6.61
CA PRO F 96 -19.56 -15.29 7.77
C PRO F 96 -19.57 -16.80 7.96
N LYS F 97 -20.10 -17.57 7.01
CA LYS F 97 -20.17 -19.05 7.03
C LYS F 97 -19.41 -19.56 5.81
N PRO F 98 -18.80 -20.75 5.87
CA PRO F 98 -18.15 -21.32 4.69
C PRO F 98 -19.21 -21.57 3.62
N ILE F 99 -18.86 -21.26 2.40
CA ILE F 99 -19.68 -21.56 1.20
C ILE F 99 -18.87 -22.50 0.33
N ILE F 100 -19.45 -23.68 0.07
CA ILE F 100 -18.77 -24.72 -0.72
C ILE F 100 -19.50 -24.80 -2.05
N SER F 101 -18.78 -24.68 -3.15
CA SER F 101 -19.35 -24.83 -4.51
C SER F 101 -19.24 -26.32 -4.83
N MET F 102 -20.38 -26.97 -5.04
CA MET F 102 -20.43 -28.40 -5.37
C MET F 102 -20.82 -28.53 -6.85
N VAL F 103 -19.87 -28.86 -7.71
CA VAL F 103 -19.98 -28.61 -9.16
C VAL F 103 -20.19 -29.93 -9.90
N GLU F 104 -21.33 -30.01 -10.56
CA GLU F 104 -21.63 -30.98 -11.63
C GLU F 104 -21.90 -30.20 -12.90
N GLY F 105 -21.28 -30.60 -13.99
CA GLY F 105 -21.52 -29.99 -15.31
C GLY F 105 -20.47 -28.94 -15.64
N SER F 106 -20.68 -28.23 -16.72
CA SER F 106 -19.75 -27.22 -17.26
C SER F 106 -19.95 -25.87 -16.57
N VAL F 107 -18.83 -25.20 -16.32
CA VAL F 107 -18.79 -23.87 -15.69
C VAL F 107 -18.19 -22.82 -16.62
N TRP F 108 -18.86 -21.71 -16.85
CA TRP F 108 -18.44 -20.68 -17.85
C TRP F 108 -18.32 -19.29 -17.27
N GLY F 109 -17.19 -18.65 -17.55
CA GLY F 109 -17.00 -17.18 -17.42
C GLY F 109 -17.33 -16.70 -16.01
N GLY F 110 -18.29 -15.80 -15.89
CA GLY F 110 -18.68 -15.27 -14.59
C GLY F 110 -19.01 -16.35 -13.60
N ALA F 111 -19.57 -17.49 -14.02
CA ALA F 111 -19.90 -18.58 -13.07
C ALA F 111 -18.58 -19.19 -12.56
N PHE F 112 -17.52 -19.18 -13.35
CA PHE F 112 -16.20 -19.67 -12.92
C PHE F 112 -15.66 -18.67 -11.88
N GLU F 113 -15.80 -17.36 -12.14
CA GLU F 113 -15.36 -16.36 -11.11
C GLU F 113 -16.18 -16.56 -9.82
N MET F 114 -17.47 -16.85 -9.96
CA MET F 114 -18.35 -17.05 -8.79
C MET F 114 -17.88 -18.23 -7.94
N ILE F 115 -17.63 -19.42 -8.51
CA ILE F 115 -17.17 -20.55 -7.68
C ILE F 115 -15.78 -20.26 -7.13
N MET F 116 -14.90 -19.57 -7.88
CA MET F 116 -13.56 -19.20 -7.36
C MET F 116 -13.68 -18.29 -6.11
N SER F 117 -14.67 -17.42 -6.06
CA SER F 117 -14.91 -16.50 -4.92
C SER F 117 -15.42 -17.28 -3.70
N SER F 118 -15.97 -18.49 -3.87
CA SER F 118 -16.38 -19.36 -2.75
C SER F 118 -15.16 -19.99 -2.02
N ASP F 119 -15.41 -20.62 -0.87
CA ASP F 119 -14.36 -21.02 0.08
C ASP F 119 -13.73 -22.33 -0.37
N LEU F 120 -14.54 -23.28 -0.84
CA LEU F 120 -14.00 -24.60 -1.26
C LEU F 120 -14.74 -25.01 -2.53
N ILE F 121 -14.10 -25.76 -3.41
CA ILE F 121 -14.79 -26.29 -4.62
C ILE F 121 -14.60 -27.80 -4.64
N ILE F 122 -15.71 -28.53 -4.68
CA ILE F 122 -15.76 -30.02 -4.77
CA ILE F 122 -15.66 -30.00 -4.84
C ILE F 122 -16.44 -30.31 -6.12
N ALA F 123 -15.84 -31.08 -7.02
CA ALA F 123 -16.40 -31.19 -8.37
C ALA F 123 -16.50 -32.64 -8.80
N ALA F 124 -17.44 -32.92 -9.68
CA ALA F 124 -17.53 -34.24 -10.35
C ALA F 124 -16.34 -34.43 -11.33
N SER F 125 -15.90 -35.67 -11.50
CA SER F 125 -14.80 -36.05 -12.42
C SER F 125 -15.10 -35.59 -13.85
N THR F 126 -16.36 -35.34 -14.21
CA THR F 126 -16.80 -34.97 -15.59
C THR F 126 -17.05 -33.49 -15.74
N SER F 127 -16.88 -32.70 -14.68
CA SER F 127 -17.04 -31.23 -14.73
CA SER F 127 -17.07 -31.23 -14.76
C SER F 127 -15.94 -30.58 -15.57
N THR F 128 -16.23 -29.43 -16.14
CA THR F 128 -15.24 -28.66 -16.97
C THR F 128 -15.42 -27.17 -16.70
N PHE F 129 -14.36 -26.41 -16.94
CA PHE F 129 -14.22 -25.02 -16.45
C PHE F 129 -13.58 -24.19 -17.57
N SER F 130 -14.20 -23.07 -17.94
N SER F 130 -14.20 -23.06 -17.91
CA SER F 130 -13.60 -22.10 -18.89
CA SER F 130 -13.76 -22.10 -18.95
C SER F 130 -13.84 -20.68 -18.39
C SER F 130 -13.87 -20.66 -18.40
N MET F 131 -12.86 -19.83 -18.66
CA MET F 131 -12.96 -18.38 -18.40
C MET F 131 -12.95 -17.72 -19.77
N THR F 132 -14.03 -16.99 -20.12
CA THR F 132 -14.40 -16.67 -21.52
C THR F 132 -14.36 -15.21 -21.94
N PRO F 133 -13.86 -14.18 -21.19
CA PRO F 133 -14.00 -12.82 -21.70
C PRO F 133 -13.37 -12.56 -23.09
N VAL F 134 -12.28 -13.25 -23.42
CA VAL F 134 -11.60 -12.99 -24.71
C VAL F 134 -12.40 -13.59 -25.88
N ASN F 135 -13.42 -14.40 -25.62
CA ASN F 135 -14.35 -14.88 -26.67
C ASN F 135 -15.26 -13.75 -27.14
N LEU F 136 -15.54 -12.79 -26.26
CA LEU F 136 -16.57 -11.75 -26.45
C LEU F 136 -15.92 -10.37 -26.58
N GLY F 137 -14.65 -10.22 -26.23
CA GLY F 137 -14.02 -8.89 -26.24
C GLY F 137 -14.28 -8.12 -24.96
N VAL F 138 -14.69 -8.78 -23.89
CA VAL F 138 -15.02 -8.11 -22.59
C VAL F 138 -13.78 -7.67 -21.85
N PRO F 139 -13.68 -6.39 -21.40
CA PRO F 139 -12.59 -5.98 -20.54
C PRO F 139 -12.94 -6.34 -19.08
N TYR F 140 -12.57 -7.54 -18.66
CA TYR F 140 -12.82 -8.01 -17.29
C TYR F 140 -12.25 -6.98 -16.31
N ASN F 141 -12.89 -6.80 -15.16
CA ASN F 141 -12.46 -5.77 -14.18
C ASN F 141 -11.39 -6.31 -13.25
N LEU F 142 -10.64 -5.42 -12.61
N LEU F 142 -10.67 -5.40 -12.61
CA LEU F 142 -9.51 -5.77 -11.72
CA LEU F 142 -9.54 -5.65 -11.72
C LEU F 142 -9.97 -6.68 -10.58
C LEU F 142 -9.94 -6.62 -10.57
N VAL F 143 -11.05 -6.33 -9.89
CA VAL F 143 -11.51 -7.16 -8.73
C VAL F 143 -11.76 -8.58 -9.26
N GLY F 144 -12.47 -8.65 -10.37
CA GLY F 144 -12.85 -9.93 -11.02
C GLY F 144 -11.63 -10.77 -11.32
N ILE F 145 -10.64 -10.18 -11.97
CA ILE F 145 -9.39 -10.88 -12.32
C ILE F 145 -8.67 -11.31 -11.03
N HIS F 146 -8.56 -10.42 -10.04
CA HIS F 146 -7.91 -10.70 -8.75
CA HIS F 146 -7.89 -10.70 -8.75
C HIS F 146 -8.52 -11.96 -8.14
N ASN F 147 -9.83 -12.12 -8.25
CA ASN F 147 -10.56 -13.30 -7.70
C ASN F 147 -10.15 -14.61 -8.39
N LEU F 148 -9.52 -14.55 -9.57
CA LEU F 148 -9.04 -15.74 -10.30
C LEU F 148 -7.58 -16.04 -10.00
N THR F 149 -6.90 -15.28 -9.14
CA THR F 149 -5.43 -15.40 -8.99
C THR F 149 -4.99 -16.00 -7.66
N ARG F 150 -5.89 -16.46 -6.79
CA ARG F 150 -5.47 -16.85 -5.41
C ARG F 150 -5.27 -18.36 -5.27
N ASP F 151 -5.41 -19.13 -6.36
CA ASP F 151 -5.39 -20.63 -6.31
C ASP F 151 -4.32 -21.19 -7.24
N ALA F 152 -4.44 -21.00 -8.55
CA ALA F 152 -3.43 -21.40 -9.54
C ALA F 152 -2.45 -20.25 -9.75
N GLY F 153 -1.28 -20.57 -10.28
CA GLY F 153 -0.29 -19.52 -10.60
C GLY F 153 -0.62 -18.68 -11.84
N PHE F 154 0.14 -17.60 -12.03
CA PHE F 154 -0.05 -16.63 -13.15
C PHE F 154 0.00 -17.32 -14.50
N HIS F 155 0.99 -18.17 -14.77
CA HIS F 155 1.11 -18.76 -16.13
C HIS F 155 -0.17 -19.54 -16.38
N ILE F 156 -0.66 -20.23 -15.39
CA ILE F 156 -1.87 -21.11 -15.53
CA ILE F 156 -1.87 -21.10 -15.56
C ILE F 156 -3.09 -20.23 -15.76
N VAL F 157 -3.25 -19.16 -15.00
CA VAL F 157 -4.41 -18.27 -15.14
C VAL F 157 -4.34 -17.63 -16.53
N LYS F 158 -3.16 -17.17 -16.97
CA LYS F 158 -3.04 -16.56 -18.32
C LYS F 158 -3.39 -17.56 -19.42
N GLU F 159 -3.00 -18.82 -19.29
CA GLU F 159 -3.46 -19.84 -20.27
C GLU F 159 -5.00 -19.91 -20.27
N LEU F 160 -5.62 -20.05 -19.11
CA LEU F 160 -7.07 -20.23 -19.02
C LEU F 160 -7.77 -19.05 -19.70
N ILE F 161 -7.30 -17.84 -19.41
CA ILE F 161 -7.97 -16.63 -19.93
C ILE F 161 -7.59 -16.39 -21.39
N PHE F 162 -6.31 -16.52 -21.77
CA PHE F 162 -5.93 -16.13 -23.16
C PHE F 162 -6.48 -17.16 -24.17
N THR F 163 -6.61 -18.40 -23.79
CA THR F 163 -7.15 -19.45 -24.70
C THR F 163 -8.67 -19.53 -24.60
N ALA F 164 -9.26 -19.20 -23.47
CA ALA F 164 -10.68 -19.47 -23.16
C ALA F 164 -11.01 -20.95 -23.37
N SER F 165 -10.03 -21.85 -23.29
CA SER F 165 -10.31 -23.29 -23.54
C SER F 165 -10.73 -23.92 -22.22
N PRO F 166 -11.62 -24.92 -22.27
CA PRO F 166 -12.02 -25.62 -21.07
C PRO F 166 -10.87 -26.45 -20.50
N ILE F 167 -10.84 -26.56 -19.18
CA ILE F 167 -9.98 -27.56 -18.52
C ILE F 167 -10.88 -28.59 -17.83
N THR F 168 -10.32 -29.77 -17.68
CA THR F 168 -10.98 -30.89 -16.98
C THR F 168 -10.90 -30.64 -15.48
N ALA F 169 -11.74 -31.33 -14.73
CA ALA F 169 -11.68 -31.42 -13.27
C ALA F 169 -10.33 -31.92 -12.81
N GLN F 170 -9.73 -32.88 -13.52
CA GLN F 170 -8.43 -33.45 -13.11
C GLN F 170 -7.36 -32.37 -13.23
N ARG F 171 -7.36 -31.62 -14.31
CA ARG F 171 -6.31 -30.58 -14.42
CA ARG F 171 -6.37 -30.52 -14.49
C ARG F 171 -6.62 -29.46 -13.42
N ALA F 172 -7.88 -29.12 -13.22
CA ALA F 172 -8.21 -28.03 -12.27
C ALA F 172 -7.76 -28.45 -10.86
N LEU F 173 -7.85 -29.74 -10.51
CA LEU F 173 -7.33 -30.24 -9.20
C LEU F 173 -5.81 -30.04 -9.17
N ALA F 174 -5.14 -30.46 -10.24
CA ALA F 174 -3.66 -30.50 -10.33
C ALA F 174 -3.09 -29.08 -10.14
N VAL F 175 -3.76 -28.07 -10.70
CA VAL F 175 -3.18 -26.70 -10.71
C VAL F 175 -3.62 -25.93 -9.46
N GLY F 176 -4.48 -26.48 -8.60
CA GLY F 176 -4.88 -25.87 -7.30
C GLY F 176 -6.21 -25.12 -7.30
N ILE F 177 -7.00 -25.17 -8.38
CA ILE F 177 -8.36 -24.57 -8.50
C ILE F 177 -9.32 -25.33 -7.59
N LEU F 178 -9.31 -26.66 -7.63
CA LEU F 178 -10.30 -27.48 -6.88
C LEU F 178 -9.69 -28.04 -5.60
N ASN F 179 -10.56 -28.32 -4.65
CA ASN F 179 -10.22 -29.07 -3.41
C ASN F 179 -10.19 -30.58 -3.68
N HIS F 180 -11.27 -31.08 -4.24
CA HIS F 180 -11.51 -32.53 -4.43
C HIS F 180 -12.23 -32.74 -5.75
N VAL F 181 -11.91 -33.87 -6.37
CA VAL F 181 -12.66 -34.37 -7.53
C VAL F 181 -13.19 -35.74 -7.13
N VAL F 182 -14.47 -36.01 -7.35
CA VAL F 182 -15.05 -37.33 -6.97
C VAL F 182 -15.94 -37.78 -8.12
N GLU F 183 -16.19 -39.08 -8.19
CA GLU F 183 -17.20 -39.61 -9.13
C GLU F 183 -18.52 -38.90 -8.86
N VAL F 184 -19.31 -38.66 -9.90
CA VAL F 184 -20.57 -37.89 -9.76
C VAL F 184 -21.53 -38.59 -8.78
N GLU F 185 -21.55 -39.92 -8.73
CA GLU F 185 -22.44 -40.69 -7.82
C GLU F 185 -22.08 -40.45 -6.34
N GLU F 186 -20.85 -40.02 -6.07
CA GLU F 186 -20.33 -39.83 -4.69
C GLU F 186 -20.35 -38.34 -4.31
N LEU F 187 -20.64 -37.46 -5.25
CA LEU F 187 -20.42 -35.98 -5.10
C LEU F 187 -21.20 -35.44 -3.90
N GLU F 188 -22.51 -35.69 -3.87
CA GLU F 188 -23.42 -35.13 -2.85
C GLU F 188 -23.02 -35.66 -1.47
N ASP F 189 -22.82 -36.97 -1.32
CA ASP F 189 -22.50 -37.56 0.00
C ASP F 189 -21.14 -37.00 0.47
N PHE F 190 -20.16 -36.90 -0.42
CA PHE F 190 -18.81 -36.48 -0.02
C PHE F 190 -18.87 -35.03 0.47
N THR F 191 -19.59 -34.20 -0.28
CA THR F 191 -19.73 -32.73 0.01
C THR F 191 -20.52 -32.55 1.32
N LEU F 192 -21.62 -33.27 1.49
CA LEU F 192 -22.41 -33.17 2.74
C LEU F 192 -21.59 -33.59 3.95
N GLN F 193 -20.82 -34.66 3.86
CA GLN F 193 -20.02 -35.14 4.99
C GLN F 193 -19.05 -34.03 5.40
N MET F 194 -18.40 -33.39 4.44
CA MET F 194 -17.42 -32.34 4.79
C MET F 194 -18.16 -31.17 5.43
N ALA F 195 -19.28 -30.76 4.86
CA ALA F 195 -20.11 -29.63 5.34
C ALA F 195 -20.58 -29.93 6.78
N HIS F 196 -21.10 -31.14 7.05
CA HIS F 196 -21.51 -31.50 8.43
CA HIS F 196 -21.49 -31.53 8.44
C HIS F 196 -20.31 -31.47 9.39
N HIS F 197 -19.13 -31.90 8.93
CA HIS F 197 -17.92 -31.91 9.77
CA HIS F 197 -17.91 -31.90 9.74
C HIS F 197 -17.56 -30.47 10.14
N ILE F 198 -17.54 -29.59 9.16
CA ILE F 198 -17.26 -28.14 9.39
C ILE F 198 -18.26 -27.56 10.38
N SER F 199 -19.52 -28.00 10.31
CA SER F 199 -20.63 -27.50 11.12
C SER F 199 -20.47 -27.80 12.62
N GLU F 200 -19.50 -28.62 13.04
CA GLU F 200 -19.26 -28.89 14.47
C GLU F 200 -18.12 -28.02 14.99
N LYS F 201 -17.44 -27.30 14.10
CA LYS F 201 -16.31 -26.46 14.54
C LYS F 201 -16.80 -25.10 15.03
N ALA F 202 -15.88 -24.26 15.48
CA ALA F 202 -16.21 -22.98 16.14
C ALA F 202 -16.56 -21.92 15.11
N PRO F 203 -17.83 -21.50 15.01
CA PRO F 203 -18.26 -20.64 13.91
C PRO F 203 -17.65 -19.22 13.98
N LEU F 204 -17.41 -18.73 15.16
CA LEU F 204 -16.83 -17.37 15.32
C LEU F 204 -15.39 -17.40 14.85
N ALA F 205 -14.68 -18.48 15.12
CA ALA F 205 -13.28 -18.62 14.67
C ALA F 205 -13.29 -18.74 13.14
N ILE F 206 -14.16 -19.58 12.58
CA ILE F 206 -14.27 -19.66 11.10
C ILE F 206 -14.57 -18.28 10.51
N ALA F 207 -15.50 -17.49 11.06
CA ALA F 207 -15.92 -16.21 10.46
C ALA F 207 -14.73 -15.26 10.49
N VAL F 208 -14.08 -15.10 11.61
CA VAL F 208 -12.99 -14.09 11.67
C VAL F 208 -11.81 -14.54 10.79
N ILE F 209 -11.48 -15.83 10.72
CA ILE F 209 -10.37 -16.30 9.86
C ILE F 209 -10.75 -16.11 8.38
N LYS F 210 -12.00 -16.39 7.99
CA LYS F 210 -12.48 -16.16 6.62
C LYS F 210 -12.29 -14.67 6.26
N GLU F 211 -12.64 -13.79 7.21
CA GLU F 211 -12.57 -12.33 6.96
C GLU F 211 -11.09 -11.89 6.87
N GLU F 212 -10.24 -12.41 7.73
CA GLU F 212 -8.77 -12.18 7.67
C GLU F 212 -8.26 -12.58 6.29
N LEU F 213 -8.62 -13.76 5.81
CA LEU F 213 -8.16 -14.22 4.48
C LEU F 213 -8.70 -13.27 3.41
N ARG F 214 -9.96 -12.86 3.50
CA ARG F 214 -10.53 -11.96 2.49
C ARG F 214 -9.70 -10.67 2.44
N VAL F 215 -9.44 -10.08 3.59
CA VAL F 215 -8.75 -8.77 3.52
C VAL F 215 -7.28 -8.97 3.09
N LEU F 216 -6.62 -10.06 3.47
CA LEU F 216 -5.21 -10.33 3.05
C LEU F 216 -5.19 -10.55 1.54
N GLY F 217 -6.21 -11.23 1.05
CA GLY F 217 -6.40 -11.51 -0.39
C GLY F 217 -6.59 -10.24 -1.20
N GLU F 218 -7.28 -9.23 -0.67
CA GLU F 218 -7.57 -7.97 -1.36
C GLU F 218 -6.38 -7.00 -1.23
N ALA F 219 -5.43 -7.27 -0.34
CA ALA F 219 -4.43 -6.27 0.12
C ALA F 219 -3.26 -6.14 -0.87
N HIS F 220 -3.54 -6.18 -2.15
CA HIS F 220 -2.62 -5.77 -3.24
C HIS F 220 -3.02 -4.32 -3.59
N THR F 221 -2.24 -3.35 -3.17
CA THR F 221 -2.68 -1.96 -3.28
C THR F 221 -1.89 -1.23 -4.38
N MET F 222 -2.53 -0.18 -4.89
CA MET F 222 -1.96 0.61 -6.01
CA MET F 222 -2.05 0.58 -6.06
C MET F 222 -2.42 2.05 -5.83
N ASN F 223 -1.72 2.95 -6.51
CA ASN F 223 -2.09 4.38 -6.40
C ASN F 223 -3.25 4.68 -7.34
N SER F 224 -3.86 5.87 -7.19
CA SER F 224 -5.05 6.29 -7.95
C SER F 224 -4.74 6.33 -9.46
N ASP F 225 -3.57 6.80 -9.83
CA ASP F 225 -3.21 6.94 -11.24
C ASP F 225 -3.19 5.57 -11.91
N GLU F 226 -2.64 4.55 -11.26
CA GLU F 226 -2.58 3.21 -11.89
CA GLU F 226 -2.59 3.15 -11.78
C GLU F 226 -4.02 2.70 -12.07
N PHE F 227 -4.89 2.88 -11.08
CA PHE F 227 -6.32 2.45 -11.21
CA PHE F 227 -6.31 2.45 -11.21
C PHE F 227 -6.97 3.21 -12.38
N GLU F 228 -6.79 4.53 -12.44
CA GLU F 228 -7.48 5.31 -13.49
C GLU F 228 -6.91 5.01 -14.89
N ARG F 229 -5.64 4.60 -14.95
CA ARG F 229 -4.97 4.25 -16.24
C ARG F 229 -5.62 2.96 -16.71
N ILE F 230 -5.80 2.05 -15.77
CA ILE F 230 -6.48 0.76 -16.06
C ILE F 230 -7.90 1.03 -16.51
N GLN F 231 -8.63 1.89 -15.80
CA GLN F 231 -10.05 2.13 -16.17
C GLN F 231 -10.10 2.75 -17.58
N GLY F 232 -9.16 3.63 -17.92
CA GLY F 232 -9.11 4.20 -19.27
C GLY F 232 -8.91 3.12 -20.34
N MET F 233 -8.03 2.17 -20.06
CA MET F 233 -7.80 1.03 -20.97
CA MET F 233 -7.78 1.03 -20.98
C MET F 233 -9.08 0.22 -21.10
N ARG F 234 -9.75 -0.09 -19.97
CA ARG F 234 -11.01 -0.85 -19.97
C ARG F 234 -12.05 -0.13 -20.84
N ARG F 235 -12.18 1.19 -20.68
CA ARG F 235 -13.16 2.00 -21.44
C ARG F 235 -12.81 1.96 -22.95
N ALA F 236 -11.55 2.00 -23.33
CA ALA F 236 -11.17 1.85 -24.75
C ALA F 236 -11.67 0.49 -25.28
N VAL F 237 -11.63 -0.55 -24.42
CA VAL F 237 -12.14 -1.89 -24.85
C VAL F 237 -13.66 -1.82 -24.95
N TYR F 238 -14.38 -1.29 -23.96
CA TYR F 238 -15.87 -1.34 -24.05
C TYR F 238 -16.38 -0.31 -25.06
N ASP F 239 -15.55 0.63 -25.54
CA ASP F 239 -15.87 1.54 -26.68
C ASP F 239 -15.49 0.93 -28.04
N SER F 240 -14.77 -0.21 -28.08
CA SER F 240 -14.14 -0.80 -29.30
C SER F 240 -15.17 -1.36 -30.26
N GLU F 241 -14.82 -1.39 -31.54
CA GLU F 241 -15.59 -2.20 -32.53
C GLU F 241 -15.54 -3.68 -32.17
N ASP F 242 -14.39 -4.18 -31.68
CA ASP F 242 -14.28 -5.62 -31.31
C ASP F 242 -15.32 -5.97 -30.25
N TYR F 243 -15.59 -5.09 -29.27
CA TYR F 243 -16.56 -5.44 -28.21
C TYR F 243 -17.93 -5.66 -28.87
N GLN F 244 -18.33 -4.77 -29.76
CA GLN F 244 -19.66 -4.83 -30.46
CA GLN F 244 -19.69 -4.89 -30.38
C GLN F 244 -19.68 -6.11 -31.30
N GLU F 245 -18.61 -6.33 -32.06
CA GLU F 245 -18.47 -7.57 -32.88
C GLU F 245 -18.59 -8.78 -31.98
N GLY F 246 -17.91 -8.82 -30.81
CA GLY F 246 -18.00 -10.04 -29.98
C GLY F 246 -19.42 -10.33 -29.52
N MET F 247 -20.14 -9.30 -29.09
CA MET F 247 -21.54 -9.45 -28.64
C MET F 247 -22.42 -9.88 -29.82
N ASN F 248 -22.28 -9.21 -30.95
CA ASN F 248 -23.12 -9.49 -32.15
C ASN F 248 -22.85 -10.93 -32.61
N ALA F 249 -21.60 -11.37 -32.67
CA ALA F 249 -21.24 -12.76 -33.04
C ALA F 249 -21.95 -13.77 -32.14
N PHE F 250 -21.95 -13.55 -30.84
CA PHE F 250 -22.59 -14.50 -29.91
C PHE F 250 -24.08 -14.57 -30.24
N LEU F 251 -24.75 -13.41 -30.34
CA LEU F 251 -26.21 -13.30 -30.65
C LEU F 251 -26.49 -14.03 -31.97
N GLU F 252 -25.73 -13.73 -33.05
CA GLU F 252 -25.94 -14.25 -34.43
C GLU F 252 -25.37 -15.67 -34.58
N LYS F 253 -24.82 -16.24 -33.51
CA LYS F 253 -24.32 -17.63 -33.50
C LYS F 253 -23.25 -17.86 -34.59
N ARG F 254 -22.26 -16.97 -34.71
CA ARG F 254 -21.15 -17.09 -35.69
C ARG F 254 -19.79 -16.85 -34.99
N LYS F 255 -18.71 -17.18 -35.67
CA LYS F 255 -17.33 -16.93 -35.16
C LYS F 255 -17.05 -15.45 -35.26
N PRO F 256 -16.63 -14.74 -34.19
CA PRO F 256 -16.27 -13.33 -34.32
C PRO F 256 -15.05 -13.11 -35.19
N ASN F 257 -14.96 -11.92 -35.77
CA ASN F 257 -13.77 -11.46 -36.53
C ASN F 257 -13.17 -10.25 -35.81
N PHE F 258 -12.24 -10.47 -34.89
CA PHE F 258 -11.60 -9.38 -34.13
C PHE F 258 -10.49 -8.75 -34.97
N VAL F 259 -10.33 -7.43 -34.92
CA VAL F 259 -9.38 -6.65 -35.77
C VAL F 259 -8.47 -5.77 -34.91
N GLY F 260 -8.66 -5.67 -33.58
CA GLY F 260 -7.77 -4.85 -32.73
C GLY F 260 -8.16 -3.38 -32.65
N HIS F 261 -9.41 -3.01 -32.96
CA HIS F 261 -9.94 -1.66 -32.63
C HIS F 261 -11.42 -1.78 -32.29
#